data_2EQS
#
_entry.id   2EQS
#
_entity_poly.entity_id   1
_entity_poly.type   'polypeptide(L)'
_entity_poly.pdbx_seq_one_letter_code
;GSSGSSGEEPTIGDIYNGKVTSIMQFGCFVQLEGLRKRWEGLVHISELRREGRVANVADVVSKGQRVKVKVLSFTGTKTS
LSMKDVDQETGEDLNPNRRRNLV
;
_entity_poly.pdbx_strand_id   A
#
# COMPACT_ATOMS: atom_id res chain seq x y z
N GLY A 1 23.80 -11.31 17.02
CA GLY A 1 24.36 -12.35 16.19
C GLY A 1 24.14 -12.09 14.70
N SER A 2 24.85 -12.83 13.87
CA SER A 2 24.73 -12.67 12.42
C SER A 2 23.58 -13.51 11.88
N SER A 3 22.42 -12.88 11.70
CA SER A 3 21.24 -13.56 11.20
C SER A 3 20.22 -12.56 10.66
N GLY A 4 19.69 -12.85 9.48
CA GLY A 4 18.70 -11.96 8.89
C GLY A 4 17.38 -12.65 8.64
N SER A 5 17.04 -12.86 7.37
CA SER A 5 15.78 -13.50 7.01
C SER A 5 14.59 -12.72 7.55
N SER A 6 14.65 -11.40 7.43
CA SER A 6 13.58 -10.54 7.91
C SER A 6 12.24 -10.98 7.35
N GLY A 7 11.20 -10.96 8.19
CA GLY A 7 9.88 -11.36 7.74
C GLY A 7 8.78 -10.69 8.55
N GLU A 8 8.93 -10.71 9.88
CA GLU A 8 7.94 -10.10 10.75
C GLU A 8 7.56 -8.71 10.28
N GLU A 9 8.57 -7.93 9.87
CA GLU A 9 8.35 -6.58 9.39
C GLU A 9 8.41 -6.52 7.87
N PRO A 10 7.63 -5.61 7.27
CA PRO A 10 7.58 -5.44 5.82
C PRO A 10 8.87 -4.83 5.27
N THR A 11 9.14 -5.08 3.99
CA THR A 11 10.34 -4.56 3.35
C THR A 11 10.00 -3.38 2.43
N ILE A 12 10.75 -2.28 2.59
CA ILE A 12 10.53 -1.10 1.78
C ILE A 12 10.84 -1.37 0.31
N GLY A 13 9.98 -0.88 -0.58
CA GLY A 13 10.18 -1.08 -1.99
C GLY A 13 9.52 -2.34 -2.51
N ASP A 14 9.26 -3.29 -1.61
CA ASP A 14 8.63 -4.55 -1.97
C ASP A 14 7.12 -4.40 -2.03
N ILE A 15 6.47 -5.29 -2.78
CA ILE A 15 5.01 -5.25 -2.92
C ILE A 15 4.36 -6.36 -2.10
N TYR A 16 3.21 -6.05 -1.52
CA TYR A 16 2.47 -7.03 -0.71
C TYR A 16 0.97 -6.94 -0.98
N ASN A 17 0.25 -7.98 -0.61
CA ASN A 17 -1.19 -8.04 -0.80
C ASN A 17 -1.93 -7.53 0.43
N GLY A 18 -3.03 -6.81 0.21
CA GLY A 18 -3.80 -6.27 1.31
C GLY A 18 -5.28 -6.20 0.98
N LYS A 19 -6.06 -5.65 1.92
CA LYS A 19 -7.50 -5.52 1.73
C LYS A 19 -8.03 -4.30 2.47
N VAL A 20 -8.98 -3.61 1.86
CA VAL A 20 -9.58 -2.42 2.47
C VAL A 20 -10.48 -2.80 3.64
N THR A 21 -10.22 -2.19 4.79
CA THR A 21 -11.00 -2.47 6.00
C THR A 21 -11.92 -1.31 6.33
N SER A 22 -11.47 -0.09 6.02
CA SER A 22 -12.25 1.10 6.30
C SER A 22 -12.01 2.17 5.22
N ILE A 23 -13.09 2.61 4.59
CA ILE A 23 -13.00 3.62 3.55
C ILE A 23 -13.25 5.02 4.11
N MET A 24 -12.18 5.81 4.22
CA MET A 24 -12.29 7.17 4.75
C MET A 24 -12.57 8.16 3.62
N GLN A 25 -13.24 9.25 3.95
CA GLN A 25 -13.57 10.28 2.97
C GLN A 25 -12.32 10.72 2.21
N PHE A 26 -11.16 10.56 2.85
CA PHE A 26 -9.90 10.96 2.25
C PHE A 26 -9.22 9.76 1.59
N GLY A 27 -8.88 8.76 2.40
CA GLY A 27 -8.24 7.57 1.88
C GLY A 27 -8.92 6.29 2.32
N CYS A 28 -8.19 5.18 2.28
CA CYS A 28 -8.74 3.89 2.67
C CYS A 28 -7.68 3.05 3.37
N PHE A 29 -8.06 2.44 4.49
CA PHE A 29 -7.14 1.60 5.26
C PHE A 29 -7.04 0.21 4.65
N VAL A 30 -5.81 -0.20 4.34
CA VAL A 30 -5.56 -1.51 3.74
C VAL A 30 -4.70 -2.37 4.66
N GLN A 31 -5.24 -3.53 5.03
CA GLN A 31 -4.52 -4.46 5.91
C GLN A 31 -3.67 -5.42 5.09
N LEU A 32 -2.39 -5.51 5.45
CA LEU A 32 -1.47 -6.40 4.76
C LEU A 32 -1.70 -7.85 5.16
N GLU A 33 -1.41 -8.77 4.24
CA GLU A 33 -1.59 -10.19 4.50
C GLU A 33 -0.27 -10.93 4.41
N GLY A 34 -0.23 -12.16 4.93
CA GLY A 34 0.99 -12.96 4.90
C GLY A 34 1.86 -12.71 6.11
N LEU A 35 2.47 -11.52 6.17
CA LEU A 35 3.35 -11.17 7.27
C LEU A 35 2.77 -11.64 8.60
N ARG A 36 3.64 -12.07 9.50
CA ARG A 36 3.21 -12.54 10.81
C ARG A 36 2.64 -11.40 11.65
N LYS A 37 3.38 -10.30 11.71
CA LYS A 37 2.95 -9.13 12.47
C LYS A 37 1.88 -8.35 11.72
N ARG A 38 0.64 -8.49 12.15
CA ARG A 38 -0.47 -7.81 11.52
C ARG A 38 -0.17 -6.32 11.34
N TRP A 39 -0.07 -5.89 10.09
CA TRP A 39 0.23 -4.49 9.79
C TRP A 39 -0.93 -3.84 9.04
N GLU A 40 -1.37 -2.68 9.51
CA GLU A 40 -2.47 -1.96 8.88
C GLU A 40 -2.02 -0.56 8.44
N GLY A 41 -2.05 -0.32 7.14
CA GLY A 41 -1.64 0.97 6.61
C GLY A 41 -2.81 1.74 6.03
N LEU A 42 -2.56 2.99 5.64
CA LEU A 42 -3.60 3.84 5.05
C LEU A 42 -3.14 4.40 3.71
N VAL A 43 -4.07 4.48 2.76
CA VAL A 43 -3.77 5.01 1.43
C VAL A 43 -4.45 6.36 1.22
N HIS A 44 -3.63 7.41 1.17
CA HIS A 44 -4.16 8.76 0.96
C HIS A 44 -4.83 8.88 -0.39
N ILE A 45 -5.66 9.90 -0.55
CA ILE A 45 -6.37 10.13 -1.81
C ILE A 45 -5.39 10.33 -2.96
N SER A 46 -4.14 10.67 -2.63
CA SER A 46 -3.12 10.88 -3.63
C SER A 46 -2.51 9.56 -4.09
N GLU A 47 -2.77 8.51 -3.32
CA GLU A 47 -2.24 7.18 -3.64
C GLU A 47 -3.34 6.28 -4.19
N LEU A 48 -4.17 6.85 -5.06
CA LEU A 48 -5.26 6.10 -5.67
C LEU A 48 -5.27 6.27 -7.19
N ARG A 49 -5.22 7.52 -7.62
CA ARG A 49 -5.22 7.84 -9.05
C ARG A 49 -3.99 8.67 -9.43
N ARG A 50 -3.80 8.87 -10.73
CA ARG A 50 -2.67 9.65 -11.22
C ARG A 50 -2.90 11.14 -11.00
N GLU A 51 -1.81 11.90 -11.00
CA GLU A 51 -1.90 13.35 -10.80
C GLU A 51 -3.11 13.93 -11.51
N GLY A 52 -4.21 14.08 -10.76
CA GLY A 52 -5.43 14.62 -11.34
C GLY A 52 -6.42 15.04 -10.28
N ARG A 53 -7.71 14.85 -10.56
CA ARG A 53 -8.77 15.22 -9.63
C ARG A 53 -9.56 13.99 -9.20
N VAL A 54 -9.49 13.66 -7.92
CA VAL A 54 -10.20 12.51 -7.38
C VAL A 54 -11.49 12.93 -6.69
N ALA A 55 -12.60 12.29 -7.05
CA ALA A 55 -13.90 12.60 -6.46
C ALA A 55 -13.99 12.08 -5.03
N ASN A 56 -14.07 10.76 -4.89
CA ASN A 56 -14.17 10.13 -3.58
C ASN A 56 -13.55 8.73 -3.60
N VAL A 57 -13.12 8.27 -2.44
CA VAL A 57 -12.52 6.95 -2.32
C VAL A 57 -13.57 5.85 -2.40
N ALA A 58 -14.78 6.17 -1.93
CA ALA A 58 -15.88 5.22 -1.95
C ALA A 58 -15.85 4.37 -3.22
N ASP A 59 -15.95 5.04 -4.36
CA ASP A 59 -15.95 4.36 -5.65
C ASP A 59 -14.57 3.79 -5.96
N VAL A 60 -13.53 4.45 -5.43
CA VAL A 60 -12.16 4.02 -5.65
C VAL A 60 -11.94 2.61 -5.09
N VAL A 61 -12.46 2.36 -3.90
CA VAL A 61 -12.31 1.06 -3.26
C VAL A 61 -13.56 0.70 -2.45
N SER A 62 -13.75 -0.60 -2.23
CA SER A 62 -14.92 -1.07 -1.48
C SER A 62 -14.49 -1.63 -0.13
N LYS A 63 -15.47 -1.94 0.71
CA LYS A 63 -15.21 -2.48 2.04
C LYS A 63 -14.96 -3.99 1.96
N GLY A 64 -13.80 -4.41 2.45
CA GLY A 64 -13.47 -5.83 2.44
C GLY A 64 -13.05 -6.31 1.06
N GLN A 65 -12.54 -5.39 0.24
CA GLN A 65 -12.11 -5.73 -1.11
C GLN A 65 -10.61 -5.96 -1.16
N ARG A 66 -10.20 -7.03 -1.83
CA ARG A 66 -8.78 -7.36 -1.95
C ARG A 66 -8.08 -6.42 -2.92
N VAL A 67 -6.95 -5.85 -2.47
CA VAL A 67 -6.19 -4.93 -3.30
C VAL A 67 -4.69 -5.16 -3.13
N LYS A 68 -3.92 -4.71 -4.10
CA LYS A 68 -2.47 -4.86 -4.07
C LYS A 68 -1.79 -3.52 -3.79
N VAL A 69 -0.92 -3.50 -2.78
CA VAL A 69 -0.21 -2.28 -2.41
C VAL A 69 1.28 -2.56 -2.24
N LYS A 70 2.07 -1.49 -2.12
CA LYS A 70 3.51 -1.62 -1.94
C LYS A 70 3.97 -0.89 -0.68
N VAL A 71 4.97 -1.46 -0.01
CA VAL A 71 5.50 -0.87 1.20
C VAL A 71 6.39 0.33 0.90
N LEU A 72 5.86 1.53 1.12
CA LEU A 72 6.61 2.76 0.87
C LEU A 72 7.71 2.95 1.91
N SER A 73 7.31 3.06 3.17
CA SER A 73 8.26 3.25 4.26
C SER A 73 7.69 2.73 5.58
N PHE A 74 8.55 2.17 6.42
CA PHE A 74 8.12 1.64 7.71
C PHE A 74 8.94 2.26 8.84
N THR A 75 8.24 2.80 9.83
CA THR A 75 8.89 3.43 10.98
C THR A 75 8.05 3.29 12.24
N GLY A 76 8.54 2.50 13.18
CA GLY A 76 7.82 2.28 14.42
C GLY A 76 6.39 1.84 14.20
N THR A 77 5.44 2.65 14.66
CA THR A 77 4.03 2.33 14.51
C THR A 77 3.42 3.07 13.32
N LYS A 78 4.19 3.18 12.24
CA LYS A 78 3.74 3.87 11.04
C LYS A 78 4.10 3.07 9.79
N THR A 79 3.07 2.56 9.11
CA THR A 79 3.28 1.78 7.89
C THR A 79 2.56 2.40 6.70
N SER A 80 3.33 2.87 5.73
CA SER A 80 2.77 3.49 4.54
C SER A 80 2.55 2.46 3.44
N LEU A 81 1.58 2.73 2.57
CA LEU A 81 1.26 1.82 1.47
C LEU A 81 0.76 2.59 0.25
N SER A 82 1.13 2.13 -0.93
CA SER A 82 0.71 2.78 -2.17
C SER A 82 -0.11 1.82 -3.04
N MET A 83 -1.13 2.35 -3.69
CA MET A 83 -1.99 1.55 -4.55
C MET A 83 -1.70 1.83 -6.02
N LYS A 84 -1.79 3.10 -6.40
CA LYS A 84 -1.53 3.52 -7.78
C LYS A 84 -0.20 2.98 -8.26
N ASP A 85 0.77 2.87 -7.36
CA ASP A 85 2.09 2.37 -7.70
C ASP A 85 2.03 0.90 -8.07
N VAL A 86 1.15 0.16 -7.42
CA VAL A 86 0.98 -1.26 -7.69
C VAL A 86 -0.23 -1.53 -8.57
N ASP A 87 0.03 -1.88 -9.82
CA ASP A 87 -1.04 -2.16 -10.77
C ASP A 87 -2.08 -3.09 -10.17
N GLN A 88 -3.34 -2.70 -10.27
CA GLN A 88 -4.44 -3.51 -9.73
C GLN A 88 -4.85 -4.61 -10.70
N GLU A 89 -3.85 -5.22 -11.34
CA GLU A 89 -4.11 -6.28 -12.30
C GLU A 89 -3.20 -7.48 -12.04
N THR A 90 -1.89 -7.26 -12.12
CA THR A 90 -0.93 -8.32 -11.89
C THR A 90 -0.03 -8.00 -10.69
N GLY A 91 -0.10 -6.76 -10.23
CA GLY A 91 0.70 -6.35 -9.08
C GLY A 91 2.12 -5.97 -9.47
N GLU A 92 2.28 -5.48 -10.69
CA GLU A 92 3.59 -5.08 -11.19
C GLU A 92 4.02 -3.75 -10.58
N ASP A 93 5.33 -3.52 -10.53
CA ASP A 93 5.87 -2.29 -9.98
C ASP A 93 5.77 -1.15 -10.99
N LEU A 94 4.83 -0.24 -10.78
CA LEU A 94 4.64 0.90 -11.67
C LEU A 94 5.48 2.10 -11.22
N ASN A 95 6.64 1.81 -10.64
CA ASN A 95 7.53 2.86 -10.17
C ASN A 95 8.91 2.72 -10.81
N PRO A 96 9.04 3.21 -12.05
CA PRO A 96 10.29 3.16 -12.80
C PRO A 96 11.36 4.09 -12.21
N ASN A 97 10.91 5.25 -11.71
CA ASN A 97 11.82 6.23 -11.13
C ASN A 97 11.20 6.89 -9.90
N ARG A 98 12.01 7.09 -8.87
CA ARG A 98 11.52 7.72 -7.64
C ARG A 98 12.70 8.18 -6.77
N ARG A 99 12.48 9.24 -6.01
CA ARG A 99 13.52 9.77 -5.14
C ARG A 99 12.96 10.05 -3.74
N ARG A 100 13.77 9.76 -2.72
CA ARG A 100 13.36 9.97 -1.34
C ARG A 100 12.72 11.35 -1.16
N ASN A 101 12.03 11.54 -0.04
CA ASN A 101 11.37 12.81 0.24
C ASN A 101 12.03 13.51 1.42
N LEU A 102 12.18 12.79 2.52
CA LEU A 102 12.80 13.35 3.72
C LEU A 102 13.49 12.25 4.54
N VAL A 103 14.54 12.63 5.25
CA VAL A 103 15.29 11.68 6.08
C VAL A 103 15.47 12.22 7.50
N GLY A 1 20.92 -5.80 0.50
CA GLY A 1 19.79 -6.33 1.24
C GLY A 1 20.16 -7.53 2.08
N SER A 2 21.06 -7.33 3.03
CA SER A 2 21.50 -8.42 3.91
C SER A 2 20.93 -8.25 5.31
N SER A 3 20.00 -9.12 5.67
CA SER A 3 19.37 -9.07 6.99
C SER A 3 19.34 -10.46 7.63
N GLY A 4 18.82 -11.43 6.90
CA GLY A 4 18.74 -12.78 7.40
C GLY A 4 17.35 -13.38 7.25
N SER A 5 17.06 -14.39 8.07
CA SER A 5 15.75 -15.05 8.02
C SER A 5 14.81 -14.47 9.06
N SER A 6 14.11 -13.40 8.69
CA SER A 6 13.17 -12.75 9.60
C SER A 6 11.94 -12.24 8.84
N GLY A 7 10.79 -12.83 9.13
CA GLY A 7 9.57 -12.42 8.47
C GLY A 7 8.57 -11.80 9.43
N GLU A 8 9.05 -10.90 10.28
CA GLU A 8 8.18 -10.24 11.25
C GLU A 8 7.79 -8.85 10.77
N GLU A 9 8.75 -8.12 10.21
CA GLU A 9 8.49 -6.78 9.72
C GLU A 9 8.60 -6.74 8.19
N PRO A 10 7.82 -5.84 7.57
CA PRO A 10 7.81 -5.67 6.11
C PRO A 10 9.10 -5.06 5.59
N THR A 11 9.26 -5.09 4.27
CA THR A 11 10.45 -4.53 3.64
C THR A 11 10.10 -3.37 2.71
N ILE A 12 10.84 -2.28 2.82
CA ILE A 12 10.60 -1.11 1.98
C ILE A 12 10.96 -1.39 0.53
N GLY A 13 10.10 -0.95 -0.38
CA GLY A 13 10.35 -1.16 -1.79
C GLY A 13 9.73 -2.45 -2.31
N ASP A 14 9.36 -3.32 -1.39
CA ASP A 14 8.75 -4.60 -1.76
C ASP A 14 7.24 -4.47 -1.87
N ILE A 15 6.63 -5.41 -2.58
CA ILE A 15 5.18 -5.39 -2.78
C ILE A 15 4.50 -6.44 -1.91
N TYR A 16 3.25 -6.19 -1.55
CA TYR A 16 2.49 -7.11 -0.71
C TYR A 16 0.99 -7.02 -1.03
N ASN A 17 0.24 -8.03 -0.58
CA ASN A 17 -1.20 -8.06 -0.81
C ASN A 17 -1.95 -7.51 0.40
N GLY A 18 -3.00 -6.74 0.14
CA GLY A 18 -3.79 -6.17 1.21
C GLY A 18 -5.26 -6.08 0.87
N LYS A 19 -6.08 -5.73 1.86
CA LYS A 19 -7.51 -5.61 1.65
C LYS A 19 -8.07 -4.38 2.37
N VAL A 20 -8.96 -3.66 1.71
CA VAL A 20 -9.56 -2.46 2.30
C VAL A 20 -10.50 -2.82 3.45
N THR A 21 -10.16 -2.36 4.64
CA THR A 21 -10.96 -2.64 5.83
C THR A 21 -11.94 -1.51 6.10
N SER A 22 -11.53 -0.28 5.76
CA SER A 22 -12.37 0.89 5.97
C SER A 22 -12.04 1.98 4.96
N ILE A 23 -13.07 2.64 4.46
CA ILE A 23 -12.89 3.72 3.48
C ILE A 23 -13.18 5.07 4.10
N MET A 24 -12.17 5.93 4.15
CA MET A 24 -12.32 7.26 4.71
C MET A 24 -12.49 8.30 3.61
N GLN A 25 -13.16 9.41 3.95
CA GLN A 25 -13.39 10.47 2.98
C GLN A 25 -12.08 10.95 2.38
N PHE A 26 -10.97 10.60 3.01
CA PHE A 26 -9.65 11.00 2.53
C PHE A 26 -8.93 9.81 1.89
N GLY A 27 -8.65 8.79 2.70
CA GLY A 27 -7.96 7.61 2.20
C GLY A 27 -8.66 6.33 2.58
N CYS A 28 -8.05 5.19 2.25
CA CYS A 28 -8.62 3.89 2.56
C CYS A 28 -7.62 3.03 3.34
N PHE A 29 -8.10 2.40 4.40
CA PHE A 29 -7.25 1.55 5.22
C PHE A 29 -7.08 0.17 4.59
N VAL A 30 -5.83 -0.23 4.37
CA VAL A 30 -5.54 -1.52 3.77
C VAL A 30 -4.74 -2.40 4.73
N GLN A 31 -5.26 -3.61 4.97
CA GLN A 31 -4.60 -4.56 5.87
C GLN A 31 -3.76 -5.55 5.09
N LEU A 32 -2.46 -5.58 5.39
CA LEU A 32 -1.55 -6.50 4.71
C LEU A 32 -1.82 -7.94 5.13
N GLU A 33 -1.53 -8.88 4.23
CA GLU A 33 -1.74 -10.29 4.50
C GLU A 33 -0.45 -11.08 4.32
N GLY A 34 -0.28 -12.14 5.12
CA GLY A 34 0.90 -12.96 5.03
C GLY A 34 1.83 -12.76 6.22
N LEU A 35 2.51 -11.63 6.25
CA LEU A 35 3.43 -11.32 7.33
C LEU A 35 2.91 -11.85 8.67
N ARG A 36 3.83 -12.28 9.53
CA ARG A 36 3.46 -12.82 10.83
C ARG A 36 2.74 -11.77 11.68
N LYS A 37 3.30 -10.57 11.70
CA LYS A 37 2.72 -9.47 12.46
C LYS A 37 1.80 -8.63 11.60
N ARG A 38 0.50 -8.82 11.76
CA ARG A 38 -0.49 -8.07 10.98
C ARG A 38 -0.22 -6.57 11.05
N TRP A 39 -0.23 -5.92 9.90
CA TRP A 39 0.02 -4.49 9.82
C TRP A 39 -1.18 -3.77 9.20
N GLU A 40 -1.27 -2.47 9.46
CA GLU A 40 -2.36 -1.65 8.93
C GLU A 40 -1.84 -0.32 8.41
N GLY A 41 -2.01 -0.09 7.10
CA GLY A 41 -1.55 1.15 6.51
C GLY A 41 -2.68 1.94 5.88
N LEU A 42 -2.48 3.24 5.73
CA LEU A 42 -3.49 4.12 5.14
C LEU A 42 -3.02 4.64 3.78
N VAL A 43 -3.95 4.70 2.83
CA VAL A 43 -3.64 5.19 1.49
C VAL A 43 -4.34 6.52 1.23
N HIS A 44 -3.54 7.56 1.01
CA HIS A 44 -4.08 8.90 0.74
C HIS A 44 -4.94 8.88 -0.52
N ILE A 45 -5.67 9.98 -0.74
CA ILE A 45 -6.53 10.10 -1.91
C ILE A 45 -5.71 10.22 -3.18
N SER A 46 -4.46 10.66 -3.05
CA SER A 46 -3.58 10.82 -4.20
C SER A 46 -2.94 9.49 -4.59
N GLU A 47 -2.95 8.54 -3.65
CA GLU A 47 -2.38 7.23 -3.90
C GLU A 47 -3.46 6.19 -4.14
N LEU A 48 -4.36 6.50 -5.07
CA LEU A 48 -5.46 5.60 -5.41
C LEU A 48 -5.56 5.41 -6.92
N ARG A 49 -5.93 6.47 -7.63
CA ARG A 49 -6.06 6.42 -9.08
C ARG A 49 -5.16 7.46 -9.75
N ARG A 50 -4.91 7.26 -11.04
CA ARG A 50 -4.06 8.18 -11.79
C ARG A 50 -4.33 9.62 -11.39
N GLU A 51 -3.25 10.39 -11.24
CA GLU A 51 -3.37 11.80 -10.87
C GLU A 51 -4.47 12.48 -11.65
N GLY A 52 -5.63 12.65 -11.03
CA GLY A 52 -6.75 13.29 -11.69
C GLY A 52 -7.56 14.17 -10.75
N ARG A 53 -8.87 14.03 -10.78
CA ARG A 53 -9.76 14.81 -9.93
C ARG A 53 -10.56 13.92 -9.00
N VAL A 54 -9.89 13.29 -8.04
CA VAL A 54 -10.54 12.40 -7.09
C VAL A 54 -10.89 13.15 -5.80
N ALA A 55 -12.10 12.91 -5.30
CA ALA A 55 -12.55 13.55 -4.07
C ALA A 55 -12.92 12.51 -3.02
N ASN A 56 -13.85 11.63 -3.36
CA ASN A 56 -14.29 10.59 -2.44
C ASN A 56 -13.57 9.26 -2.72
N VAL A 57 -13.52 8.40 -1.73
CA VAL A 57 -12.86 7.11 -1.86
C VAL A 57 -13.89 5.97 -1.92
N ALA A 58 -15.12 6.28 -1.51
CA ALA A 58 -16.19 5.29 -1.51
C ALA A 58 -16.28 4.57 -2.86
N ASP A 59 -16.58 5.35 -3.90
CA ASP A 59 -16.69 4.79 -5.25
C ASP A 59 -15.34 4.30 -5.75
N VAL A 60 -14.27 4.76 -5.11
CA VAL A 60 -12.91 4.38 -5.50
C VAL A 60 -12.60 2.95 -5.06
N VAL A 61 -12.92 2.64 -3.80
CA VAL A 61 -12.68 1.31 -3.26
C VAL A 61 -13.85 0.84 -2.42
N SER A 62 -14.01 -0.48 -2.32
CA SER A 62 -15.10 -1.06 -1.54
C SER A 62 -14.59 -1.65 -0.24
N LYS A 63 -15.50 -1.91 0.69
CA LYS A 63 -15.14 -2.48 1.99
C LYS A 63 -15.00 -4.00 1.90
N GLY A 64 -13.81 -4.49 2.20
CA GLY A 64 -13.57 -5.92 2.15
C GLY A 64 -13.13 -6.39 0.78
N GLN A 65 -12.59 -5.47 -0.01
CA GLN A 65 -12.13 -5.80 -1.35
C GLN A 65 -10.62 -6.04 -1.38
N ARG A 66 -10.21 -7.13 -2.02
CA ARG A 66 -8.81 -7.48 -2.11
C ARG A 66 -8.08 -6.56 -3.09
N VAL A 67 -7.02 -5.91 -2.63
CA VAL A 67 -6.24 -5.01 -3.46
C VAL A 67 -4.74 -5.21 -3.25
N LYS A 68 -3.94 -4.68 -4.17
CA LYS A 68 -2.50 -4.80 -4.08
C LYS A 68 -1.86 -3.46 -3.69
N VAL A 69 -0.92 -3.51 -2.76
CA VAL A 69 -0.23 -2.31 -2.30
C VAL A 69 1.26 -2.56 -2.11
N LYS A 70 2.04 -1.49 -2.09
CA LYS A 70 3.48 -1.59 -1.91
C LYS A 70 3.94 -0.77 -0.70
N VAL A 71 4.95 -1.27 0.00
CA VAL A 71 5.49 -0.58 1.17
C VAL A 71 6.43 0.54 0.75
N LEU A 72 6.00 1.78 1.01
CA LEU A 72 6.80 2.95 0.66
C LEU A 72 7.83 3.25 1.75
N SER A 73 7.41 3.11 3.00
CA SER A 73 8.29 3.36 4.14
C SER A 73 7.67 2.85 5.44
N PHE A 74 8.52 2.46 6.38
CA PHE A 74 8.05 1.95 7.67
C PHE A 74 8.92 2.47 8.80
N THR A 75 8.29 3.14 9.77
CA THR A 75 9.00 3.69 10.91
C THR A 75 8.17 3.59 12.19
N GLY A 76 8.66 2.82 13.15
CA GLY A 76 7.95 2.66 14.41
C GLY A 76 6.56 2.08 14.21
N THR A 77 5.55 2.83 14.62
CA THR A 77 4.17 2.39 14.50
C THR A 77 3.48 3.06 13.30
N LYS A 78 4.20 3.14 12.19
CA LYS A 78 3.66 3.76 10.98
C LYS A 78 4.06 2.97 9.74
N THR A 79 3.07 2.56 8.96
CA THR A 79 3.32 1.80 7.74
C THR A 79 2.58 2.40 6.54
N SER A 80 3.34 2.96 5.61
CA SER A 80 2.76 3.58 4.42
C SER A 80 2.57 2.54 3.32
N LEU A 81 1.54 2.74 2.50
CA LEU A 81 1.26 1.83 1.39
C LEU A 81 0.77 2.59 0.16
N SER A 82 1.11 2.08 -1.01
CA SER A 82 0.71 2.72 -2.26
C SER A 82 -0.17 1.78 -3.09
N MET A 83 -1.28 2.31 -3.59
CA MET A 83 -2.20 1.51 -4.40
C MET A 83 -1.91 1.70 -5.89
N LYS A 84 -1.35 2.84 -6.24
CA LYS A 84 -1.02 3.14 -7.64
C LYS A 84 0.26 2.43 -8.04
N ASP A 85 1.36 2.79 -7.39
CA ASP A 85 2.66 2.19 -7.69
C ASP A 85 2.50 0.72 -8.07
N VAL A 86 1.59 0.04 -7.39
CA VAL A 86 1.34 -1.38 -7.65
C VAL A 86 0.18 -1.56 -8.63
N ASP A 87 0.51 -1.92 -9.87
CA ASP A 87 -0.51 -2.13 -10.89
C ASP A 87 -1.59 -3.10 -10.41
N GLN A 88 -2.85 -2.75 -10.65
CA GLN A 88 -3.96 -3.59 -10.24
C GLN A 88 -4.25 -4.66 -11.28
N GLU A 89 -3.20 -5.13 -11.94
CA GLU A 89 -3.34 -6.16 -12.97
C GLU A 89 -2.57 -7.42 -12.59
N THR A 90 -1.27 -7.26 -12.39
CA THR A 90 -0.41 -8.38 -12.02
C THR A 90 0.31 -8.12 -10.71
N GLY A 91 0.52 -6.84 -10.41
CA GLY A 91 1.20 -6.48 -9.18
C GLY A 91 2.70 -6.27 -9.38
N GLU A 92 3.07 -5.77 -10.55
CA GLU A 92 4.47 -5.53 -10.87
C GLU A 92 5.04 -4.42 -10.00
N ASP A 93 6.36 -4.30 -9.98
CA ASP A 93 7.04 -3.28 -9.18
C ASP A 93 7.30 -2.03 -10.02
N LEU A 94 6.41 -1.05 -9.90
CA LEU A 94 6.54 0.20 -10.64
C LEU A 94 7.38 1.21 -9.87
N ASN A 95 8.44 0.73 -9.23
CA ASN A 95 9.32 1.59 -8.45
C ASN A 95 10.66 1.77 -9.16
N PRO A 96 10.67 2.62 -10.20
CA PRO A 96 11.88 2.90 -10.98
C PRO A 96 12.90 3.71 -10.19
N ASN A 97 12.44 4.74 -9.50
CA ASN A 97 13.32 5.60 -8.71
C ASN A 97 12.76 5.78 -7.30
N ARG A 98 11.43 5.87 -7.20
CA ARG A 98 10.78 6.04 -5.91
C ARG A 98 11.54 5.31 -4.81
N ARG A 99 12.23 6.07 -3.97
CA ARG A 99 13.01 5.50 -2.87
C ARG A 99 13.26 6.54 -1.78
N ARG A 100 13.57 6.06 -0.58
CA ARG A 100 13.83 6.95 0.55
C ARG A 100 14.99 6.42 1.40
N ASN A 101 15.76 7.34 1.97
CA ASN A 101 16.90 6.98 2.80
C ASN A 101 16.45 6.26 4.07
N LEU A 102 17.03 5.10 4.33
CA LEU A 102 16.68 4.32 5.51
C LEU A 102 17.29 4.94 6.76
N VAL A 103 18.61 5.14 6.73
CA VAL A 103 19.32 5.73 7.86
C VAL A 103 18.69 7.05 8.28
N GLY A 1 17.00 -21.40 6.44
CA GLY A 1 16.00 -21.73 7.44
C GLY A 1 14.88 -20.71 7.50
N SER A 2 14.06 -20.69 6.46
CA SER A 2 12.94 -19.74 6.39
C SER A 2 11.61 -20.46 6.57
N SER A 3 11.16 -20.56 7.82
CA SER A 3 9.92 -21.22 8.14
C SER A 3 8.73 -20.45 7.57
N GLY A 4 8.19 -20.94 6.45
CA GLY A 4 7.05 -20.28 5.83
C GLY A 4 7.32 -18.82 5.54
N SER A 5 6.33 -17.97 5.79
CA SER A 5 6.47 -16.54 5.54
C SER A 5 7.77 -16.01 6.14
N SER A 6 7.99 -16.30 7.41
CA SER A 6 9.20 -15.85 8.10
C SER A 6 9.45 -14.36 7.84
N GLY A 7 8.37 -13.58 7.87
CA GLY A 7 8.49 -12.15 7.64
C GLY A 7 7.78 -11.32 8.69
N GLU A 8 8.45 -11.09 9.81
CA GLU A 8 7.87 -10.31 10.91
C GLU A 8 7.58 -8.89 10.46
N GLU A 9 8.55 -8.27 9.80
CA GLU A 9 8.40 -6.90 9.32
C GLU A 9 8.55 -6.83 7.80
N PRO A 10 7.77 -5.95 7.18
CA PRO A 10 7.79 -5.76 5.71
C PRO A 10 9.08 -5.11 5.24
N THR A 11 9.34 -5.21 3.93
CA THR A 11 10.54 -4.62 3.35
C THR A 11 10.20 -3.46 2.45
N ILE A 12 10.85 -2.31 2.68
CA ILE A 12 10.62 -1.12 1.89
C ILE A 12 10.98 -1.35 0.42
N GLY A 13 10.06 -0.98 -0.47
CA GLY A 13 10.31 -1.16 -1.89
C GLY A 13 9.61 -2.39 -2.45
N ASP A 14 9.30 -3.34 -1.59
CA ASP A 14 8.64 -4.56 -2.00
C ASP A 14 7.12 -4.39 -1.99
N ILE A 15 6.44 -5.14 -2.85
CA ILE A 15 4.99 -5.06 -2.94
C ILE A 15 4.33 -6.22 -2.21
N TYR A 16 3.42 -5.90 -1.30
CA TYR A 16 2.71 -6.92 -0.54
C TYR A 16 1.21 -6.89 -0.83
N ASN A 17 0.51 -7.94 -0.42
CA ASN A 17 -0.92 -8.03 -0.64
C ASN A 17 -1.70 -7.49 0.56
N GLY A 18 -2.76 -6.74 0.29
CA GLY A 18 -3.56 -6.18 1.35
C GLY A 18 -5.04 -6.11 1.00
N LYS A 19 -5.86 -5.68 1.95
CA LYS A 19 -7.29 -5.57 1.73
C LYS A 19 -7.85 -4.34 2.43
N VAL A 20 -8.86 -3.72 1.82
CA VAL A 20 -9.48 -2.53 2.40
C VAL A 20 -10.38 -2.90 3.58
N THR A 21 -9.98 -2.48 4.77
CA THR A 21 -10.75 -2.75 5.97
C THR A 21 -11.73 -1.62 6.28
N SER A 22 -11.30 -0.39 6.01
CA SER A 22 -12.13 0.78 6.26
C SER A 22 -11.83 1.88 5.26
N ILE A 23 -12.86 2.34 4.56
CA ILE A 23 -12.71 3.40 3.57
C ILE A 23 -12.95 4.77 4.19
N MET A 24 -12.04 5.71 3.91
CA MET A 24 -12.14 7.06 4.44
C MET A 24 -12.23 8.08 3.31
N GLN A 25 -13.00 9.14 3.53
CA GLN A 25 -13.16 10.19 2.53
C GLN A 25 -11.81 10.62 1.97
N PHE A 26 -10.77 10.54 2.79
CA PHE A 26 -9.42 10.92 2.38
C PHE A 26 -8.69 9.73 1.77
N GLY A 27 -8.52 8.67 2.56
CA GLY A 27 -7.84 7.49 2.08
C GLY A 27 -8.55 6.21 2.46
N CYS A 28 -7.87 5.08 2.31
CA CYS A 28 -8.45 3.78 2.63
C CYS A 28 -7.47 2.94 3.44
N PHE A 29 -7.98 2.32 4.51
CA PHE A 29 -7.14 1.48 5.37
C PHE A 29 -6.93 0.11 4.74
N VAL A 30 -5.68 -0.18 4.39
CA VAL A 30 -5.34 -1.46 3.79
C VAL A 30 -4.52 -2.33 4.74
N GLN A 31 -5.00 -3.54 4.99
CA GLN A 31 -4.32 -4.46 5.89
C GLN A 31 -3.56 -5.53 5.10
N LEU A 32 -2.27 -5.66 5.36
CA LEU A 32 -1.43 -6.63 4.68
C LEU A 32 -1.81 -8.05 5.11
N GLU A 33 -1.77 -8.99 4.15
CA GLU A 33 -2.10 -10.38 4.43
C GLU A 33 -0.88 -11.28 4.25
N GLY A 34 -0.62 -12.12 5.25
CA GLY A 34 0.52 -13.02 5.18
C GLY A 34 1.53 -12.75 6.28
N LEU A 35 2.05 -11.53 6.32
CA LEU A 35 3.04 -11.15 7.33
C LEU A 35 2.60 -11.61 8.71
N ARG A 36 3.55 -12.11 9.49
CA ARG A 36 3.26 -12.58 10.84
C ARG A 36 2.57 -11.50 11.66
N LYS A 37 3.15 -10.31 11.67
CA LYS A 37 2.60 -9.18 12.40
C LYS A 37 1.61 -8.40 11.54
N ARG A 38 0.33 -8.48 11.89
CA ARG A 38 -0.71 -7.78 11.15
C ARG A 38 -0.44 -6.28 11.10
N TRP A 39 -0.26 -5.75 9.90
CA TRP A 39 0.01 -4.33 9.72
C TRP A 39 -1.18 -3.63 9.08
N GLU A 40 -1.22 -2.30 9.21
CA GLU A 40 -2.30 -1.51 8.64
C GLU A 40 -1.81 -0.12 8.26
N GLY A 41 -1.88 0.20 6.96
CA GLY A 41 -1.44 1.49 6.49
C GLY A 41 -2.58 2.31 5.91
N LEU A 42 -2.35 3.61 5.74
CA LEU A 42 -3.36 4.50 5.20
C LEU A 42 -2.97 4.96 3.78
N VAL A 43 -3.90 4.81 2.85
CA VAL A 43 -3.67 5.21 1.47
C VAL A 43 -4.39 6.51 1.14
N HIS A 44 -3.64 7.61 1.10
CA HIS A 44 -4.21 8.91 0.79
C HIS A 44 -4.99 8.87 -0.52
N ILE A 45 -5.82 9.88 -0.73
CA ILE A 45 -6.63 9.96 -1.95
C ILE A 45 -5.74 9.98 -3.19
N SER A 46 -4.53 10.52 -3.04
CA SER A 46 -3.59 10.61 -4.15
C SER A 46 -3.05 9.23 -4.51
N GLU A 47 -2.93 8.37 -3.51
CA GLU A 47 -2.42 7.02 -3.72
C GLU A 47 -3.54 6.07 -4.13
N LEU A 48 -4.36 6.52 -5.08
CA LEU A 48 -5.48 5.71 -5.57
C LEU A 48 -5.53 5.73 -7.09
N ARG A 49 -5.86 6.89 -7.65
CA ARG A 49 -5.96 7.05 -9.10
C ARG A 49 -4.74 7.80 -9.64
N ARG A 50 -3.95 7.10 -10.44
CA ARG A 50 -2.75 7.69 -11.03
C ARG A 50 -3.12 8.71 -12.10
N GLU A 51 -4.15 8.39 -12.88
CA GLU A 51 -4.60 9.28 -13.95
C GLU A 51 -6.11 9.51 -13.87
N GLY A 52 -6.50 10.69 -13.44
CA GLY A 52 -7.91 11.01 -13.33
C GLY A 52 -8.21 11.88 -12.13
N ARG A 53 -9.36 12.56 -12.16
CA ARG A 53 -9.76 13.44 -11.06
C ARG A 53 -10.66 12.70 -10.08
N VAL A 54 -10.21 12.61 -8.83
CA VAL A 54 -10.96 11.92 -7.79
C VAL A 54 -11.30 12.87 -6.65
N ALA A 55 -12.54 12.80 -6.17
CA ALA A 55 -12.99 13.65 -5.07
C ALA A 55 -13.20 12.83 -3.80
N ASN A 56 -13.63 11.59 -3.95
CA ASN A 56 -13.87 10.72 -2.82
C ASN A 56 -13.15 9.38 -2.99
N VAL A 57 -13.26 8.52 -1.99
CA VAL A 57 -12.61 7.21 -2.03
C VAL A 57 -13.64 6.09 -1.99
N ALA A 58 -14.78 6.35 -1.37
CA ALA A 58 -15.84 5.36 -1.26
C ALA A 58 -16.00 4.59 -2.56
N ASP A 59 -16.35 5.31 -3.63
CA ASP A 59 -16.53 4.68 -4.94
C ASP A 59 -15.21 4.16 -5.48
N VAL A 60 -14.11 4.74 -5.02
CA VAL A 60 -12.78 4.33 -5.47
C VAL A 60 -12.44 2.93 -4.95
N VAL A 61 -12.84 2.65 -3.71
CA VAL A 61 -12.58 1.35 -3.11
C VAL A 61 -13.74 0.91 -2.22
N SER A 62 -14.02 -0.39 -2.21
CA SER A 62 -15.12 -0.93 -1.42
C SER A 62 -14.59 -1.57 -0.15
N LYS A 63 -15.49 -1.95 0.74
CA LYS A 63 -15.13 -2.58 2.00
C LYS A 63 -14.96 -4.09 1.83
N GLY A 64 -13.81 -4.61 2.26
CA GLY A 64 -13.54 -6.03 2.15
C GLY A 64 -13.11 -6.42 0.75
N GLN A 65 -12.50 -5.48 0.03
CA GLN A 65 -12.04 -5.74 -1.32
C GLN A 65 -10.53 -5.97 -1.35
N ARG A 66 -10.11 -7.09 -1.92
CA ARG A 66 -8.70 -7.43 -2.02
C ARG A 66 -7.97 -6.48 -2.96
N VAL A 67 -6.79 -6.02 -2.54
CA VAL A 67 -6.00 -5.11 -3.36
C VAL A 67 -4.51 -5.28 -3.07
N LYS A 68 -3.68 -4.74 -3.96
CA LYS A 68 -2.23 -4.82 -3.79
C LYS A 68 -1.64 -3.45 -3.49
N VAL A 69 -0.69 -3.42 -2.54
CA VAL A 69 -0.04 -2.18 -2.15
C VAL A 69 1.46 -2.37 -1.98
N LYS A 70 2.21 -1.28 -2.10
CA LYS A 70 3.66 -1.33 -1.95
C LYS A 70 4.10 -0.59 -0.69
N VAL A 71 5.06 -1.17 0.03
CA VAL A 71 5.57 -0.55 1.25
C VAL A 71 6.52 0.60 0.93
N LEU A 72 6.01 1.82 1.01
CA LEU A 72 6.80 3.01 0.74
C LEU A 72 7.86 3.23 1.83
N SER A 73 7.40 3.20 3.09
CA SER A 73 8.30 3.41 4.22
C SER A 73 7.69 2.85 5.50
N PHE A 74 8.46 2.03 6.21
CA PHE A 74 7.99 1.44 7.45
C PHE A 74 8.71 2.03 8.66
N THR A 75 7.95 2.66 9.55
CA THR A 75 8.52 3.28 10.74
C THR A 75 7.59 3.11 11.94
N GLY A 76 8.02 2.27 12.88
CA GLY A 76 7.21 2.04 14.08
C GLY A 76 5.81 1.59 13.74
N THR A 77 4.83 2.16 14.45
CA THR A 77 3.43 1.82 14.22
C THR A 77 2.90 2.46 12.94
N LYS A 78 3.69 3.36 12.37
CA LYS A 78 3.31 4.04 11.15
C LYS A 78 3.84 3.32 9.92
N THR A 79 2.94 2.94 9.01
CA THR A 79 3.33 2.23 7.80
C THR A 79 2.62 2.81 6.58
N SER A 80 3.40 3.20 5.58
CA SER A 80 2.84 3.77 4.36
C SER A 80 2.51 2.67 3.34
N LEU A 81 1.53 2.94 2.48
CA LEU A 81 1.13 1.97 1.46
C LEU A 81 0.61 2.69 0.22
N SER A 82 1.10 2.26 -0.94
CA SER A 82 0.67 2.86 -2.20
C SER A 82 -0.15 1.87 -3.03
N MET A 83 -1.24 2.35 -3.61
CA MET A 83 -2.10 1.51 -4.43
C MET A 83 -1.91 1.81 -5.92
N LYS A 84 -1.83 3.09 -6.25
CA LYS A 84 -1.64 3.51 -7.63
C LYS A 84 -0.26 3.10 -8.15
N ASP A 85 0.70 3.00 -7.22
CA ASP A 85 2.06 2.61 -7.58
C ASP A 85 2.21 1.10 -7.58
N VAL A 86 1.08 0.39 -7.60
CA VAL A 86 1.09 -1.07 -7.59
C VAL A 86 0.13 -1.62 -8.63
N ASP A 87 0.60 -2.56 -9.45
CA ASP A 87 -0.22 -3.17 -10.48
C ASP A 87 -1.08 -4.29 -9.90
N GLN A 88 -2.39 -4.20 -10.13
CA GLN A 88 -3.32 -5.21 -9.62
C GLN A 88 -3.34 -6.43 -10.53
N GLU A 89 -2.42 -6.47 -11.49
CA GLU A 89 -2.34 -7.59 -12.42
C GLU A 89 -1.26 -8.58 -12.01
N THR A 90 -0.06 -8.06 -11.74
CA THR A 90 1.06 -8.89 -11.34
C THR A 90 1.67 -8.41 -10.02
N GLY A 91 1.43 -7.13 -9.71
CA GLY A 91 1.96 -6.57 -8.49
C GLY A 91 3.37 -6.03 -8.65
N GLU A 92 3.68 -5.58 -9.86
CA GLU A 92 5.01 -5.05 -10.15
C GLU A 92 5.19 -3.67 -9.53
N ASP A 93 6.39 -3.11 -9.67
CA ASP A 93 6.69 -1.79 -9.12
C ASP A 93 6.50 -0.71 -10.18
N LEU A 94 5.33 -0.09 -10.16
CA LEU A 94 5.02 0.97 -11.12
C LEU A 94 5.37 2.34 -10.56
N ASN A 95 6.50 2.42 -9.86
CA ASN A 95 6.95 3.67 -9.27
C ASN A 95 8.41 3.95 -9.63
N PRO A 96 8.65 4.36 -10.89
CA PRO A 96 9.99 4.66 -11.37
C PRO A 96 10.57 5.93 -10.75
N ASN A 97 9.78 6.55 -9.87
CA ASN A 97 10.21 7.79 -9.22
C ASN A 97 10.59 7.51 -7.76
N ARG A 98 11.62 6.70 -7.56
CA ARG A 98 12.07 6.36 -6.22
C ARG A 98 13.60 6.37 -6.14
N ARG A 99 14.16 7.37 -5.48
CA ARG A 99 15.60 7.49 -5.34
C ARG A 99 16.04 7.17 -3.92
N ARG A 100 15.56 7.95 -2.96
CA ARG A 100 15.90 7.74 -1.56
C ARG A 100 15.35 6.42 -1.05
N ASN A 101 16.24 5.44 -0.90
CA ASN A 101 15.85 4.12 -0.43
C ASN A 101 16.78 3.63 0.68
N LEU A 102 16.26 2.79 1.57
CA LEU A 102 17.06 2.25 2.66
C LEU A 102 17.83 1.02 2.22
N VAL A 103 17.13 0.07 1.59
CA VAL A 103 17.76 -1.15 1.13
C VAL A 103 18.31 -0.98 -0.29
N GLY A 1 22.80 -9.44 -1.20
CA GLY A 1 21.44 -9.37 -1.71
C GLY A 1 21.03 -10.63 -2.44
N SER A 2 21.32 -11.78 -1.84
CA SER A 2 20.98 -13.06 -2.45
C SER A 2 19.52 -13.42 -2.19
N SER A 3 19.15 -13.45 -0.92
CA SER A 3 17.79 -13.77 -0.52
C SER A 3 17.20 -12.69 0.37
N GLY A 4 16.11 -12.07 -0.09
CA GLY A 4 15.47 -11.03 0.68
C GLY A 4 15.34 -11.38 2.15
N SER A 5 15.01 -10.39 2.97
CA SER A 5 14.86 -10.60 4.40
C SER A 5 13.50 -10.11 4.89
N SER A 6 12.49 -10.97 4.76
CA SER A 6 11.14 -10.63 5.18
C SER A 6 10.51 -11.77 5.98
N GLY A 7 9.81 -11.41 7.05
CA GLY A 7 9.17 -12.40 7.89
C GLY A 7 8.37 -11.80 9.02
N GLU A 8 9.02 -10.94 9.80
CA GLU A 8 8.36 -10.29 10.93
C GLU A 8 7.86 -8.90 10.54
N GLU A 9 8.72 -8.12 9.89
CA GLU A 9 8.38 -6.78 9.46
C GLU A 9 8.44 -6.65 7.94
N PRO A 10 7.62 -5.75 7.39
CA PRO A 10 7.55 -5.52 5.94
C PRO A 10 8.81 -4.85 5.41
N THR A 11 9.13 -5.13 4.15
CA THR A 11 10.32 -4.56 3.52
C THR A 11 9.95 -3.37 2.62
N ILE A 12 10.65 -2.26 2.80
CA ILE A 12 10.39 -1.07 2.01
C ILE A 12 10.75 -1.29 0.54
N GLY A 13 9.85 -0.91 -0.35
CA GLY A 13 10.09 -1.07 -1.76
C GLY A 13 9.52 -2.36 -2.32
N ASP A 14 9.08 -3.24 -1.42
CA ASP A 14 8.51 -4.52 -1.80
C ASP A 14 7.00 -4.44 -1.91
N ILE A 15 6.42 -5.20 -2.83
CA ILE A 15 4.97 -5.21 -3.03
C ILE A 15 4.32 -6.35 -2.26
N TYR A 16 3.30 -6.01 -1.48
CA TYR A 16 2.59 -7.02 -0.70
C TYR A 16 1.09 -6.95 -0.97
N ASN A 17 0.38 -8.00 -0.56
CA ASN A 17 -1.07 -8.07 -0.77
C ASN A 17 -1.82 -7.57 0.47
N GLY A 18 -2.84 -6.75 0.24
CA GLY A 18 -3.62 -6.22 1.34
C GLY A 18 -5.08 -6.02 0.99
N LYS A 19 -5.91 -5.81 2.00
CA LYS A 19 -7.34 -5.60 1.78
C LYS A 19 -7.83 -4.37 2.54
N VAL A 20 -8.79 -3.67 1.96
CA VAL A 20 -9.35 -2.48 2.58
C VAL A 20 -10.24 -2.84 3.76
N THR A 21 -9.87 -2.36 4.96
CA THR A 21 -10.63 -2.64 6.16
C THR A 21 -11.58 -1.49 6.49
N SER A 22 -11.16 -0.28 6.16
CA SER A 22 -11.98 0.90 6.43
C SER A 22 -11.66 2.01 5.42
N ILE A 23 -12.71 2.53 4.78
CA ILE A 23 -12.56 3.58 3.79
C ILE A 23 -12.76 4.96 4.43
N MET A 24 -11.77 5.83 4.26
CA MET A 24 -11.84 7.17 4.82
C MET A 24 -12.01 8.21 3.70
N GLN A 25 -12.62 9.34 4.04
CA GLN A 25 -12.86 10.41 3.08
C GLN A 25 -11.55 10.81 2.40
N PHE A 26 -10.43 10.62 3.10
CA PHE A 26 -9.13 10.97 2.57
C PHE A 26 -8.50 9.78 1.85
N GLY A 27 -8.31 8.69 2.59
CA GLY A 27 -7.72 7.49 2.00
C GLY A 27 -8.39 6.22 2.47
N CYS A 28 -7.75 5.08 2.22
CA CYS A 28 -8.30 3.79 2.62
C CYS A 28 -7.27 2.99 3.42
N PHE A 29 -7.72 2.41 4.52
CA PHE A 29 -6.83 1.61 5.37
C PHE A 29 -6.78 0.16 4.89
N VAL A 30 -5.64 -0.21 4.29
CA VAL A 30 -5.46 -1.56 3.79
C VAL A 30 -4.53 -2.37 4.70
N GLN A 31 -4.97 -3.56 5.07
CA GLN A 31 -4.18 -4.43 5.94
C GLN A 31 -3.34 -5.40 5.12
N LEU A 32 -2.05 -5.47 5.42
CA LEU A 32 -1.14 -6.36 4.71
C LEU A 32 -1.33 -7.80 5.15
N GLU A 33 -1.18 -8.73 4.21
CA GLU A 33 -1.34 -10.15 4.51
C GLU A 33 0.00 -10.88 4.39
N GLY A 34 0.00 -12.15 4.79
CA GLY A 34 1.21 -12.95 4.72
C GLY A 34 2.14 -12.69 5.90
N LEU A 35 2.40 -11.42 6.17
CA LEU A 35 3.28 -11.03 7.27
C LEU A 35 2.71 -11.51 8.60
N ARG A 36 3.56 -12.14 9.41
CA ARG A 36 3.14 -12.64 10.72
C ARG A 36 2.32 -11.59 11.47
N LYS A 37 2.85 -10.39 11.57
CA LYS A 37 2.16 -9.31 12.26
C LYS A 37 1.42 -8.41 11.27
N ARG A 38 0.17 -8.76 10.99
CA ARG A 38 -0.64 -7.99 10.05
C ARG A 38 -0.48 -6.49 10.30
N TRP A 39 0.06 -5.78 9.31
CA TRP A 39 0.26 -4.35 9.43
C TRP A 39 -0.90 -3.58 8.81
N GLU A 40 -1.23 -2.43 9.40
CA GLU A 40 -2.33 -1.61 8.90
C GLU A 40 -1.80 -0.27 8.39
N GLY A 41 -1.96 -0.02 7.09
CA GLY A 41 -1.51 1.22 6.51
C GLY A 41 -2.63 2.02 5.89
N LEU A 42 -2.37 3.29 5.58
CA LEU A 42 -3.37 4.15 4.97
C LEU A 42 -2.92 4.61 3.58
N VAL A 43 -3.86 4.57 2.64
CA VAL A 43 -3.56 4.99 1.27
C VAL A 43 -4.22 6.32 0.94
N HIS A 44 -3.43 7.39 0.93
CA HIS A 44 -3.94 8.72 0.63
C HIS A 44 -4.79 8.71 -0.64
N ILE A 45 -5.51 9.79 -0.88
CA ILE A 45 -6.36 9.91 -2.05
C ILE A 45 -5.53 9.94 -3.33
N SER A 46 -4.38 10.61 -3.26
CA SER A 46 -3.50 10.72 -4.41
C SER A 46 -2.76 9.41 -4.65
N GLU A 47 -2.99 8.44 -3.78
CA GLU A 47 -2.33 7.13 -3.89
C GLU A 47 -3.33 6.07 -4.33
N LEU A 48 -4.25 6.46 -5.21
CA LEU A 48 -5.27 5.53 -5.72
C LEU A 48 -5.30 5.54 -7.25
N ARG A 49 -5.65 6.69 -7.81
CA ARG A 49 -5.72 6.83 -9.26
C ARG A 49 -4.32 7.03 -9.86
N ARG A 50 -3.96 6.16 -10.80
CA ARG A 50 -2.66 6.23 -11.45
C ARG A 50 -2.58 7.45 -12.37
N GLU A 51 -3.66 7.69 -13.11
CA GLU A 51 -3.70 8.82 -14.04
C GLU A 51 -5.11 9.42 -14.09
N GLY A 52 -5.20 10.72 -13.89
CA GLY A 52 -6.48 11.40 -13.92
C GLY A 52 -6.84 12.03 -12.59
N ARG A 53 -8.04 12.57 -12.49
CA ARG A 53 -8.51 13.20 -11.26
C ARG A 53 -9.33 12.23 -10.42
N VAL A 54 -9.08 12.24 -9.12
CA VAL A 54 -9.79 11.36 -8.20
C VAL A 54 -11.05 12.03 -7.66
N ALA A 55 -12.10 11.23 -7.47
CA ALA A 55 -13.37 11.75 -6.95
C ALA A 55 -13.51 11.47 -5.46
N ASN A 56 -13.62 10.20 -5.11
CA ASN A 56 -13.76 9.80 -3.71
C ASN A 56 -13.28 8.37 -3.50
N VAL A 57 -12.53 8.16 -2.43
CA VAL A 57 -12.00 6.83 -2.11
C VAL A 57 -13.12 5.79 -2.07
N ALA A 58 -14.28 6.21 -1.57
CA ALA A 58 -15.44 5.32 -1.47
C ALA A 58 -15.65 4.55 -2.77
N ASP A 59 -15.80 5.30 -3.87
CA ASP A 59 -16.02 4.70 -5.18
C ASP A 59 -14.74 4.04 -5.69
N VAL A 60 -13.60 4.50 -5.18
CA VAL A 60 -12.30 3.96 -5.58
C VAL A 60 -12.11 2.54 -5.04
N VAL A 61 -12.54 2.32 -3.81
CA VAL A 61 -12.42 1.02 -3.17
C VAL A 61 -13.61 0.73 -2.27
N SER A 62 -13.85 -0.55 -2.01
CA SER A 62 -14.96 -0.98 -1.17
C SER A 62 -14.46 -1.61 0.12
N LYS A 63 -15.34 -1.73 1.11
CA LYS A 63 -14.99 -2.32 2.40
C LYS A 63 -14.79 -3.83 2.26
N GLY A 64 -13.64 -4.31 2.71
CA GLY A 64 -13.36 -5.73 2.63
C GLY A 64 -13.06 -6.19 1.22
N GLN A 65 -12.39 -5.33 0.46
CA GLN A 65 -12.04 -5.65 -0.92
C GLN A 65 -10.56 -5.99 -1.05
N ARG A 66 -10.25 -7.09 -1.72
CA ARG A 66 -8.88 -7.52 -1.92
C ARG A 66 -8.17 -6.64 -2.96
N VAL A 67 -6.94 -6.24 -2.64
CA VAL A 67 -6.17 -5.39 -3.54
C VAL A 67 -4.66 -5.56 -3.29
N LYS A 68 -3.86 -5.00 -4.19
CA LYS A 68 -2.41 -5.08 -4.07
C LYS A 68 -1.81 -3.72 -3.78
N VAL A 69 -0.93 -3.66 -2.78
CA VAL A 69 -0.28 -2.41 -2.41
C VAL A 69 1.21 -2.62 -2.16
N LYS A 70 1.97 -1.52 -2.16
CA LYS A 70 3.40 -1.58 -1.94
C LYS A 70 3.79 -0.82 -0.68
N VAL A 71 4.79 -1.33 0.04
CA VAL A 71 5.26 -0.68 1.26
C VAL A 71 6.14 0.52 0.94
N LEU A 72 5.60 1.71 1.15
CA LEU A 72 6.34 2.95 0.89
C LEU A 72 7.39 3.18 1.96
N SER A 73 6.97 3.12 3.22
CA SER A 73 7.88 3.34 4.34
C SER A 73 7.29 2.76 5.63
N PHE A 74 8.17 2.32 6.53
CA PHE A 74 7.75 1.74 7.79
C PHE A 74 8.45 2.41 8.97
N THR A 75 7.68 3.01 9.85
CA THR A 75 8.22 3.71 11.01
C THR A 75 7.31 3.56 12.23
N GLY A 76 7.80 2.86 13.24
CA GLY A 76 7.02 2.64 14.45
C GLY A 76 5.63 2.08 14.15
N THR A 77 4.64 2.55 14.89
CA THR A 77 3.27 2.08 14.71
C THR A 77 2.58 2.83 13.58
N LYS A 78 3.30 3.02 12.47
CA LYS A 78 2.75 3.73 11.32
C LYS A 78 3.35 3.17 10.03
N THR A 79 2.50 2.56 9.21
CA THR A 79 2.93 1.98 7.94
C THR A 79 2.26 2.67 6.76
N SER A 80 2.99 2.84 5.67
CA SER A 80 2.46 3.50 4.49
C SER A 80 2.37 2.51 3.33
N LEU A 81 1.29 2.62 2.56
CA LEU A 81 1.07 1.74 1.41
C LEU A 81 0.62 2.53 0.20
N SER A 82 0.87 1.98 -0.99
CA SER A 82 0.50 2.62 -2.23
C SER A 82 -0.28 1.67 -3.14
N MET A 83 -1.23 2.22 -3.90
CA MET A 83 -2.04 1.42 -4.81
C MET A 83 -1.83 1.86 -6.26
N LYS A 84 -2.04 3.15 -6.52
CA LYS A 84 -1.88 3.70 -7.85
C LYS A 84 -0.55 3.26 -8.46
N ASP A 85 0.46 3.11 -7.61
CA ASP A 85 1.79 2.70 -8.07
C ASP A 85 1.83 1.19 -8.30
N VAL A 86 0.93 0.47 -7.64
CA VAL A 86 0.87 -0.99 -7.77
C VAL A 86 -0.27 -1.40 -8.70
N ASP A 87 0.08 -1.85 -9.90
CA ASP A 87 -0.91 -2.29 -10.87
C ASP A 87 -1.86 -3.31 -10.25
N GLN A 88 -3.16 -3.08 -10.41
CA GLN A 88 -4.17 -3.98 -9.88
C GLN A 88 -4.43 -5.13 -10.82
N GLU A 89 -3.37 -5.70 -11.38
CA GLU A 89 -3.49 -6.82 -12.31
C GLU A 89 -2.58 -7.97 -11.88
N THR A 90 -1.29 -7.69 -11.78
CA THR A 90 -0.32 -8.71 -11.39
C THR A 90 0.47 -8.28 -10.17
N GLY A 91 0.71 -6.98 -10.04
CA GLY A 91 1.45 -6.46 -8.91
C GLY A 91 2.84 -5.99 -9.30
N GLU A 92 2.98 -5.50 -10.52
CA GLU A 92 4.26 -5.01 -11.01
C GLU A 92 4.59 -3.64 -10.42
N ASP A 93 5.86 -3.42 -10.10
CA ASP A 93 6.31 -2.16 -9.54
C ASP A 93 6.35 -1.07 -10.60
N LEU A 94 5.41 -0.13 -10.52
CA LEU A 94 5.33 0.96 -11.47
C LEU A 94 6.07 2.20 -10.95
N ASN A 95 7.16 1.96 -10.23
CA ASN A 95 7.95 3.05 -9.66
C ASN A 95 9.41 2.94 -10.09
N PRO A 96 9.71 3.38 -11.31
CA PRO A 96 11.07 3.33 -11.86
C PRO A 96 12.01 4.32 -11.16
N ASN A 97 11.46 5.41 -10.67
CA ASN A 97 12.24 6.42 -9.98
C ASN A 97 11.35 7.45 -9.30
N ARG A 98 11.47 7.57 -7.98
CA ARG A 98 10.66 8.51 -7.22
C ARG A 98 11.48 9.76 -6.86
N ARG A 99 10.79 10.88 -6.72
CA ARG A 99 11.44 12.14 -6.39
C ARG A 99 11.34 12.43 -4.89
N ARG A 100 10.12 12.66 -4.43
CA ARG A 100 9.89 12.94 -3.01
C ARG A 100 8.40 12.88 -2.68
N ASN A 101 8.08 12.27 -1.55
CA ASN A 101 6.69 12.14 -1.12
C ASN A 101 6.01 13.50 -1.08
N LEU A 102 5.51 13.94 -2.23
CA LEU A 102 4.83 15.22 -2.34
C LEU A 102 3.63 15.28 -1.39
N VAL A 103 3.66 16.22 -0.45
CA VAL A 103 2.58 16.39 0.51
C VAL A 103 2.14 17.84 0.60
N GLY A 1 26.55 -16.45 6.62
CA GLY A 1 25.60 -17.45 7.10
C GLY A 1 24.17 -17.06 6.78
N SER A 2 23.24 -17.45 7.65
CA SER A 2 21.83 -17.15 7.45
C SER A 2 21.64 -15.68 7.09
N SER A 3 20.59 -15.41 6.31
CA SER A 3 20.29 -14.05 5.89
C SER A 3 18.80 -13.76 5.98
N GLY A 4 18.43 -12.89 6.91
CA GLY A 4 17.02 -12.55 7.09
C GLY A 4 16.27 -13.59 7.90
N SER A 5 15.75 -14.60 7.23
CA SER A 5 15.00 -15.66 7.90
C SER A 5 14.01 -15.07 8.90
N SER A 6 13.35 -13.99 8.51
CA SER A 6 12.38 -13.33 9.37
C SER A 6 11.10 -12.99 8.60
N GLY A 7 10.02 -12.79 9.34
CA GLY A 7 8.75 -12.47 8.70
C GLY A 7 7.81 -11.72 9.63
N GLU A 8 8.34 -10.75 10.35
CA GLU A 8 7.54 -9.96 11.30
C GLU A 8 7.21 -8.60 10.71
N GLU A 9 8.21 -7.94 10.14
CA GLU A 9 8.02 -6.61 9.54
C GLU A 9 8.19 -6.67 8.03
N PRO A 10 7.45 -5.80 7.32
CA PRO A 10 7.51 -5.73 5.85
C PRO A 10 8.83 -5.17 5.35
N THR A 11 8.99 -5.17 4.03
CA THR A 11 10.22 -4.66 3.42
C THR A 11 9.94 -3.43 2.55
N ILE A 12 10.80 -2.44 2.65
CA ILE A 12 10.64 -1.21 1.87
C ILE A 12 11.04 -1.43 0.41
N GLY A 13 10.15 -1.04 -0.50
CA GLY A 13 10.41 -1.20 -1.91
C GLY A 13 9.83 -2.49 -2.47
N ASP A 14 9.23 -3.28 -1.61
CA ASP A 14 8.62 -4.55 -2.02
C ASP A 14 7.10 -4.43 -2.09
N ILE A 15 6.50 -5.20 -2.99
CA ILE A 15 5.05 -5.19 -3.17
C ILE A 15 4.39 -6.25 -2.30
N TYR A 16 3.37 -5.84 -1.55
CA TYR A 16 2.65 -6.75 -0.67
C TYR A 16 1.16 -6.76 -1.02
N ASN A 17 0.44 -7.75 -0.50
CA ASN A 17 -0.99 -7.88 -0.74
C ASN A 17 -1.79 -7.41 0.47
N GLY A 18 -2.81 -6.59 0.22
CA GLY A 18 -3.64 -6.09 1.30
C GLY A 18 -5.08 -5.91 0.89
N LYS A 19 -5.96 -5.70 1.87
CA LYS A 19 -7.38 -5.51 1.60
C LYS A 19 -7.92 -4.31 2.36
N VAL A 20 -8.83 -3.58 1.73
CA VAL A 20 -9.44 -2.41 2.36
C VAL A 20 -10.30 -2.80 3.55
N THR A 21 -9.87 -2.43 4.75
CA THR A 21 -10.61 -2.75 5.97
C THR A 21 -11.53 -1.61 6.36
N SER A 22 -11.11 -0.38 6.06
CA SER A 22 -11.90 0.80 6.38
C SER A 22 -11.70 1.90 5.35
N ILE A 23 -12.80 2.48 4.86
CA ILE A 23 -12.74 3.53 3.87
C ILE A 23 -12.95 4.90 4.51
N MET A 24 -12.07 5.84 4.18
CA MET A 24 -12.16 7.19 4.73
C MET A 24 -12.32 8.22 3.61
N GLN A 25 -12.93 9.35 3.94
CA GLN A 25 -13.16 10.41 2.96
C GLN A 25 -11.83 10.88 2.36
N PHE A 26 -10.73 10.50 3.02
CA PHE A 26 -9.41 10.89 2.55
C PHE A 26 -8.70 9.72 1.88
N GLY A 27 -8.61 8.60 2.59
CA GLY A 27 -7.96 7.43 2.05
C GLY A 27 -8.60 6.14 2.52
N CYS A 28 -7.97 5.01 2.21
CA CYS A 28 -8.50 3.71 2.61
C CYS A 28 -7.43 2.90 3.36
N PHE A 29 -7.84 2.29 4.46
CA PHE A 29 -6.93 1.49 5.28
C PHE A 29 -6.77 0.09 4.69
N VAL A 30 -5.57 -0.20 4.20
CA VAL A 30 -5.27 -1.50 3.61
C VAL A 30 -4.45 -2.37 4.56
N GLN A 31 -5.01 -3.51 4.96
CA GLN A 31 -4.32 -4.41 5.87
C GLN A 31 -3.52 -5.46 5.10
N LEU A 32 -2.23 -5.54 5.40
CA LEU A 32 -1.35 -6.49 4.73
C LEU A 32 -1.68 -7.92 5.14
N GLU A 33 -1.38 -8.87 4.26
CA GLU A 33 -1.65 -10.28 4.54
C GLU A 33 -0.34 -11.08 4.57
N GLY A 34 -0.38 -12.24 5.23
CA GLY A 34 0.79 -13.07 5.32
C GLY A 34 1.64 -12.75 6.53
N LEU A 35 2.26 -11.59 6.53
CA LEU A 35 3.11 -11.16 7.64
C LEU A 35 2.47 -11.53 8.98
N ARG A 36 3.28 -12.05 9.89
CA ARG A 36 2.81 -12.45 11.21
C ARG A 36 2.15 -11.27 11.93
N LYS A 37 2.86 -10.15 11.98
CA LYS A 37 2.35 -8.95 12.64
C LYS A 37 1.40 -8.18 11.71
N ARG A 38 0.13 -8.58 11.71
CA ARG A 38 -0.86 -7.93 10.88
C ARG A 38 -0.72 -6.41 10.93
N TRP A 39 -0.13 -5.85 9.88
CA TRP A 39 0.07 -4.40 9.81
C TRP A 39 -1.11 -3.73 9.13
N GLU A 40 -1.25 -2.42 9.37
CA GLU A 40 -2.34 -1.66 8.78
C GLU A 40 -1.83 -0.33 8.22
N GLY A 41 -2.01 -0.14 6.91
CA GLY A 41 -1.57 1.08 6.27
C GLY A 41 -2.72 1.91 5.74
N LEU A 42 -2.42 3.14 5.34
CA LEU A 42 -3.45 4.04 4.81
C LEU A 42 -3.06 4.55 3.43
N VAL A 43 -3.99 4.45 2.48
CA VAL A 43 -3.74 4.90 1.12
C VAL A 43 -4.52 6.19 0.83
N HIS A 44 -3.81 7.32 0.88
CA HIS A 44 -4.43 8.61 0.61
C HIS A 44 -5.11 8.62 -0.76
N ILE A 45 -6.04 9.55 -0.94
CA ILE A 45 -6.76 9.67 -2.21
C ILE A 45 -5.80 9.85 -3.38
N SER A 46 -4.67 10.50 -3.11
CA SER A 46 -3.66 10.74 -4.14
C SER A 46 -2.97 9.44 -4.54
N GLU A 47 -3.13 8.41 -3.71
CA GLU A 47 -2.51 7.12 -3.97
C GLU A 47 -3.57 6.09 -4.35
N LEU A 48 -4.50 6.48 -5.21
CA LEU A 48 -5.57 5.59 -5.65
C LEU A 48 -5.71 5.62 -7.17
N ARG A 49 -5.91 6.81 -7.72
CA ARG A 49 -6.08 6.98 -9.15
C ARG A 49 -5.16 8.08 -9.68
N ARG A 50 -4.70 7.93 -10.91
CA ARG A 50 -3.81 8.92 -11.52
C ARG A 50 -4.58 9.79 -12.52
N GLU A 51 -5.02 9.19 -13.62
CA GLU A 51 -5.75 9.91 -14.65
C GLU A 51 -7.23 10.02 -14.27
N GLY A 52 -7.66 11.24 -13.96
CA GLY A 52 -9.04 11.47 -13.59
C GLY A 52 -9.19 12.05 -12.20
N ARG A 53 -9.94 13.14 -12.08
CA ARG A 53 -10.15 13.79 -10.80
C ARG A 53 -10.99 12.92 -9.87
N VAL A 54 -10.31 12.11 -9.06
CA VAL A 54 -10.99 11.22 -8.13
C VAL A 54 -12.13 11.93 -7.41
N ALA A 55 -13.16 11.19 -7.03
CA ALA A 55 -14.31 11.74 -6.35
C ALA A 55 -14.22 11.51 -4.84
N ASN A 56 -14.48 10.27 -4.43
CA ASN A 56 -14.43 9.90 -3.03
C ASN A 56 -14.05 8.44 -2.85
N VAL A 57 -13.06 8.17 -2.00
CA VAL A 57 -12.61 6.81 -1.75
C VAL A 57 -13.76 5.83 -1.81
N ALA A 58 -14.84 6.14 -1.09
CA ALA A 58 -16.01 5.28 -1.06
C ALA A 58 -16.28 4.67 -2.43
N ASP A 59 -16.45 5.53 -3.44
CA ASP A 59 -16.71 5.08 -4.80
C ASP A 59 -15.47 4.47 -5.41
N VAL A 60 -14.30 4.80 -4.86
CA VAL A 60 -13.03 4.28 -5.35
C VAL A 60 -12.83 2.83 -4.92
N VAL A 61 -12.71 2.62 -3.62
CA VAL A 61 -12.51 1.28 -3.07
C VAL A 61 -13.71 0.85 -2.23
N SER A 62 -13.91 -0.46 -2.13
CA SER A 62 -15.02 -1.00 -1.36
C SER A 62 -14.52 -1.72 -0.11
N LYS A 63 -15.38 -1.85 0.88
CA LYS A 63 -15.03 -2.52 2.13
C LYS A 63 -14.83 -4.02 1.91
N GLY A 64 -13.67 -4.52 2.31
CA GLY A 64 -13.38 -5.93 2.15
C GLY A 64 -12.99 -6.28 0.72
N GLN A 65 -12.36 -5.34 0.03
CA GLN A 65 -11.95 -5.55 -1.35
C GLN A 65 -10.45 -5.84 -1.42
N ARG A 66 -10.10 -6.94 -2.07
CA ARG A 66 -8.69 -7.32 -2.21
C ARG A 66 -7.97 -6.40 -3.19
N VAL A 67 -6.75 -6.01 -2.84
CA VAL A 67 -5.95 -5.13 -3.69
C VAL A 67 -4.46 -5.33 -3.43
N LYS A 68 -3.64 -4.78 -4.31
CA LYS A 68 -2.19 -4.89 -4.19
C LYS A 68 -1.56 -3.52 -3.93
N VAL A 69 -0.74 -3.44 -2.89
CA VAL A 69 -0.07 -2.18 -2.54
C VAL A 69 1.42 -2.40 -2.32
N LYS A 70 2.18 -1.31 -2.33
CA LYS A 70 3.62 -1.38 -2.14
C LYS A 70 4.03 -0.70 -0.83
N VAL A 71 5.03 -1.25 -0.17
CA VAL A 71 5.52 -0.70 1.09
C VAL A 71 6.45 0.48 0.85
N LEU A 72 5.93 1.69 1.04
CA LEU A 72 6.72 2.90 0.84
C LEU A 72 7.77 3.04 1.92
N SER A 73 7.33 3.10 3.17
CA SER A 73 8.25 3.24 4.30
C SER A 73 7.61 2.72 5.58
N PHE A 74 8.45 2.41 6.57
CA PHE A 74 7.96 1.91 7.85
C PHE A 74 8.79 2.45 9.00
N THR A 75 8.12 3.05 9.99
CA THR A 75 8.80 3.63 11.14
C THR A 75 7.93 3.50 12.39
N GLY A 76 8.38 2.67 13.33
CA GLY A 76 7.64 2.48 14.56
C GLY A 76 6.27 1.85 14.33
N THR A 77 5.21 2.61 14.63
CA THR A 77 3.85 2.12 14.45
C THR A 77 3.18 2.80 13.26
N LYS A 78 3.95 3.04 12.22
CA LYS A 78 3.42 3.68 11.02
C LYS A 78 3.87 2.92 9.76
N THR A 79 2.89 2.51 8.95
CA THR A 79 3.18 1.78 7.73
C THR A 79 2.49 2.43 6.53
N SER A 80 3.30 2.95 5.60
CA SER A 80 2.77 3.60 4.41
C SER A 80 2.55 2.59 3.29
N LEU A 81 1.38 2.66 2.67
CA LEU A 81 1.04 1.75 1.58
C LEU A 81 0.53 2.52 0.36
N SER A 82 1.02 2.14 -0.82
CA SER A 82 0.61 2.79 -2.05
C SER A 82 -0.10 1.81 -2.98
N MET A 83 -1.12 2.30 -3.68
CA MET A 83 -1.87 1.47 -4.60
C MET A 83 -1.45 1.73 -6.05
N LYS A 84 -1.46 3.00 -6.44
CA LYS A 84 -1.08 3.39 -7.79
C LYS A 84 0.28 2.78 -8.17
N ASP A 85 1.25 2.90 -7.27
CA ASP A 85 2.58 2.37 -7.51
C ASP A 85 2.51 0.90 -7.91
N VAL A 86 1.39 0.25 -7.59
CA VAL A 86 1.20 -1.15 -7.93
C VAL A 86 0.02 -1.34 -8.87
N ASP A 87 0.28 -1.90 -10.04
CA ASP A 87 -0.76 -2.14 -11.04
C ASP A 87 -1.73 -3.22 -10.56
N GLN A 88 -3.01 -2.87 -10.50
CA GLN A 88 -4.03 -3.81 -10.06
C GLN A 88 -4.40 -4.78 -11.18
N GLU A 89 -3.61 -4.75 -12.26
CA GLU A 89 -3.86 -5.63 -13.39
C GLU A 89 -2.82 -6.75 -13.45
N THR A 90 -1.58 -6.42 -13.13
CA THR A 90 -0.50 -7.39 -13.14
C THR A 90 0.27 -7.39 -11.82
N GLY A 91 -0.09 -6.45 -10.94
CA GLY A 91 0.57 -6.35 -9.66
C GLY A 91 2.08 -6.24 -9.78
N GLU A 92 2.53 -5.44 -10.75
CA GLU A 92 3.95 -5.25 -10.97
C GLU A 92 4.43 -3.94 -10.34
N ASP A 93 5.73 -3.68 -10.45
CA ASP A 93 6.32 -2.46 -9.91
C ASP A 93 6.32 -1.34 -10.94
N LEU A 94 5.63 -0.25 -10.63
CA LEU A 94 5.54 0.89 -11.55
C LEU A 94 6.49 2.01 -11.10
N ASN A 95 7.52 1.63 -10.35
CA ASN A 95 8.50 2.60 -9.87
C ASN A 95 9.89 2.27 -10.38
N PRO A 96 10.17 2.66 -11.63
CA PRO A 96 11.47 2.40 -12.27
C PRO A 96 12.59 3.24 -11.65
N ASN A 97 12.21 4.34 -11.01
CA ASN A 97 13.18 5.23 -10.38
C ASN A 97 12.51 6.14 -9.36
N ARG A 98 13.07 6.19 -8.16
CA ARG A 98 12.53 7.02 -7.09
C ARG A 98 13.64 7.53 -6.17
N ARG A 99 13.43 8.72 -5.62
CA ARG A 99 14.42 9.33 -4.73
C ARG A 99 14.40 8.64 -3.36
N ARG A 100 15.52 8.00 -3.02
CA ARG A 100 15.63 7.29 -1.75
C ARG A 100 16.53 8.06 -0.78
N ASN A 101 15.93 8.63 0.26
CA ASN A 101 16.67 9.39 1.26
C ASN A 101 16.79 8.61 2.57
N LEU A 102 18.01 8.26 2.94
CA LEU A 102 18.26 7.51 4.16
C LEU A 102 19.60 7.90 4.78
N VAL A 103 19.59 8.18 6.08
CA VAL A 103 20.81 8.57 6.78
C VAL A 103 21.90 7.51 6.61
N GLY A 1 13.08 -9.94 -3.31
CA GLY A 1 13.30 -9.03 -2.20
C GLY A 1 14.77 -8.73 -1.99
N SER A 2 15.09 -8.18 -0.82
CA SER A 2 16.46 -7.85 -0.49
C SER A 2 17.10 -8.93 0.38
N SER A 3 18.39 -9.18 0.15
CA SER A 3 19.12 -10.19 0.90
C SER A 3 18.73 -10.16 2.38
N GLY A 4 18.22 -11.28 2.87
CA GLY A 4 17.82 -11.36 4.27
C GLY A 4 16.32 -11.21 4.44
N SER A 5 15.61 -12.33 4.50
CA SER A 5 14.16 -12.32 4.67
C SER A 5 13.78 -11.95 6.09
N SER A 6 12.83 -11.04 6.23
CA SER A 6 12.37 -10.59 7.54
C SER A 6 11.18 -11.42 8.02
N GLY A 7 10.12 -11.43 7.24
CA GLY A 7 8.93 -12.19 7.58
C GLY A 7 8.01 -11.43 8.53
N GLU A 8 8.57 -10.95 9.64
CA GLU A 8 7.79 -10.21 10.63
C GLU A 8 7.54 -8.79 10.15
N GLU A 9 8.62 -8.05 9.88
CA GLU A 9 8.51 -6.67 9.42
C GLU A 9 8.52 -6.62 7.90
N PRO A 10 7.74 -5.67 7.34
CA PRO A 10 7.63 -5.49 5.89
C PRO A 10 8.91 -4.91 5.29
N THR A 11 9.00 -4.93 3.96
CA THR A 11 10.18 -4.42 3.27
C THR A 11 9.81 -3.23 2.39
N ILE A 12 10.54 -2.13 2.54
CA ILE A 12 10.30 -0.92 1.76
C ILE A 12 10.60 -1.16 0.28
N GLY A 13 9.68 -0.72 -0.58
CA GLY A 13 9.88 -0.88 -2.01
C GLY A 13 9.21 -2.14 -2.54
N ASP A 14 9.15 -3.17 -1.71
CA ASP A 14 8.53 -4.44 -2.09
C ASP A 14 7.01 -4.33 -2.06
N ILE A 15 6.36 -5.14 -2.89
CA ILE A 15 4.90 -5.13 -2.95
C ILE A 15 4.31 -6.27 -2.13
N TYR A 16 3.14 -6.02 -1.54
CA TYR A 16 2.47 -7.01 -0.70
C TYR A 16 0.97 -7.01 -0.97
N ASN A 17 0.29 -8.04 -0.46
CA ASN A 17 -1.15 -8.16 -0.64
C ASN A 17 -1.89 -7.56 0.55
N GLY A 18 -3.01 -6.91 0.27
CA GLY A 18 -3.80 -6.31 1.33
C GLY A 18 -5.27 -6.19 0.97
N LYS A 19 -6.09 -5.78 1.93
CA LYS A 19 -7.53 -5.63 1.71
C LYS A 19 -8.06 -4.38 2.41
N VAL A 20 -9.05 -3.75 1.81
CA VAL A 20 -9.65 -2.54 2.37
C VAL A 20 -10.62 -2.89 3.50
N THR A 21 -10.27 -2.50 4.72
CA THR A 21 -11.12 -2.78 5.87
C THR A 21 -12.07 -1.63 6.14
N SER A 22 -11.63 -0.41 5.83
CA SER A 22 -12.45 0.78 6.03
C SER A 22 -12.08 1.88 5.04
N ILE A 23 -13.09 2.38 4.32
CA ILE A 23 -12.87 3.43 3.34
C ILE A 23 -13.08 4.81 3.96
N MET A 24 -12.00 5.56 4.11
CA MET A 24 -12.06 6.90 4.69
C MET A 24 -12.07 7.96 3.58
N GLN A 25 -12.64 9.11 3.89
CA GLN A 25 -12.71 10.21 2.93
C GLN A 25 -11.32 10.55 2.40
N PHE A 26 -10.35 10.61 3.31
CA PHE A 26 -8.97 10.93 2.93
C PHE A 26 -8.33 9.77 2.19
N GLY A 27 -8.48 8.57 2.73
CA GLY A 27 -7.90 7.39 2.12
C GLY A 27 -8.63 6.12 2.50
N CYS A 28 -7.96 4.98 2.31
CA CYS A 28 -8.56 3.69 2.64
C CYS A 28 -7.59 2.84 3.47
N PHE A 29 -8.09 2.27 4.56
CA PHE A 29 -7.28 1.45 5.44
C PHE A 29 -7.11 0.04 4.87
N VAL A 30 -5.90 -0.27 4.43
CA VAL A 30 -5.60 -1.58 3.85
C VAL A 30 -4.78 -2.43 4.82
N GLN A 31 -5.22 -3.66 5.04
CA GLN A 31 -4.53 -4.58 5.93
C GLN A 31 -3.73 -5.62 5.15
N LEU A 32 -2.45 -5.74 5.47
CA LEU A 32 -1.58 -6.69 4.81
C LEU A 32 -1.85 -8.12 5.28
N GLU A 33 -1.71 -9.08 4.37
CA GLU A 33 -1.95 -10.48 4.70
C GLU A 33 -0.68 -11.31 4.50
N GLY A 34 -0.18 -11.88 5.58
CA GLY A 34 1.03 -12.69 5.51
C GLY A 34 2.02 -12.35 6.60
N LEU A 35 2.59 -11.14 6.54
CA LEU A 35 3.57 -10.71 7.53
C LEU A 35 3.21 -11.23 8.91
N ARG A 36 4.19 -11.80 9.60
CA ARG A 36 3.98 -12.35 10.93
C ARG A 36 3.06 -11.44 11.75
N LYS A 37 3.44 -10.16 11.84
CA LYS A 37 2.65 -9.20 12.59
C LYS A 37 1.63 -8.51 11.69
N ARG A 38 0.40 -8.39 12.19
CA ARG A 38 -0.67 -7.76 11.42
C ARG A 38 -0.43 -6.25 11.31
N TRP A 39 0.14 -5.83 10.19
CA TRP A 39 0.42 -4.41 9.97
C TRP A 39 -0.75 -3.73 9.27
N GLU A 40 -1.14 -2.57 9.78
CA GLU A 40 -2.25 -1.81 9.21
C GLU A 40 -1.78 -0.49 8.65
N GLY A 41 -2.00 -0.29 7.35
CA GLY A 41 -1.59 0.94 6.70
C GLY A 41 -2.73 1.63 5.99
N LEU A 42 -2.62 2.94 5.81
CA LEU A 42 -3.65 3.72 5.12
C LEU A 42 -3.16 4.20 3.76
N VAL A 43 -4.10 4.45 2.86
CA VAL A 43 -3.77 4.91 1.52
C VAL A 43 -4.46 6.24 1.20
N HIS A 44 -3.72 7.34 1.35
CA HIS A 44 -4.27 8.66 1.08
C HIS A 44 -5.05 8.67 -0.23
N ILE A 45 -5.79 9.75 -0.46
CA ILE A 45 -6.59 9.89 -1.68
C ILE A 45 -5.69 10.00 -2.91
N SER A 46 -4.50 10.57 -2.71
CA SER A 46 -3.56 10.75 -3.81
C SER A 46 -2.99 9.40 -4.26
N GLU A 47 -2.96 8.44 -3.34
CA GLU A 47 -2.44 7.11 -3.64
C GLU A 47 -3.54 6.22 -4.22
N LEU A 48 -4.32 6.77 -5.14
CA LEU A 48 -5.39 6.02 -5.78
C LEU A 48 -5.38 6.22 -7.29
N ARG A 49 -5.61 7.45 -7.73
CA ARG A 49 -5.62 7.78 -9.15
C ARG A 49 -4.20 7.82 -9.70
N ARG A 50 -4.09 7.72 -11.03
CA ARG A 50 -2.78 7.75 -11.69
C ARG A 50 -2.57 9.07 -12.42
N GLU A 51 -3.64 9.60 -12.98
CA GLU A 51 -3.57 10.87 -13.71
C GLU A 51 -3.40 12.04 -12.75
N GLY A 52 -4.16 12.02 -11.66
CA GLY A 52 -4.07 13.09 -10.67
C GLY A 52 -5.40 13.39 -10.03
N ARG A 53 -6.26 14.12 -10.74
CA ARG A 53 -7.58 14.47 -10.23
C ARG A 53 -8.28 13.26 -9.63
N VAL A 54 -8.97 13.46 -8.52
CA VAL A 54 -9.68 12.38 -7.85
C VAL A 54 -11.06 12.85 -7.37
N ALA A 55 -12.06 11.99 -7.54
CA ALA A 55 -13.41 12.30 -7.12
C ALA A 55 -13.64 11.95 -5.65
N ASN A 56 -13.66 10.65 -5.36
CA ASN A 56 -13.87 10.19 -4.00
C ASN A 56 -13.38 8.75 -3.85
N VAL A 57 -12.75 8.47 -2.71
CA VAL A 57 -12.23 7.13 -2.44
C VAL A 57 -13.35 6.10 -2.47
N ALA A 58 -14.49 6.44 -1.91
CA ALA A 58 -15.64 5.54 -1.87
C ALA A 58 -15.80 4.82 -3.20
N ASP A 59 -15.90 5.59 -4.28
CA ASP A 59 -16.06 5.02 -5.62
C ASP A 59 -14.76 4.38 -6.10
N VAL A 60 -13.64 4.89 -5.60
CA VAL A 60 -12.33 4.36 -5.97
C VAL A 60 -12.16 2.92 -5.50
N VAL A 61 -12.25 2.72 -4.18
CA VAL A 61 -12.11 1.39 -3.61
C VAL A 61 -13.42 0.89 -3.04
N SER A 62 -13.41 -0.32 -2.49
CA SER A 62 -14.62 -0.90 -1.91
C SER A 62 -14.33 -1.48 -0.53
N LYS A 63 -15.39 -1.80 0.21
CA LYS A 63 -15.25 -2.36 1.55
C LYS A 63 -15.01 -3.87 1.49
N GLY A 64 -13.96 -4.32 2.16
CA GLY A 64 -13.65 -5.74 2.17
C GLY A 64 -13.25 -6.26 0.80
N GLN A 65 -12.56 -5.42 0.02
CA GLN A 65 -12.13 -5.80 -1.32
C GLN A 65 -10.63 -6.08 -1.34
N ARG A 66 -10.25 -7.16 -2.01
CA ARG A 66 -8.84 -7.53 -2.11
C ARG A 66 -8.10 -6.61 -3.08
N VAL A 67 -7.06 -5.95 -2.57
CA VAL A 67 -6.27 -5.04 -3.39
C VAL A 67 -4.78 -5.21 -3.11
N LYS A 68 -3.96 -4.83 -4.08
CA LYS A 68 -2.51 -4.94 -3.94
C LYS A 68 -1.89 -3.59 -3.60
N VAL A 69 -1.01 -3.58 -2.61
CA VAL A 69 -0.35 -2.35 -2.19
C VAL A 69 1.16 -2.54 -2.11
N LYS A 70 1.89 -1.43 -2.06
CA LYS A 70 3.35 -1.47 -1.99
C LYS A 70 3.85 -0.69 -0.77
N VAL A 71 4.80 -1.28 -0.05
CA VAL A 71 5.37 -0.64 1.13
C VAL A 71 6.17 0.60 0.75
N LEU A 72 5.65 1.77 1.11
CA LEU A 72 6.33 3.02 0.81
C LEU A 72 7.42 3.32 1.83
N SER A 73 7.07 3.20 3.11
CA SER A 73 8.02 3.45 4.18
C SER A 73 7.48 2.93 5.51
N PHE A 74 8.38 2.40 6.35
CA PHE A 74 8.00 1.88 7.65
C PHE A 74 8.91 2.42 8.75
N THR A 75 8.30 2.96 9.81
CA THR A 75 9.06 3.51 10.92
C THR A 75 8.29 3.37 12.23
N GLY A 76 8.79 2.53 13.12
CA GLY A 76 8.14 2.32 14.40
C GLY A 76 6.74 1.77 14.26
N THR A 77 5.74 2.61 14.54
CA THR A 77 4.35 2.19 14.44
C THR A 77 3.66 2.87 13.26
N LYS A 78 4.41 3.11 12.20
CA LYS A 78 3.87 3.74 11.01
C LYS A 78 4.18 2.92 9.76
N THR A 79 3.13 2.43 9.10
CA THR A 79 3.29 1.63 7.89
C THR A 79 2.50 2.22 6.74
N SER A 80 3.20 2.87 5.81
CA SER A 80 2.56 3.47 4.65
C SER A 80 2.40 2.47 3.52
N LEU A 81 1.37 2.65 2.72
CA LEU A 81 1.10 1.75 1.60
C LEU A 81 0.55 2.53 0.40
N SER A 82 0.95 2.12 -0.81
CA SER A 82 0.49 2.76 -2.02
C SER A 82 -0.36 1.82 -2.86
N MET A 83 -1.21 2.39 -3.71
CA MET A 83 -2.08 1.59 -4.57
C MET A 83 -1.90 1.98 -6.03
N LYS A 84 -1.94 3.28 -6.30
CA LYS A 84 -1.78 3.78 -7.67
C LYS A 84 -0.48 3.27 -8.29
N ASP A 85 0.51 3.01 -7.44
CA ASP A 85 1.80 2.52 -7.90
C ASP A 85 1.91 1.01 -7.71
N VAL A 86 0.80 0.31 -7.94
CA VAL A 86 0.76 -1.15 -7.79
C VAL A 86 -0.23 -1.77 -8.75
N ASP A 87 0.30 -2.41 -9.80
CA ASP A 87 -0.54 -3.05 -10.80
C ASP A 87 -1.44 -4.10 -10.16
N GLN A 88 -2.75 -3.95 -10.32
CA GLN A 88 -3.71 -4.89 -9.76
C GLN A 88 -3.84 -6.12 -10.64
N GLU A 89 -2.71 -6.63 -11.11
CA GLU A 89 -2.70 -7.81 -11.97
C GLU A 89 -1.64 -8.81 -11.51
N THR A 90 -0.46 -8.30 -11.18
CA THR A 90 0.64 -9.14 -10.72
C THR A 90 1.24 -8.61 -9.43
N GLY A 91 1.42 -7.29 -9.37
CA GLY A 91 2.00 -6.67 -8.18
C GLY A 91 3.42 -6.23 -8.40
N GLU A 92 3.73 -5.78 -9.61
CA GLU A 92 5.07 -5.33 -9.95
C GLU A 92 5.35 -3.95 -9.34
N ASP A 93 6.56 -3.45 -9.56
CA ASP A 93 6.94 -2.14 -9.03
C ASP A 93 6.84 -1.07 -10.11
N LEU A 94 5.73 -0.33 -10.09
CA LEU A 94 5.52 0.73 -11.07
C LEU A 94 6.11 2.06 -10.58
N ASN A 95 7.27 1.98 -9.96
CA ASN A 95 7.95 3.16 -9.45
C ASN A 95 9.42 3.17 -9.86
N PRO A 96 9.69 3.67 -11.07
CA PRO A 96 11.06 3.75 -11.61
C PRO A 96 11.90 4.79 -10.89
N ASN A 97 11.32 5.96 -10.66
CA ASN A 97 12.02 7.04 -9.98
C ASN A 97 11.16 7.63 -8.86
N ARG A 98 11.81 8.02 -7.77
CA ARG A 98 11.11 8.60 -6.63
C ARG A 98 11.90 9.76 -6.03
N ARG A 99 11.31 10.94 -6.06
CA ARG A 99 11.96 12.13 -5.53
C ARG A 99 11.76 12.23 -4.02
N ARG A 100 12.86 12.05 -3.27
CA ARG A 100 12.81 12.11 -1.82
C ARG A 100 13.56 13.33 -1.30
N ASN A 101 12.82 14.38 -0.96
CA ASN A 101 13.41 15.61 -0.45
C ASN A 101 12.82 15.98 0.92
N LEU A 102 13.55 16.79 1.67
CA LEU A 102 13.10 17.22 2.99
C LEU A 102 12.67 18.68 2.96
N VAL A 103 11.42 18.94 3.34
CA VAL A 103 10.89 20.30 3.36
C VAL A 103 10.32 20.63 4.73
N GLY A 1 22.32 -19.32 3.11
CA GLY A 1 21.37 -19.42 4.20
C GLY A 1 22.01 -19.16 5.55
N SER A 2 22.46 -17.93 5.77
CA SER A 2 23.10 -17.57 7.03
C SER A 2 22.06 -17.15 8.07
N SER A 3 21.22 -16.20 7.70
CA SER A 3 20.18 -15.71 8.61
C SER A 3 18.80 -15.85 7.97
N GLY A 4 18.62 -15.20 6.83
CA GLY A 4 17.34 -15.26 6.13
C GLY A 4 16.36 -14.22 6.64
N SER A 5 15.15 -14.24 6.09
CA SER A 5 14.11 -13.29 6.48
C SER A 5 13.10 -13.95 7.41
N SER A 6 13.20 -13.66 8.70
CA SER A 6 12.29 -14.22 9.69
C SER A 6 10.84 -14.03 9.26
N GLY A 7 10.51 -12.81 8.86
CA GLY A 7 9.15 -12.52 8.43
C GLY A 7 8.34 -11.82 9.51
N GLU A 8 8.94 -10.80 10.12
CA GLU A 8 8.27 -10.06 11.19
C GLU A 8 7.77 -8.71 10.66
N GLU A 9 8.68 -7.94 10.06
CA GLU A 9 8.33 -6.63 9.52
C GLU A 9 8.46 -6.63 8.00
N PRO A 10 7.66 -5.77 7.35
CA PRO A 10 7.67 -5.64 5.89
C PRO A 10 8.94 -5.00 5.36
N THR A 11 9.16 -5.09 4.05
CA THR A 11 10.35 -4.51 3.44
C THR A 11 9.98 -3.33 2.55
N ILE A 12 10.83 -2.30 2.57
CA ILE A 12 10.59 -1.11 1.77
C ILE A 12 10.94 -1.35 0.30
N GLY A 13 10.07 -0.89 -0.58
CA GLY A 13 10.30 -1.07 -2.01
C GLY A 13 9.71 -2.36 -2.54
N ASP A 14 9.28 -3.23 -1.63
CA ASP A 14 8.68 -4.50 -2.01
C ASP A 14 7.17 -4.39 -2.11
N ILE A 15 6.55 -5.27 -2.89
CA ILE A 15 5.12 -5.26 -3.07
C ILE A 15 4.46 -6.38 -2.26
N TYR A 16 3.35 -6.07 -1.62
CA TYR A 16 2.62 -7.05 -0.81
C TYR A 16 1.13 -6.97 -1.07
N ASN A 17 0.41 -8.01 -0.66
CA ASN A 17 -1.04 -8.05 -0.85
C ASN A 17 -1.76 -7.53 0.40
N GLY A 18 -2.90 -6.88 0.17
CA GLY A 18 -3.67 -6.35 1.28
C GLY A 18 -5.15 -6.24 0.96
N LYS A 19 -5.93 -5.74 1.92
CA LYS A 19 -7.36 -5.59 1.73
C LYS A 19 -7.88 -4.34 2.45
N VAL A 20 -8.80 -3.63 1.82
CA VAL A 20 -9.37 -2.43 2.40
C VAL A 20 -10.23 -2.76 3.62
N THR A 21 -9.74 -2.41 4.80
CA THR A 21 -10.47 -2.68 6.04
C THR A 21 -11.53 -1.60 6.30
N SER A 22 -11.20 -0.37 5.95
CA SER A 22 -12.12 0.75 6.13
C SER A 22 -11.86 1.85 5.11
N ILE A 23 -12.93 2.44 4.60
CA ILE A 23 -12.83 3.50 3.61
C ILE A 23 -13.10 4.86 4.24
N MET A 24 -12.12 5.76 4.12
CA MET A 24 -12.25 7.10 4.68
C MET A 24 -12.32 8.15 3.56
N GLN A 25 -12.95 9.28 3.86
CA GLN A 25 -13.09 10.36 2.88
C GLN A 25 -11.73 10.77 2.33
N PHE A 26 -10.70 10.70 3.18
CA PHE A 26 -9.35 11.06 2.78
C PHE A 26 -8.68 9.91 2.03
N GLY A 27 -8.66 8.74 2.65
CA GLY A 27 -8.04 7.57 2.04
C GLY A 27 -8.72 6.28 2.43
N CYS A 28 -8.01 5.17 2.26
CA CYS A 28 -8.56 3.86 2.60
C CYS A 28 -7.51 3.00 3.30
N PHE A 29 -7.88 2.41 4.44
CA PHE A 29 -6.98 1.58 5.20
C PHE A 29 -6.88 0.17 4.60
N VAL A 30 -5.66 -0.27 4.34
CA VAL A 30 -5.43 -1.58 3.75
C VAL A 30 -4.55 -2.44 4.65
N GLN A 31 -5.06 -3.61 5.05
CA GLN A 31 -4.31 -4.51 5.91
C GLN A 31 -3.51 -5.52 5.08
N LEU A 32 -2.25 -5.71 5.46
CA LEU A 32 -1.38 -6.64 4.74
C LEU A 32 -1.71 -8.08 5.12
N GLU A 33 -1.56 -8.98 4.15
CA GLU A 33 -1.84 -10.40 4.38
C GLU A 33 -0.61 -11.25 4.08
N GLY A 34 -0.39 -12.29 4.89
CA GLY A 34 0.74 -13.16 4.69
C GLY A 34 1.78 -13.03 5.79
N LEU A 35 2.09 -11.79 6.16
CA LEU A 35 3.06 -11.53 7.22
C LEU A 35 2.62 -12.14 8.54
N ARG A 36 3.50 -12.07 9.54
CA ARG A 36 3.19 -12.61 10.86
C ARG A 36 2.48 -11.58 11.72
N LYS A 37 3.01 -10.36 11.74
CA LYS A 37 2.42 -9.28 12.53
C LYS A 37 1.35 -8.55 11.73
N ARG A 38 0.13 -8.54 12.26
CA ARG A 38 -0.99 -7.86 11.60
C ARG A 38 -0.72 -6.37 11.46
N TRP A 39 -0.37 -5.94 10.25
CA TRP A 39 -0.10 -4.54 9.98
C TRP A 39 -1.32 -3.84 9.40
N GLU A 40 -1.32 -2.51 9.46
CA GLU A 40 -2.43 -1.72 8.94
C GLU A 40 -1.95 -0.37 8.43
N GLY A 41 -2.10 -0.14 7.13
CA GLY A 41 -1.68 1.12 6.54
C GLY A 41 -2.84 1.93 6.00
N LEU A 42 -2.56 3.17 5.62
CA LEU A 42 -3.59 4.05 5.09
C LEU A 42 -3.18 4.63 3.73
N VAL A 43 -4.02 4.44 2.72
CA VAL A 43 -3.74 4.94 1.38
C VAL A 43 -4.33 6.34 1.18
N HIS A 44 -3.46 7.34 1.16
CA HIS A 44 -3.89 8.73 0.97
C HIS A 44 -4.64 8.88 -0.35
N ILE A 45 -5.38 9.98 -0.49
CA ILE A 45 -6.13 10.26 -1.71
C ILE A 45 -5.20 10.39 -2.90
N SER A 46 -3.96 10.78 -2.64
CA SER A 46 -2.97 10.95 -3.70
C SER A 46 -2.18 9.66 -3.93
N GLU A 47 -2.78 8.55 -3.54
CA GLU A 47 -2.14 7.25 -3.70
C GLU A 47 -3.11 6.23 -4.31
N LEU A 48 -3.99 6.72 -5.17
CA LEU A 48 -4.98 5.86 -5.83
C LEU A 48 -4.81 5.90 -7.33
N ARG A 49 -4.74 7.10 -7.89
CA ARG A 49 -4.59 7.28 -9.32
C ARG A 49 -3.49 8.30 -9.63
N ARG A 50 -3.17 8.45 -10.91
CA ARG A 50 -2.14 9.40 -11.34
C ARG A 50 -2.72 10.44 -12.29
N GLU A 51 -3.38 9.97 -13.34
CA GLU A 51 -3.98 10.87 -14.33
C GLU A 51 -5.36 11.34 -13.86
N GLY A 52 -6.34 10.46 -13.96
CA GLY A 52 -7.69 10.81 -13.56
C GLY A 52 -7.75 11.37 -12.15
N ARG A 53 -8.59 12.38 -11.95
CA ARG A 53 -8.74 13.01 -10.64
C ARG A 53 -9.47 12.09 -9.68
N VAL A 54 -9.26 12.32 -8.38
CA VAL A 54 -9.89 11.51 -7.34
C VAL A 54 -10.60 12.39 -6.32
N ALA A 55 -11.91 12.55 -6.47
CA ALA A 55 -12.69 13.36 -5.54
C ALA A 55 -12.96 12.61 -4.24
N ASN A 56 -13.37 11.35 -4.35
CA ASN A 56 -13.65 10.54 -3.18
C ASN A 56 -12.94 9.19 -3.27
N VAL A 57 -13.19 8.33 -2.30
CA VAL A 57 -12.57 7.01 -2.26
C VAL A 57 -13.62 5.92 -2.26
N ALA A 58 -14.77 6.20 -1.65
CA ALA A 58 -15.85 5.23 -1.58
C ALA A 58 -15.92 4.39 -2.85
N ASP A 59 -16.18 5.06 -3.97
CA ASP A 59 -16.27 4.37 -5.26
C ASP A 59 -14.92 3.81 -5.68
N VAL A 60 -13.86 4.47 -5.26
CA VAL A 60 -12.50 4.05 -5.59
C VAL A 60 -12.22 2.65 -5.03
N VAL A 61 -12.66 2.41 -3.79
CA VAL A 61 -12.46 1.12 -3.15
C VAL A 61 -13.62 0.79 -2.22
N SER A 62 -13.93 -0.50 -2.12
CA SER A 62 -15.02 -0.97 -1.27
C SER A 62 -14.49 -1.58 0.02
N LYS A 63 -15.39 -1.86 0.95
CA LYS A 63 -15.01 -2.46 2.23
C LYS A 63 -14.78 -3.95 2.08
N GLY A 64 -13.63 -4.42 2.55
CA GLY A 64 -13.31 -5.84 2.47
C GLY A 64 -12.99 -6.27 1.05
N GLN A 65 -12.33 -5.39 0.29
CA GLN A 65 -11.97 -5.70 -1.08
C GLN A 65 -10.47 -5.98 -1.21
N ARG A 66 -10.13 -7.13 -1.76
CA ARG A 66 -8.74 -7.51 -1.94
C ARG A 66 -8.04 -6.59 -2.92
N VAL A 67 -6.84 -6.15 -2.56
CA VAL A 67 -6.05 -5.26 -3.41
C VAL A 67 -4.57 -5.42 -3.16
N LYS A 68 -3.75 -4.86 -4.05
CA LYS A 68 -2.30 -4.94 -3.93
C LYS A 68 -1.70 -3.57 -3.67
N VAL A 69 -0.78 -3.50 -2.71
CA VAL A 69 -0.12 -2.24 -2.37
C VAL A 69 1.37 -2.43 -2.20
N LYS A 70 2.11 -1.33 -2.22
CA LYS A 70 3.57 -1.38 -2.05
C LYS A 70 3.99 -0.70 -0.75
N VAL A 71 5.06 -1.21 -0.15
CA VAL A 71 5.58 -0.65 1.10
C VAL A 71 6.47 0.56 0.84
N LEU A 72 5.91 1.75 1.00
CA LEU A 72 6.65 2.98 0.78
C LEU A 72 7.70 3.19 1.88
N SER A 73 7.23 3.29 3.12
CA SER A 73 8.12 3.49 4.25
C SER A 73 7.49 2.97 5.54
N PHE A 74 8.32 2.64 6.52
CA PHE A 74 7.84 2.14 7.80
C PHE A 74 8.56 2.82 8.95
N THR A 75 7.80 3.31 9.92
CA THR A 75 8.36 3.99 11.09
C THR A 75 7.57 3.67 12.34
N GLY A 76 8.17 2.87 13.23
CA GLY A 76 7.50 2.50 14.46
C GLY A 76 6.10 1.98 14.23
N THR A 77 5.10 2.79 14.58
CA THR A 77 3.71 2.39 14.42
C THR A 77 3.09 3.06 13.19
N LYS A 78 3.86 3.11 12.10
CA LYS A 78 3.39 3.72 10.86
C LYS A 78 3.82 2.89 9.65
N THR A 79 2.88 2.62 8.76
CA THR A 79 3.15 1.84 7.57
C THR A 79 2.44 2.41 6.36
N SER A 80 3.20 3.05 5.47
CA SER A 80 2.63 3.64 4.26
C SER A 80 2.42 2.58 3.18
N LEU A 81 1.32 2.73 2.44
CA LEU A 81 1.00 1.79 1.37
C LEU A 81 0.48 2.53 0.14
N SER A 82 1.03 2.19 -1.02
CA SER A 82 0.62 2.82 -2.28
C SER A 82 -0.21 1.86 -3.12
N MET A 83 -1.16 2.40 -3.87
CA MET A 83 -2.02 1.60 -4.73
C MET A 83 -1.80 1.95 -6.20
N LYS A 84 -1.74 3.23 -6.50
CA LYS A 84 -1.54 3.70 -7.87
C LYS A 84 -0.24 3.14 -8.44
N ASP A 85 0.77 3.00 -7.59
CA ASP A 85 2.07 2.48 -8.02
C ASP A 85 1.99 0.96 -8.22
N VAL A 86 0.93 0.36 -7.72
CA VAL A 86 0.74 -1.09 -7.86
C VAL A 86 -0.47 -1.40 -8.73
N ASP A 87 -0.33 -2.38 -9.61
CA ASP A 87 -1.40 -2.78 -10.50
C ASP A 87 -2.39 -3.70 -9.79
N GLN A 88 -3.66 -3.56 -10.10
CA GLN A 88 -4.70 -4.39 -9.49
C GLN A 88 -4.95 -5.65 -10.30
N GLU A 89 -4.30 -5.74 -11.47
CA GLU A 89 -4.44 -6.90 -12.34
C GLU A 89 -3.48 -8.01 -11.94
N THR A 90 -2.20 -7.66 -11.83
CA THR A 90 -1.18 -8.62 -11.46
C THR A 90 -0.33 -8.10 -10.30
N GLY A 91 -0.20 -6.78 -10.22
CA GLY A 91 0.58 -6.18 -9.15
C GLY A 91 2.03 -5.98 -9.55
N GLU A 92 2.26 -5.68 -10.81
CA GLU A 92 3.61 -5.47 -11.31
C GLU A 92 4.17 -4.14 -10.82
N ASP A 93 5.46 -4.13 -10.51
CA ASP A 93 6.11 -2.91 -10.02
C ASP A 93 6.07 -1.82 -11.07
N LEU A 94 5.18 -0.85 -10.88
CA LEU A 94 5.03 0.26 -11.81
C LEU A 94 6.16 1.27 -11.63
N ASN A 95 6.55 1.50 -10.37
CA ASN A 95 7.62 2.44 -10.06
C ASN A 95 8.85 1.71 -9.54
N PRO A 96 9.66 1.18 -10.46
CA PRO A 96 10.89 0.44 -10.12
C PRO A 96 11.97 1.37 -9.57
N ASN A 97 11.82 2.66 -9.81
CA ASN A 97 12.79 3.64 -9.34
C ASN A 97 12.16 4.56 -8.30
N ARG A 98 12.76 4.61 -7.11
CA ARG A 98 12.26 5.45 -6.03
C ARG A 98 13.18 6.65 -5.81
N ARG A 99 14.44 6.37 -5.46
CA ARG A 99 15.42 7.43 -5.22
C ARG A 99 16.29 7.65 -6.45
N ARG A 100 16.70 8.90 -6.65
CA ARG A 100 17.54 9.25 -7.79
C ARG A 100 19.01 9.32 -7.39
N ASN A 101 19.81 8.41 -7.91
CA ASN A 101 21.23 8.37 -7.61
C ASN A 101 21.98 9.48 -8.34
N LEU A 102 21.92 9.45 -9.66
CA LEU A 102 22.59 10.45 -10.48
C LEU A 102 21.87 11.79 -10.40
N VAL A 103 22.58 12.81 -9.94
CA VAL A 103 22.01 14.15 -9.81
C VAL A 103 21.27 14.55 -11.08
N GLY A 1 21.37 -17.63 -2.26
CA GLY A 1 21.20 -17.60 -0.81
C GLY A 1 21.70 -16.31 -0.20
N SER A 2 20.77 -15.50 0.30
CA SER A 2 21.13 -14.22 0.92
C SER A 2 20.58 -14.13 2.33
N SER A 3 21.45 -14.35 3.31
CA SER A 3 21.05 -14.30 4.72
C SER A 3 20.34 -12.98 5.03
N GLY A 4 19.01 -13.03 5.04
CA GLY A 4 18.22 -11.84 5.33
C GLY A 4 16.76 -12.02 4.99
N SER A 5 15.95 -12.28 6.01
CA SER A 5 14.51 -12.48 5.83
C SER A 5 13.72 -11.76 6.92
N SER A 6 12.76 -10.95 6.49
CA SER A 6 11.93 -10.19 7.43
C SER A 6 10.48 -10.68 7.37
N GLY A 7 10.01 -11.25 8.48
CA GLY A 7 8.65 -11.74 8.54
C GLY A 7 7.77 -10.90 9.45
N GLU A 8 8.33 -10.45 10.57
CA GLU A 8 7.58 -9.64 11.52
C GLU A 8 7.26 -8.28 10.93
N GLU A 9 8.30 -7.55 10.53
CA GLU A 9 8.12 -6.22 9.94
C GLU A 9 8.24 -6.28 8.42
N PRO A 10 7.45 -5.45 7.74
CA PRO A 10 7.44 -5.38 6.27
C PRO A 10 8.73 -4.75 5.72
N THR A 11 8.98 -4.97 4.43
CA THR A 11 10.17 -4.44 3.78
C THR A 11 9.82 -3.24 2.90
N ILE A 12 10.64 -2.19 2.98
CA ILE A 12 10.42 -1.00 2.18
C ILE A 12 10.74 -1.25 0.72
N GLY A 13 9.82 -0.84 -0.15
CA GLY A 13 10.02 -1.02 -1.58
C GLY A 13 9.42 -2.33 -2.09
N ASP A 14 9.15 -3.24 -1.17
CA ASP A 14 8.58 -4.54 -1.52
C ASP A 14 7.06 -4.43 -1.66
N ILE A 15 6.50 -5.22 -2.58
CA ILE A 15 5.06 -5.23 -2.81
C ILE A 15 4.38 -6.30 -1.97
N TYR A 16 3.17 -5.99 -1.48
CA TYR A 16 2.41 -6.93 -0.66
C TYR A 16 0.92 -6.84 -0.97
N ASN A 17 0.20 -7.89 -0.65
CA ASN A 17 -1.24 -7.94 -0.90
C ASN A 17 -2.02 -7.54 0.35
N GLY A 18 -3.08 -6.76 0.16
CA GLY A 18 -3.89 -6.32 1.27
C GLY A 18 -5.36 -6.19 0.92
N LYS A 19 -6.17 -5.79 1.88
CA LYS A 19 -7.60 -5.63 1.67
C LYS A 19 -8.14 -4.44 2.45
N VAL A 20 -9.01 -3.65 1.80
CA VAL A 20 -9.60 -2.48 2.44
C VAL A 20 -10.52 -2.89 3.59
N THR A 21 -10.15 -2.49 4.80
CA THR A 21 -10.94 -2.81 5.98
C THR A 21 -11.87 -1.67 6.35
N SER A 22 -11.45 -0.44 6.05
CA SER A 22 -12.25 0.73 6.35
C SER A 22 -11.93 1.87 5.37
N ILE A 23 -12.96 2.38 4.71
CA ILE A 23 -12.79 3.48 3.76
C ILE A 23 -13.00 4.83 4.42
N MET A 24 -12.03 5.72 4.26
CA MET A 24 -12.11 7.05 4.85
C MET A 24 -12.23 8.11 3.76
N GLN A 25 -12.83 9.25 4.10
CA GLN A 25 -12.99 10.34 3.16
C GLN A 25 -11.66 10.75 2.54
N PHE A 26 -10.58 10.54 3.30
CA PHE A 26 -9.24 10.89 2.84
C PHE A 26 -8.60 9.72 2.11
N GLY A 27 -8.47 8.59 2.80
CA GLY A 27 -7.87 7.42 2.21
C GLY A 27 -8.57 6.14 2.62
N CYS A 28 -7.92 5.00 2.36
CA CYS A 28 -8.49 3.70 2.71
C CYS A 28 -7.47 2.85 3.46
N PHE A 29 -7.90 2.27 4.58
CA PHE A 29 -7.03 1.43 5.39
C PHE A 29 -6.93 0.03 4.80
N VAL A 30 -5.76 -0.32 4.29
CA VAL A 30 -5.54 -1.63 3.70
C VAL A 30 -4.70 -2.52 4.63
N GLN A 31 -5.23 -3.70 4.94
CA GLN A 31 -4.53 -4.63 5.82
C GLN A 31 -3.71 -5.63 5.00
N LEU A 32 -2.43 -5.73 5.32
CA LEU A 32 -1.54 -6.66 4.62
C LEU A 32 -1.89 -8.11 4.95
N GLU A 33 -1.61 -9.00 4.01
CA GLU A 33 -1.89 -10.43 4.19
C GLU A 33 -0.63 -11.26 3.98
N GLY A 34 -0.09 -11.78 5.07
CA GLY A 34 1.12 -12.60 4.98
C GLY A 34 2.02 -12.41 6.18
N LEU A 35 2.47 -11.18 6.40
CA LEU A 35 3.36 -10.87 7.53
C LEU A 35 2.77 -11.38 8.84
N ARG A 36 3.59 -12.08 9.62
CA ARG A 36 3.15 -12.62 10.90
C ARG A 36 2.40 -11.55 11.71
N LYS A 37 2.98 -10.37 11.79
CA LYS A 37 2.38 -9.26 12.54
C LYS A 37 1.33 -8.56 11.69
N ARG A 38 0.08 -8.55 12.18
CA ARG A 38 -1.01 -7.91 11.47
C ARG A 38 -0.79 -6.41 11.36
N TRP A 39 -0.26 -5.98 10.21
CA TRP A 39 0.00 -4.56 9.98
C TRP A 39 -1.17 -3.89 9.27
N GLU A 40 -1.32 -2.59 9.48
CA GLU A 40 -2.40 -1.83 8.86
C GLU A 40 -1.90 -0.49 8.35
N GLY A 41 -2.02 -0.28 7.04
CA GLY A 41 -1.59 0.97 6.45
C GLY A 41 -2.72 1.77 5.87
N LEU A 42 -2.45 3.03 5.52
CA LEU A 42 -3.47 3.91 4.95
C LEU A 42 -3.03 4.43 3.59
N VAL A 43 -4.00 4.56 2.68
CA VAL A 43 -3.71 5.05 1.33
C VAL A 43 -4.49 6.32 1.04
N HIS A 44 -3.81 7.47 1.12
CA HIS A 44 -4.45 8.75 0.86
C HIS A 44 -5.11 8.77 -0.52
N ILE A 45 -5.99 9.74 -0.73
CA ILE A 45 -6.69 9.86 -2.00
C ILE A 45 -5.71 10.06 -3.16
N SER A 46 -4.55 10.62 -2.85
CA SER A 46 -3.52 10.87 -3.86
C SER A 46 -2.84 9.56 -4.27
N GLU A 47 -2.91 8.56 -3.39
CA GLU A 47 -2.30 7.26 -3.65
C GLU A 47 -3.34 6.27 -4.17
N LEU A 48 -4.14 6.72 -5.13
CA LEU A 48 -5.18 5.87 -5.71
C LEU A 48 -5.17 5.96 -7.23
N ARG A 49 -5.36 7.17 -7.75
CA ARG A 49 -5.37 7.40 -9.19
C ARG A 49 -4.26 8.37 -9.59
N ARG A 50 -3.53 8.01 -10.64
CA ARG A 50 -2.43 8.84 -11.12
C ARG A 50 -2.91 10.27 -11.37
N GLU A 51 -1.97 11.18 -11.59
CA GLU A 51 -2.29 12.58 -11.82
C GLU A 51 -3.52 12.71 -12.72
N GLY A 52 -4.56 13.36 -12.19
CA GLY A 52 -5.78 13.54 -12.95
C GLY A 52 -6.89 14.16 -12.13
N ARG A 53 -8.07 13.56 -12.18
CA ARG A 53 -9.22 14.06 -11.43
C ARG A 53 -9.87 12.94 -10.62
N VAL A 54 -9.66 12.96 -9.31
CA VAL A 54 -10.23 11.95 -8.43
C VAL A 54 -11.40 12.51 -7.63
N ALA A 55 -12.44 11.70 -7.47
CA ALA A 55 -13.62 12.11 -6.73
C ALA A 55 -13.50 11.76 -5.25
N ASN A 56 -13.52 10.47 -4.95
CA ASN A 56 -13.42 10.00 -3.57
C ASN A 56 -12.93 8.55 -3.52
N VAL A 57 -12.59 8.09 -2.32
CA VAL A 57 -12.11 6.73 -2.14
C VAL A 57 -13.26 5.73 -2.20
N ALA A 58 -14.45 6.17 -1.80
CA ALA A 58 -15.63 5.33 -1.81
C ALA A 58 -15.77 4.60 -3.14
N ASP A 59 -15.85 5.36 -4.23
CA ASP A 59 -15.98 4.79 -5.57
C ASP A 59 -14.70 4.09 -5.99
N VAL A 60 -13.58 4.52 -5.40
CA VAL A 60 -12.28 3.93 -5.73
C VAL A 60 -12.20 2.49 -5.23
N VAL A 61 -12.30 2.31 -3.92
CA VAL A 61 -12.23 0.97 -3.33
C VAL A 61 -13.51 0.66 -2.54
N SER A 62 -13.73 -0.62 -2.26
CA SER A 62 -14.90 -1.04 -1.53
C SER A 62 -14.50 -1.73 -0.22
N LYS A 63 -15.45 -1.83 0.71
CA LYS A 63 -15.20 -2.47 1.99
C LYS A 63 -14.98 -3.97 1.82
N GLY A 64 -13.84 -4.45 2.33
CA GLY A 64 -13.53 -5.86 2.23
C GLY A 64 -13.14 -6.27 0.82
N GLN A 65 -12.51 -5.36 0.09
CA GLN A 65 -12.08 -5.63 -1.28
C GLN A 65 -10.59 -5.93 -1.34
N ARG A 66 -10.24 -7.05 -1.98
CA ARG A 66 -8.85 -7.45 -2.11
C ARG A 66 -8.10 -6.55 -3.09
N VAL A 67 -7.14 -5.78 -2.57
CA VAL A 67 -6.36 -4.88 -3.40
C VAL A 67 -4.86 -5.11 -3.22
N LYS A 68 -4.07 -4.67 -4.19
CA LYS A 68 -2.63 -4.82 -4.13
C LYS A 68 -1.95 -3.50 -3.82
N VAL A 69 -1.10 -3.49 -2.80
CA VAL A 69 -0.39 -2.29 -2.40
C VAL A 69 1.09 -2.58 -2.17
N LYS A 70 1.90 -1.52 -2.18
CA LYS A 70 3.33 -1.66 -1.98
C LYS A 70 3.81 -0.76 -0.84
N VAL A 71 4.68 -1.30 0.01
CA VAL A 71 5.22 -0.55 1.14
C VAL A 71 6.09 0.62 0.66
N LEU A 72 5.69 1.83 1.02
CA LEU A 72 6.44 3.02 0.63
C LEU A 72 7.55 3.32 1.63
N SER A 73 7.20 3.28 2.92
CA SER A 73 8.17 3.55 3.98
C SER A 73 7.66 3.04 5.32
N PHE A 74 8.58 2.59 6.16
CA PHE A 74 8.23 2.06 7.48
C PHE A 74 9.08 2.70 8.56
N THR A 75 8.44 3.21 9.60
CA THR A 75 9.14 3.84 10.71
C THR A 75 8.40 3.63 12.02
N GLY A 76 8.99 2.83 12.92
CA GLY A 76 8.37 2.57 14.19
C GLY A 76 7.08 1.78 14.07
N THR A 77 5.95 2.48 14.15
CA THR A 77 4.64 1.84 14.04
C THR A 77 3.84 2.44 12.90
N LYS A 78 4.53 2.89 11.86
CA LYS A 78 3.86 3.49 10.70
C LYS A 78 4.22 2.73 9.42
N THR A 79 3.19 2.22 8.74
CA THR A 79 3.40 1.48 7.51
C THR A 79 2.63 2.11 6.36
N SER A 80 3.35 2.80 5.48
CA SER A 80 2.73 3.46 4.33
C SER A 80 2.48 2.46 3.21
N LEU A 81 1.38 2.65 2.49
CA LEU A 81 1.02 1.77 1.39
C LEU A 81 0.49 2.57 0.19
N SER A 82 0.89 2.17 -1.00
CA SER A 82 0.47 2.84 -2.22
C SER A 82 -0.29 1.89 -3.14
N MET A 83 -1.27 2.43 -3.86
CA MET A 83 -2.07 1.63 -4.78
C MET A 83 -1.81 2.03 -6.23
N LYS A 84 -1.86 3.33 -6.49
CA LYS A 84 -1.62 3.85 -7.84
C LYS A 84 -0.22 3.50 -8.32
N ASP A 85 0.67 3.19 -7.38
CA ASP A 85 2.04 2.82 -7.71
C ASP A 85 2.18 1.32 -7.85
N VAL A 86 1.12 0.58 -7.52
CA VAL A 86 1.13 -0.87 -7.62
C VAL A 86 0.09 -1.36 -8.61
N ASP A 87 0.48 -2.28 -9.48
CA ASP A 87 -0.41 -2.83 -10.48
C ASP A 87 -1.43 -3.77 -9.83
N GLN A 88 -2.49 -4.07 -10.56
CA GLN A 88 -3.54 -4.96 -10.06
C GLN A 88 -3.66 -6.20 -10.93
N GLU A 89 -3.23 -6.10 -12.18
CA GLU A 89 -3.30 -7.22 -13.12
C GLU A 89 -2.23 -8.25 -12.80
N THR A 90 -1.10 -7.78 -12.28
CA THR A 90 0.01 -8.67 -11.93
C THR A 90 0.56 -8.35 -10.55
N GLY A 91 0.57 -7.06 -10.21
CA GLY A 91 1.06 -6.65 -8.91
C GLY A 91 2.57 -6.49 -8.89
N GLU A 92 3.12 -5.96 -9.98
CA GLU A 92 4.56 -5.76 -10.08
C GLU A 92 4.96 -4.40 -9.53
N ASP A 93 6.24 -4.07 -9.65
CA ASP A 93 6.76 -2.79 -9.16
C ASP A 93 6.74 -1.74 -10.26
N LEU A 94 5.79 -0.82 -10.19
CA LEU A 94 5.67 0.24 -11.18
C LEU A 94 6.68 1.35 -10.92
N ASN A 95 6.98 1.58 -9.65
CA ASN A 95 7.93 2.61 -9.26
C ASN A 95 9.01 2.05 -8.34
N PRO A 96 10.08 1.52 -8.95
CA PRO A 96 11.21 0.94 -8.19
C PRO A 96 12.02 2.00 -7.45
N ASN A 97 11.58 3.25 -7.56
CA ASN A 97 12.27 4.35 -6.89
C ASN A 97 11.34 5.54 -6.70
N ARG A 98 11.02 5.83 -5.44
CA ARG A 98 10.13 6.94 -5.12
C ARG A 98 10.62 8.23 -5.77
N ARG A 99 9.72 9.20 -5.90
CA ARG A 99 10.05 10.48 -6.50
C ARG A 99 10.88 11.33 -5.55
N ARG A 100 10.46 11.37 -4.29
CA ARG A 100 11.16 12.15 -3.27
C ARG A 100 12.46 11.46 -2.85
N ASN A 101 12.36 10.18 -2.52
CA ASN A 101 13.53 9.41 -2.10
C ASN A 101 14.74 9.74 -2.96
N LEU A 102 15.89 9.94 -2.33
CA LEU A 102 17.11 10.26 -3.04
C LEU A 102 17.75 9.01 -3.63
N VAL A 103 18.08 8.06 -2.76
CA VAL A 103 18.69 6.81 -3.19
C VAL A 103 17.67 5.91 -3.89
N GLY A 1 23.00 -12.48 10.26
CA GLY A 1 22.93 -13.81 9.68
C GLY A 1 21.54 -14.18 9.25
N SER A 2 21.40 -14.63 8.01
CA SER A 2 20.09 -15.01 7.47
C SER A 2 19.62 -16.33 8.09
N SER A 3 18.39 -16.33 8.59
CA SER A 3 17.82 -17.52 9.21
C SER A 3 16.90 -18.26 8.24
N GLY A 4 16.37 -19.39 8.67
CA GLY A 4 15.49 -20.18 7.83
C GLY A 4 14.53 -19.31 7.04
N SER A 5 13.53 -18.76 7.73
CA SER A 5 12.54 -17.91 7.08
C SER A 5 12.64 -16.47 7.59
N SER A 6 11.92 -15.57 6.92
CA SER A 6 11.93 -14.16 7.30
C SER A 6 10.62 -13.49 6.95
N GLY A 7 9.96 -12.93 7.96
CA GLY A 7 8.68 -12.26 7.74
C GLY A 7 8.14 -11.62 9.00
N GLU A 8 8.83 -10.58 9.48
CA GLU A 8 8.41 -9.89 10.68
C GLU A 8 7.99 -8.46 10.36
N GLU A 9 8.90 -7.71 9.74
CA GLU A 9 8.62 -6.32 9.37
C GLU A 9 8.59 -6.15 7.86
N PRO A 10 7.79 -5.20 7.38
CA PRO A 10 7.65 -4.91 5.95
C PRO A 10 8.91 -4.27 5.36
N THR A 11 9.29 -4.71 4.18
CA THR A 11 10.48 -4.18 3.51
C THR A 11 10.10 -3.09 2.51
N ILE A 12 10.73 -1.93 2.66
CA ILE A 12 10.47 -0.80 1.77
C ILE A 12 10.85 -1.13 0.33
N GLY A 13 9.94 -0.85 -0.61
CA GLY A 13 10.21 -1.13 -2.00
C GLY A 13 9.63 -2.45 -2.45
N ASP A 14 9.15 -3.25 -1.50
CA ASP A 14 8.58 -4.55 -1.81
C ASP A 14 7.05 -4.46 -1.90
N ILE A 15 6.46 -5.33 -2.70
CA ILE A 15 5.01 -5.35 -2.87
C ILE A 15 4.36 -6.41 -1.98
N TYR A 16 3.20 -6.07 -1.42
CA TYR A 16 2.48 -7.00 -0.55
C TYR A 16 0.98 -6.94 -0.83
N ASN A 17 0.27 -7.96 -0.39
CA ASN A 17 -1.18 -8.04 -0.59
C ASN A 17 -1.91 -7.45 0.60
N GLY A 18 -2.97 -6.68 0.32
CA GLY A 18 -3.74 -6.07 1.38
C GLY A 18 -5.22 -5.99 1.05
N LYS A 19 -6.03 -5.64 2.03
CA LYS A 19 -7.47 -5.53 1.84
C LYS A 19 -8.02 -4.30 2.55
N VAL A 20 -8.94 -3.60 1.89
CA VAL A 20 -9.55 -2.40 2.45
C VAL A 20 -10.46 -2.75 3.63
N THR A 21 -10.08 -2.27 4.82
CA THR A 21 -10.86 -2.53 6.02
C THR A 21 -11.84 -1.39 6.30
N SER A 22 -11.45 -0.18 5.92
CA SER A 22 -12.30 1.00 6.13
C SER A 22 -12.01 2.06 5.08
N ILE A 23 -13.07 2.70 4.60
CA ILE A 23 -12.94 3.75 3.59
C ILE A 23 -13.12 5.13 4.20
N MET A 24 -12.07 5.95 4.15
CA MET A 24 -12.12 7.30 4.70
C MET A 24 -12.21 8.33 3.60
N GLN A 25 -12.78 9.49 3.91
CA GLN A 25 -12.93 10.56 2.93
C GLN A 25 -11.58 10.94 2.33
N PHE A 26 -10.52 10.73 3.09
CA PHE A 26 -9.17 11.05 2.63
C PHE A 26 -8.55 9.87 1.89
N GLY A 27 -8.54 8.71 2.55
CA GLY A 27 -7.97 7.52 1.94
C GLY A 27 -8.67 6.26 2.39
N CYS A 28 -8.00 5.12 2.23
CA CYS A 28 -8.56 3.83 2.61
C CYS A 28 -7.54 2.99 3.35
N PHE A 29 -7.95 2.38 4.46
CA PHE A 29 -7.06 1.54 5.25
C PHE A 29 -6.95 0.14 4.65
N VAL A 30 -5.71 -0.28 4.36
CA VAL A 30 -5.47 -1.59 3.79
C VAL A 30 -4.66 -2.46 4.74
N GLN A 31 -5.24 -3.59 5.14
CA GLN A 31 -4.55 -4.52 6.04
C GLN A 31 -3.73 -5.54 5.28
N LEU A 32 -2.45 -5.62 5.58
CA LEU A 32 -1.55 -6.55 4.92
C LEU A 32 -1.88 -7.99 5.29
N GLU A 33 -1.67 -8.91 4.36
CA GLU A 33 -1.95 -10.32 4.60
C GLU A 33 -0.75 -11.18 4.20
N GLY A 34 0.04 -11.56 5.20
CA GLY A 34 1.21 -12.39 4.95
C GLY A 34 2.25 -12.28 6.05
N LEU A 35 2.59 -11.05 6.43
CA LEU A 35 3.58 -10.81 7.47
C LEU A 35 3.09 -11.35 8.81
N ARG A 36 3.95 -12.13 9.47
CA ARG A 36 3.61 -12.70 10.76
C ARG A 36 2.79 -11.73 11.60
N LYS A 37 3.21 -10.48 11.63
CA LYS A 37 2.51 -9.44 12.39
C LYS A 37 1.57 -8.65 11.48
N ARG A 38 0.36 -8.41 11.96
CA ARG A 38 -0.63 -7.66 11.20
C ARG A 38 -0.26 -6.18 11.14
N TRP A 39 -0.06 -5.68 9.92
CA TRP A 39 0.30 -4.28 9.72
C TRP A 39 -0.79 -3.53 8.98
N GLU A 40 -1.41 -2.57 9.65
CA GLU A 40 -2.48 -1.78 9.05
C GLU A 40 -1.95 -0.45 8.50
N GLY A 41 -2.08 -0.27 7.19
CA GLY A 41 -1.60 0.95 6.56
C GLY A 41 -2.72 1.75 5.93
N LEU A 42 -2.45 3.01 5.64
CA LEU A 42 -3.44 3.89 5.02
C LEU A 42 -3.00 4.33 3.63
N VAL A 43 -3.97 4.49 2.74
CA VAL A 43 -3.68 4.91 1.37
C VAL A 43 -4.39 6.21 1.03
N HIS A 44 -3.67 7.33 1.12
CA HIS A 44 -4.24 8.64 0.83
C HIS A 44 -4.91 8.64 -0.55
N ILE A 45 -5.71 9.65 -0.81
CA ILE A 45 -6.42 9.78 -2.08
C ILE A 45 -5.43 9.89 -3.24
N SER A 46 -4.31 10.56 -3.00
CA SER A 46 -3.28 10.73 -4.03
C SER A 46 -2.56 9.42 -4.30
N GLU A 47 -2.81 8.42 -3.46
CA GLU A 47 -2.19 7.12 -3.61
C GLU A 47 -3.15 6.12 -4.23
N LEU A 48 -4.00 6.60 -5.12
CA LEU A 48 -4.98 5.73 -5.79
C LEU A 48 -4.82 5.81 -7.31
N ARG A 49 -4.77 7.03 -7.83
CA ARG A 49 -4.63 7.24 -9.26
C ARG A 49 -3.67 8.38 -9.56
N ARG A 50 -2.51 8.04 -10.13
CA ARG A 50 -1.50 9.05 -10.46
C ARG A 50 -2.12 10.20 -11.26
N GLU A 51 -2.88 9.85 -12.29
CA GLU A 51 -3.52 10.85 -13.14
C GLU A 51 -5.04 10.75 -13.04
N GLY A 52 -5.57 9.54 -13.15
CA GLY A 52 -7.00 9.35 -13.07
C GLY A 52 -7.64 10.22 -12.00
N ARG A 53 -8.43 11.19 -12.44
CA ARG A 53 -9.10 12.09 -11.52
C ARG A 53 -9.93 11.32 -10.50
N VAL A 54 -9.43 11.23 -9.27
CA VAL A 54 -10.12 10.51 -8.21
C VAL A 54 -11.25 11.35 -7.62
N ALA A 55 -12.49 10.93 -7.85
CA ALA A 55 -13.65 11.64 -7.34
C ALA A 55 -13.82 11.42 -5.84
N ASN A 56 -14.06 10.18 -5.45
CA ASN A 56 -14.24 9.83 -4.04
C ASN A 56 -13.78 8.41 -3.76
N VAL A 57 -12.92 8.25 -2.76
CA VAL A 57 -12.40 6.94 -2.39
C VAL A 57 -13.52 5.89 -2.38
N ALA A 58 -14.67 6.27 -1.82
CA ALA A 58 -15.81 5.36 -1.74
C ALA A 58 -15.98 4.59 -3.05
N ASP A 59 -16.15 5.34 -4.14
CA ASP A 59 -16.33 4.73 -5.45
C ASP A 59 -15.05 4.07 -5.94
N VAL A 60 -13.92 4.54 -5.42
CA VAL A 60 -12.62 4.00 -5.79
C VAL A 60 -12.45 2.58 -5.27
N VAL A 61 -12.47 2.43 -3.95
CA VAL A 61 -12.32 1.12 -3.32
C VAL A 61 -13.55 0.75 -2.52
N SER A 62 -13.73 -0.55 -2.29
CA SER A 62 -14.88 -1.03 -1.54
C SER A 62 -14.46 -1.57 -0.18
N LYS A 63 -15.44 -1.98 0.62
CA LYS A 63 -15.17 -2.51 1.96
C LYS A 63 -14.86 -4.00 1.89
N GLY A 64 -13.73 -4.39 2.49
CA GLY A 64 -13.34 -5.78 2.49
C GLY A 64 -12.97 -6.28 1.10
N GLN A 65 -12.38 -5.41 0.30
CA GLN A 65 -11.98 -5.76 -1.06
C GLN A 65 -10.49 -6.07 -1.13
N ARG A 66 -10.15 -7.21 -1.73
CA ARG A 66 -8.76 -7.62 -1.87
C ARG A 66 -8.03 -6.77 -2.91
N VAL A 67 -6.95 -6.12 -2.48
CA VAL A 67 -6.18 -5.27 -3.38
C VAL A 67 -4.68 -5.39 -3.08
N LYS A 68 -3.86 -4.86 -3.98
CA LYS A 68 -2.41 -4.90 -3.82
C LYS A 68 -1.85 -3.51 -3.55
N VAL A 69 -0.93 -3.41 -2.60
CA VAL A 69 -0.31 -2.14 -2.25
C VAL A 69 1.21 -2.28 -2.15
N LYS A 70 1.90 -1.14 -2.23
CA LYS A 70 3.35 -1.13 -2.14
C LYS A 70 3.82 -0.47 -0.85
N VAL A 71 4.88 -1.02 -0.26
CA VAL A 71 5.43 -0.49 0.98
C VAL A 71 6.27 0.75 0.72
N LEU A 72 5.73 1.91 1.06
CA LEU A 72 6.42 3.18 0.87
C LEU A 72 7.49 3.38 1.94
N SER A 73 7.07 3.38 3.20
CA SER A 73 7.99 3.56 4.32
C SER A 73 7.45 2.92 5.59
N PHE A 74 8.32 2.27 6.34
CA PHE A 74 7.93 1.61 7.58
C PHE A 74 8.75 2.14 8.76
N THR A 75 8.06 2.68 9.75
CA THR A 75 8.72 3.22 10.93
C THR A 75 7.86 3.01 12.18
N GLY A 76 8.34 2.15 13.07
CA GLY A 76 7.61 1.88 14.30
C GLY A 76 6.23 1.31 14.04
N THR A 77 5.23 1.84 14.75
CA THR A 77 3.85 1.38 14.59
C THR A 77 3.18 2.08 13.42
N LYS A 78 3.95 2.37 12.38
CA LYS A 78 3.42 3.05 11.19
C LYS A 78 3.86 2.34 9.92
N THR A 79 2.92 2.09 9.02
CA THR A 79 3.22 1.43 7.75
C THR A 79 2.47 2.08 6.60
N SER A 80 3.22 2.73 5.72
CA SER A 80 2.64 3.41 4.56
C SER A 80 2.37 2.41 3.44
N LEU A 81 1.35 2.70 2.63
CA LEU A 81 0.98 1.84 1.52
C LEU A 81 0.41 2.65 0.36
N SER A 82 0.75 2.26 -0.86
CA SER A 82 0.27 2.95 -2.05
C SER A 82 -0.56 2.03 -2.92
N MET A 83 -1.52 2.60 -3.65
CA MET A 83 -2.39 1.83 -4.52
C MET A 83 -2.39 2.41 -5.94
N LYS A 84 -1.35 3.15 -6.27
CA LYS A 84 -1.23 3.76 -7.59
C LYS A 84 -0.04 3.19 -8.35
N ASP A 85 1.07 3.01 -7.64
CA ASP A 85 2.29 2.47 -8.25
C ASP A 85 2.28 0.95 -8.21
N VAL A 86 1.09 0.37 -8.16
CA VAL A 86 0.94 -1.08 -8.13
C VAL A 86 -0.24 -1.54 -8.97
N ASP A 87 -0.07 -2.65 -9.68
CA ASP A 87 -1.12 -3.20 -10.52
C ASP A 87 -2.07 -4.07 -9.72
N GLN A 88 -3.24 -4.37 -10.29
CA GLN A 88 -4.23 -5.18 -9.62
C GLN A 88 -4.43 -6.51 -10.35
N GLU A 89 -4.13 -6.52 -11.64
CA GLU A 89 -4.27 -7.72 -12.46
C GLU A 89 -3.21 -8.76 -12.10
N THR A 90 -2.00 -8.28 -11.85
CA THR A 90 -0.89 -9.16 -11.49
C THR A 90 -0.14 -8.64 -10.27
N GLY A 91 -0.11 -7.32 -10.13
CA GLY A 91 0.58 -6.71 -9.00
C GLY A 91 2.08 -6.61 -9.23
N GLU A 92 2.48 -6.26 -10.44
CA GLU A 92 3.89 -6.14 -10.77
C GLU A 92 4.35 -4.69 -10.64
N ASP A 93 5.48 -4.49 -9.98
CA ASP A 93 6.04 -3.15 -9.78
C ASP A 93 5.84 -2.30 -11.03
N LEU A 94 5.09 -1.21 -10.87
CA LEU A 94 4.82 -0.30 -11.98
C LEU A 94 5.75 0.89 -11.95
N ASN A 95 6.28 1.20 -10.76
CA ASN A 95 7.18 2.32 -10.60
C ASN A 95 8.53 1.86 -10.05
N PRO A 96 9.35 1.27 -10.92
CA PRO A 96 10.68 0.76 -10.56
C PRO A 96 11.66 1.89 -10.24
N ASN A 97 11.69 2.91 -11.10
CA ASN A 97 12.57 4.05 -10.91
C ASN A 97 12.66 4.43 -9.44
N ARG A 98 11.51 4.46 -8.77
CA ARG A 98 11.46 4.82 -7.35
C ARG A 98 12.69 4.30 -6.61
N ARG A 99 13.04 3.04 -6.86
CA ARG A 99 14.19 2.43 -6.22
C ARG A 99 15.49 3.09 -6.70
N ARG A 100 15.70 3.09 -8.00
CA ARG A 100 16.91 3.69 -8.58
C ARG A 100 16.70 5.18 -8.84
N ASN A 101 17.17 6.01 -7.90
CA ASN A 101 17.03 7.46 -8.03
C ASN A 101 18.02 8.00 -9.05
N LEU A 102 17.72 9.19 -9.57
CA LEU A 102 18.57 9.83 -10.57
C LEU A 102 18.13 11.26 -10.84
N VAL A 103 19.08 12.19 -10.81
CA VAL A 103 18.79 13.60 -11.05
C VAL A 103 18.11 13.79 -12.40
N GLY A 1 18.35 -7.93 -1.66
CA GLY A 1 19.32 -8.86 -1.10
C GLY A 1 19.06 -9.15 0.36
N SER A 2 19.13 -10.43 0.73
CA SER A 2 18.89 -10.84 2.10
C SER A 2 19.67 -9.96 3.08
N SER A 3 18.96 -9.05 3.73
CA SER A 3 19.58 -8.14 4.69
C SER A 3 19.15 -8.48 6.12
N GLY A 4 19.08 -9.77 6.42
CA GLY A 4 18.69 -10.20 7.75
C GLY A 4 17.51 -11.17 7.71
N SER A 5 16.81 -11.27 8.83
CA SER A 5 15.65 -12.16 8.93
C SER A 5 14.35 -11.40 8.67
N SER A 6 13.96 -11.33 7.41
CA SER A 6 12.74 -10.64 7.03
C SER A 6 11.52 -11.54 7.19
N GLY A 7 10.39 -10.94 7.55
CA GLY A 7 9.17 -11.71 7.74
C GLY A 7 8.18 -11.00 8.64
N GLU A 8 8.47 -10.93 9.93
CA GLU A 8 7.59 -10.27 10.89
C GLU A 8 7.28 -8.85 10.45
N GLU A 9 8.30 -8.13 9.99
CA GLU A 9 8.14 -6.76 9.54
C GLU A 9 8.23 -6.67 8.01
N PRO A 10 7.52 -5.69 7.43
CA PRO A 10 7.51 -5.47 5.98
C PRO A 10 8.85 -4.95 5.47
N THR A 11 8.94 -4.76 4.15
CA THR A 11 10.16 -4.27 3.53
C THR A 11 9.86 -3.13 2.57
N ILE A 12 10.54 -2.00 2.76
CA ILE A 12 10.35 -0.84 1.91
C ILE A 12 10.70 -1.15 0.46
N GLY A 13 9.83 -0.74 -0.46
CA GLY A 13 10.06 -0.99 -1.86
C GLY A 13 9.45 -2.29 -2.33
N ASP A 14 9.24 -3.22 -1.40
CA ASP A 14 8.66 -4.52 -1.72
C ASP A 14 7.14 -4.42 -1.81
N ILE A 15 6.55 -5.23 -2.68
CA ILE A 15 5.10 -5.25 -2.86
C ILE A 15 4.45 -6.33 -2.01
N TYR A 16 3.29 -6.02 -1.45
CA TYR A 16 2.57 -6.98 -0.61
C TYR A 16 1.08 -6.93 -0.91
N ASN A 17 0.37 -7.98 -0.50
CA ASN A 17 -1.07 -8.06 -0.72
C ASN A 17 -1.84 -7.50 0.47
N GLY A 18 -2.81 -6.64 0.18
CA GLY A 18 -3.61 -6.04 1.24
C GLY A 18 -5.05 -5.83 0.83
N LYS A 19 -5.95 -5.89 1.79
CA LYS A 19 -7.38 -5.71 1.54
C LYS A 19 -7.92 -4.49 2.28
N VAL A 20 -8.84 -3.78 1.65
CA VAL A 20 -9.44 -2.59 2.25
C VAL A 20 -10.36 -2.97 3.42
N THR A 21 -9.93 -2.62 4.63
CA THR A 21 -10.72 -2.93 5.82
C THR A 21 -11.69 -1.81 6.14
N SER A 22 -11.28 -0.57 5.85
CA SER A 22 -12.12 0.59 6.11
C SER A 22 -11.81 1.71 5.13
N ILE A 23 -12.86 2.34 4.60
CA ILE A 23 -12.70 3.43 3.64
C ILE A 23 -12.90 4.78 4.32
N MET A 24 -12.03 5.73 4.00
CA MET A 24 -12.11 7.07 4.57
C MET A 24 -12.13 8.13 3.47
N GLN A 25 -12.77 9.26 3.76
CA GLN A 25 -12.85 10.35 2.79
C GLN A 25 -11.47 10.75 2.28
N PHE A 26 -10.46 10.53 3.12
CA PHE A 26 -9.08 10.86 2.76
C PHE A 26 -8.41 9.68 2.06
N GLY A 27 -8.38 8.54 2.74
CA GLY A 27 -7.76 7.35 2.18
C GLY A 27 -8.48 6.07 2.57
N CYS A 28 -7.86 4.94 2.30
CA CYS A 28 -8.44 3.64 2.63
C CYS A 28 -7.47 2.79 3.44
N PHE A 29 -7.96 2.27 4.56
CA PHE A 29 -7.14 1.43 5.43
C PHE A 29 -6.94 0.05 4.83
N VAL A 30 -5.72 -0.24 4.40
CA VAL A 30 -5.39 -1.53 3.81
C VAL A 30 -4.56 -2.38 4.76
N GLN A 31 -5.01 -3.61 4.99
CA GLN A 31 -4.30 -4.53 5.89
C GLN A 31 -3.55 -5.58 5.09
N LEU A 32 -2.25 -5.71 5.37
CA LEU A 32 -1.42 -6.69 4.69
C LEU A 32 -1.76 -8.11 5.12
N GLU A 33 -1.73 -9.03 4.17
CA GLU A 33 -2.04 -10.43 4.46
C GLU A 33 -0.80 -11.30 4.32
N GLY A 34 -0.57 -12.16 5.31
CA GLY A 34 0.59 -13.04 5.29
C GLY A 34 1.53 -12.79 6.46
N LEU A 35 2.15 -11.63 6.48
CA LEU A 35 3.08 -11.28 7.54
C LEU A 35 2.54 -11.70 8.91
N ARG A 36 3.39 -12.33 9.70
CA ARG A 36 2.99 -12.78 11.03
C ARG A 36 2.22 -11.70 11.78
N LYS A 37 2.79 -10.50 11.81
CA LYS A 37 2.15 -9.37 12.49
C LYS A 37 1.15 -8.69 11.58
N ARG A 38 0.09 -8.15 12.17
CA ARG A 38 -0.94 -7.46 11.41
C ARG A 38 -0.61 -5.98 11.25
N TRP A 39 -0.29 -5.58 10.02
CA TRP A 39 0.05 -4.20 9.73
C TRP A 39 -1.06 -3.51 8.96
N GLU A 40 -1.49 -2.35 9.44
CA GLU A 40 -2.56 -1.59 8.79
C GLU A 40 -2.06 -0.22 8.36
N GLY A 41 -2.05 0.02 7.04
CA GLY A 41 -1.60 1.28 6.51
C GLY A 41 -2.73 2.12 5.95
N LEU A 42 -2.45 3.37 5.62
CA LEU A 42 -3.45 4.27 5.07
C LEU A 42 -3.03 4.77 3.69
N VAL A 43 -3.94 4.64 2.72
CA VAL A 43 -3.67 5.09 1.36
C VAL A 43 -4.47 6.33 1.02
N HIS A 44 -3.81 7.49 1.07
CA HIS A 44 -4.47 8.75 0.77
C HIS A 44 -5.22 8.67 -0.56
N ILE A 45 -6.08 9.64 -0.80
CA ILE A 45 -6.87 9.68 -2.04
C ILE A 45 -5.98 10.01 -3.24
N SER A 46 -4.71 10.32 -2.96
CA SER A 46 -3.76 10.66 -4.01
C SER A 46 -3.06 9.41 -4.55
N GLU A 47 -3.17 8.32 -3.78
CA GLU A 47 -2.55 7.06 -4.16
C GLU A 47 -3.59 6.06 -4.68
N LEU A 48 -4.62 6.59 -5.33
CA LEU A 48 -5.69 5.76 -5.87
C LEU A 48 -5.93 6.06 -7.34
N ARG A 49 -5.75 7.32 -7.72
CA ARG A 49 -5.95 7.74 -9.09
C ARG A 49 -4.70 8.42 -9.65
N ARG A 50 -4.17 7.88 -10.74
CA ARG A 50 -2.97 8.43 -11.36
C ARG A 50 -3.22 9.85 -11.85
N GLU A 51 -4.23 10.02 -12.70
CA GLU A 51 -4.57 11.33 -13.23
C GLU A 51 -6.07 11.49 -13.39
N GLY A 52 -6.58 12.68 -13.05
CA GLY A 52 -8.01 12.93 -13.15
C GLY A 52 -8.57 13.57 -11.90
N ARG A 53 -9.70 13.07 -11.44
CA ARG A 53 -10.35 13.61 -10.24
C ARG A 53 -11.51 12.71 -9.80
N VAL A 54 -11.49 12.30 -8.54
CA VAL A 54 -12.54 11.45 -7.99
C VAL A 54 -13.24 12.11 -6.81
N ALA A 55 -14.52 11.82 -6.65
CA ALA A 55 -15.30 12.39 -5.55
C ALA A 55 -14.70 12.02 -4.21
N ASN A 56 -14.66 10.72 -3.90
CA ASN A 56 -14.11 10.25 -2.64
C ASN A 56 -13.68 8.79 -2.76
N VAL A 57 -12.86 8.34 -1.81
CA VAL A 57 -12.37 6.97 -1.81
C VAL A 57 -13.52 5.97 -1.84
N ALA A 58 -14.63 6.34 -1.20
CA ALA A 58 -15.80 5.48 -1.15
C ALA A 58 -16.07 4.85 -2.52
N ASP A 59 -16.22 5.69 -3.53
CA ASP A 59 -16.48 5.21 -4.88
C ASP A 59 -15.23 4.60 -5.50
N VAL A 60 -14.08 4.88 -4.89
CA VAL A 60 -12.81 4.36 -5.38
C VAL A 60 -12.64 2.89 -5.00
N VAL A 61 -12.62 2.62 -3.69
CA VAL A 61 -12.47 1.26 -3.19
C VAL A 61 -13.63 0.87 -2.29
N SER A 62 -13.94 -0.42 -2.25
CA SER A 62 -15.03 -0.93 -1.43
C SER A 62 -14.49 -1.60 -0.16
N LYS A 63 -15.41 -2.00 0.72
CA LYS A 63 -15.03 -2.66 1.97
C LYS A 63 -14.84 -4.15 1.76
N GLY A 64 -13.69 -4.67 2.16
CA GLY A 64 -13.41 -6.09 2.01
C GLY A 64 -12.98 -6.44 0.60
N GLN A 65 -12.34 -5.50 -0.08
CA GLN A 65 -11.88 -5.73 -1.45
C GLN A 65 -10.37 -5.98 -1.49
N ARG A 66 -9.99 -7.17 -1.92
CA ARG A 66 -8.57 -7.53 -2.01
C ARG A 66 -7.86 -6.69 -3.06
N VAL A 67 -6.77 -6.04 -2.66
CA VAL A 67 -6.00 -5.20 -3.57
C VAL A 67 -4.50 -5.37 -3.33
N LYS A 68 -3.71 -4.83 -4.25
CA LYS A 68 -2.25 -4.93 -4.14
C LYS A 68 -1.64 -3.56 -3.81
N VAL A 69 -0.82 -3.53 -2.76
CA VAL A 69 -0.17 -2.29 -2.34
C VAL A 69 1.32 -2.50 -2.12
N LYS A 70 2.09 -1.42 -2.22
CA LYS A 70 3.53 -1.48 -2.03
C LYS A 70 3.95 -0.71 -0.79
N VAL A 71 4.92 -1.25 -0.06
CA VAL A 71 5.41 -0.61 1.15
C VAL A 71 6.27 0.61 0.82
N LEU A 72 5.73 1.80 1.10
CA LEU A 72 6.45 3.04 0.82
C LEU A 72 7.53 3.28 1.87
N SER A 73 7.14 3.33 3.14
CA SER A 73 8.07 3.55 4.22
C SER A 73 7.57 2.92 5.53
N PHE A 74 8.47 2.33 6.28
CA PHE A 74 8.12 1.70 7.55
C PHE A 74 8.80 2.39 8.71
N THR A 75 8.02 2.69 9.75
CA THR A 75 8.55 3.36 10.93
C THR A 75 8.10 2.66 12.21
N GLY A 76 8.71 3.04 13.33
CA GLY A 76 8.36 2.43 14.61
C GLY A 76 6.91 1.98 14.66
N THR A 77 5.99 2.92 14.46
CA THR A 77 4.57 2.61 14.49
C THR A 77 3.84 3.28 13.32
N LYS A 78 4.40 3.16 12.12
CA LYS A 78 3.82 3.73 10.93
C LYS A 78 4.11 2.88 9.70
N THR A 79 3.07 2.52 8.96
CA THR A 79 3.22 1.70 7.76
C THR A 79 2.46 2.32 6.59
N SER A 80 3.21 2.89 5.66
CA SER A 80 2.60 3.51 4.48
C SER A 80 2.41 2.49 3.36
N LEU A 81 1.43 2.74 2.50
CA LEU A 81 1.14 1.85 1.38
C LEU A 81 0.61 2.62 0.18
N SER A 82 1.01 2.20 -1.01
CA SER A 82 0.58 2.86 -2.24
C SER A 82 -0.14 1.88 -3.16
N MET A 83 -1.13 2.37 -3.90
CA MET A 83 -1.89 1.55 -4.81
C MET A 83 -1.66 1.96 -6.26
N LYS A 84 -1.51 3.26 -6.48
CA LYS A 84 -1.28 3.78 -7.82
C LYS A 84 0.10 3.37 -8.33
N ASP A 85 1.00 3.05 -7.41
CA ASP A 85 2.34 2.63 -7.78
C ASP A 85 2.44 1.12 -7.85
N VAL A 86 1.29 0.46 -7.92
CA VAL A 86 1.24 -1.00 -8.01
C VAL A 86 0.13 -1.46 -8.95
N ASP A 87 0.45 -2.44 -9.79
CA ASP A 87 -0.52 -2.97 -10.75
C ASP A 87 -1.53 -3.88 -10.04
N GLN A 88 -2.65 -4.13 -10.71
CA GLN A 88 -3.69 -4.98 -10.14
C GLN A 88 -3.87 -6.25 -10.97
N GLU A 89 -3.58 -6.16 -12.26
CA GLU A 89 -3.70 -7.30 -13.16
C GLU A 89 -2.67 -8.37 -12.82
N THR A 90 -1.46 -7.92 -12.49
CA THR A 90 -0.38 -8.85 -12.15
C THR A 90 0.24 -8.50 -10.81
N GLY A 91 0.26 -7.21 -10.49
CA GLY A 91 0.82 -6.75 -9.23
C GLY A 91 2.32 -6.49 -9.32
N GLU A 92 2.76 -6.03 -10.49
CA GLU A 92 4.17 -5.75 -10.71
C GLU A 92 4.56 -4.43 -10.05
N ASP A 93 5.86 -4.12 -10.09
CA ASP A 93 6.36 -2.88 -9.50
C ASP A 93 6.36 -1.75 -10.51
N LEU A 94 5.41 -0.83 -10.36
CA LEU A 94 5.28 0.31 -11.25
C LEU A 94 6.04 1.52 -10.71
N ASN A 95 7.18 1.26 -10.09
CA ASN A 95 8.01 2.33 -9.52
C ASN A 95 9.44 2.24 -10.03
N PRO A 96 9.67 2.75 -11.24
CA PRO A 96 10.99 2.75 -11.87
C PRO A 96 11.96 3.69 -11.18
N ASN A 97 11.46 4.86 -10.77
CA ASN A 97 12.30 5.85 -10.09
C ASN A 97 11.52 6.53 -8.96
N ARG A 98 11.84 6.15 -7.73
CA ARG A 98 11.17 6.72 -6.57
C ARG A 98 11.95 7.92 -6.03
N ARG A 99 13.18 7.68 -5.59
CA ARG A 99 14.04 8.73 -5.05
C ARG A 99 13.78 10.05 -5.77
N ARG A 100 12.99 10.91 -5.15
CA ARG A 100 12.66 12.22 -5.73
C ARG A 100 13.72 13.25 -5.36
N ASN A 101 14.79 13.31 -6.15
CA ASN A 101 15.87 14.26 -5.90
C ASN A 101 15.52 15.63 -6.45
N LEU A 102 15.31 15.70 -7.76
CA LEU A 102 14.97 16.96 -8.42
C LEU A 102 13.91 17.72 -7.63
N VAL A 103 14.27 18.91 -7.16
CA VAL A 103 13.35 19.74 -6.40
C VAL A 103 12.10 20.07 -7.21
N GLY A 1 26.59 -15.34 12.19
CA GLY A 1 26.48 -16.04 10.92
C GLY A 1 25.03 -16.27 10.52
N SER A 2 24.54 -17.48 10.75
CA SER A 2 23.17 -17.83 10.40
C SER A 2 22.25 -17.70 11.61
N SER A 3 21.56 -16.57 11.71
CA SER A 3 20.65 -16.32 12.81
C SER A 3 19.72 -15.14 12.50
N GLY A 4 18.47 -15.26 12.92
CA GLY A 4 17.51 -14.20 12.68
C GLY A 4 17.17 -14.05 11.21
N SER A 5 15.89 -14.19 10.88
CA SER A 5 15.44 -14.08 9.49
C SER A 5 14.15 -13.25 9.41
N SER A 6 14.06 -12.41 8.38
CA SER A 6 12.89 -11.58 8.19
C SER A 6 11.62 -12.41 8.16
N GLY A 7 10.50 -11.77 8.46
CA GLY A 7 9.22 -12.48 8.46
C GLY A 7 8.13 -11.70 9.18
N GLU A 8 8.49 -11.09 10.30
CA GLU A 8 7.52 -10.31 11.08
C GLU A 8 7.24 -8.97 10.41
N GLU A 9 8.30 -8.18 10.23
CA GLU A 9 8.16 -6.87 9.60
C GLU A 9 8.37 -6.96 8.09
N PRO A 10 7.62 -6.14 7.34
CA PRO A 10 7.70 -6.12 5.88
C PRO A 10 9.01 -5.52 5.38
N THR A 11 9.08 -5.23 4.08
CA THR A 11 10.28 -4.65 3.48
C THR A 11 9.93 -3.47 2.59
N ILE A 12 10.74 -2.42 2.65
CA ILE A 12 10.52 -1.23 1.85
C ILE A 12 10.79 -1.51 0.37
N GLY A 13 9.91 -1.00 -0.49
CA GLY A 13 10.06 -1.20 -1.92
C GLY A 13 9.41 -2.47 -2.40
N ASP A 14 9.26 -3.44 -1.50
CA ASP A 14 8.64 -4.71 -1.84
C ASP A 14 7.12 -4.58 -1.89
N ILE A 15 6.50 -5.30 -2.82
CA ILE A 15 5.04 -5.26 -2.97
C ILE A 15 4.38 -6.40 -2.19
N TYR A 16 3.31 -6.07 -1.48
CA TYR A 16 2.58 -7.06 -0.70
C TYR A 16 1.09 -7.02 -1.01
N ASN A 17 0.37 -8.03 -0.56
CA ASN A 17 -1.07 -8.13 -0.80
C ASN A 17 -1.85 -7.63 0.41
N GLY A 18 -2.87 -6.82 0.17
CA GLY A 18 -3.68 -6.29 1.25
C GLY A 18 -5.13 -6.12 0.87
N LYS A 19 -5.97 -5.81 1.84
CA LYS A 19 -7.40 -5.62 1.59
C LYS A 19 -7.92 -4.41 2.36
N VAL A 20 -8.91 -3.73 1.78
CA VAL A 20 -9.51 -2.56 2.41
C VAL A 20 -10.43 -2.96 3.56
N THR A 21 -10.10 -2.48 4.76
CA THR A 21 -10.90 -2.79 5.95
C THR A 21 -11.88 -1.66 6.26
N SER A 22 -11.48 -0.44 5.93
CA SER A 22 -12.33 0.73 6.18
C SER A 22 -12.02 1.84 5.18
N ILE A 23 -13.08 2.40 4.59
CA ILE A 23 -12.93 3.48 3.62
C ILE A 23 -13.17 4.83 4.26
N MET A 24 -12.23 5.76 4.05
CA MET A 24 -12.33 7.10 4.61
C MET A 24 -12.34 8.15 3.49
N GLN A 25 -12.98 9.27 3.76
CA GLN A 25 -13.07 10.35 2.79
C GLN A 25 -11.68 10.75 2.30
N PHE A 26 -10.68 10.58 3.17
CA PHE A 26 -9.31 10.93 2.84
C PHE A 26 -8.60 9.76 2.15
N GLY A 27 -8.61 8.61 2.81
CA GLY A 27 -7.97 7.43 2.25
C GLY A 27 -8.68 6.14 2.62
N CYS A 28 -8.03 5.01 2.36
CA CYS A 28 -8.61 3.71 2.67
C CYS A 28 -7.62 2.85 3.45
N PHE A 29 -8.09 2.24 4.53
CA PHE A 29 -7.25 1.39 5.35
C PHE A 29 -7.06 0.02 4.72
N VAL A 30 -5.82 -0.33 4.42
CA VAL A 30 -5.50 -1.61 3.81
C VAL A 30 -4.65 -2.47 4.73
N GLN A 31 -5.16 -3.65 5.07
CA GLN A 31 -4.44 -4.57 5.95
C GLN A 31 -3.58 -5.54 5.14
N LEU A 32 -2.30 -5.61 5.51
CA LEU A 32 -1.37 -6.50 4.81
C LEU A 32 -1.65 -7.96 5.15
N GLU A 33 -1.27 -8.85 4.25
CA GLU A 33 -1.48 -10.28 4.46
C GLU A 33 -0.19 -11.07 4.23
N GLY A 34 -0.04 -12.17 4.96
CA GLY A 34 1.16 -12.99 4.82
C GLY A 34 2.10 -12.82 5.99
N LEU A 35 2.28 -11.59 6.45
CA LEU A 35 3.17 -11.31 7.56
C LEU A 35 2.57 -11.81 8.88
N ARG A 36 3.43 -12.01 9.87
CA ARG A 36 2.99 -12.49 11.17
C ARG A 36 2.35 -11.37 11.98
N LYS A 37 3.06 -10.25 12.10
CA LYS A 37 2.56 -9.10 12.85
C LYS A 37 1.52 -8.34 12.04
N ARG A 38 0.28 -8.36 12.50
CA ARG A 38 -0.81 -7.67 11.81
C ARG A 38 -0.44 -6.21 11.55
N TRP A 39 -0.36 -5.84 10.27
CA TRP A 39 -0.01 -4.48 9.88
C TRP A 39 -1.17 -3.81 9.15
N GLU A 40 -1.33 -2.51 9.36
CA GLU A 40 -2.39 -1.76 8.72
C GLU A 40 -1.91 -0.37 8.31
N GLY A 41 -1.96 -0.10 7.00
CA GLY A 41 -1.53 1.19 6.50
C GLY A 41 -2.68 2.01 5.95
N LEU A 42 -2.41 3.29 5.68
CA LEU A 42 -3.43 4.18 5.15
C LEU A 42 -3.03 4.70 3.76
N VAL A 43 -3.96 4.58 2.82
CA VAL A 43 -3.71 5.03 1.45
C VAL A 43 -4.41 6.36 1.18
N HIS A 44 -3.63 7.42 1.05
CA HIS A 44 -4.17 8.75 0.78
C HIS A 44 -4.96 8.77 -0.52
N ILE A 45 -5.79 9.79 -0.69
CA ILE A 45 -6.60 9.92 -1.90
C ILE A 45 -5.72 10.02 -3.14
N SER A 46 -4.56 10.66 -2.99
CA SER A 46 -3.64 10.83 -4.10
C SER A 46 -3.05 9.49 -4.53
N GLU A 47 -2.94 8.57 -3.58
CA GLU A 47 -2.40 7.25 -3.86
C GLU A 47 -3.50 6.29 -4.32
N LEU A 48 -4.39 6.80 -5.16
CA LEU A 48 -5.49 5.99 -5.68
C LEU A 48 -5.65 6.19 -7.18
N ARG A 49 -6.02 7.41 -7.58
CA ARG A 49 -6.20 7.73 -8.99
C ARG A 49 -5.02 8.51 -9.53
N ARG A 50 -4.89 8.54 -10.85
CA ARG A 50 -3.79 9.25 -11.49
C ARG A 50 -4.19 10.67 -11.87
N GLU A 51 -5.41 10.81 -12.40
CA GLU A 51 -5.92 12.12 -12.80
C GLU A 51 -5.63 13.17 -11.73
N GLY A 52 -5.85 14.44 -12.07
CA GLY A 52 -5.61 15.51 -11.13
C GLY A 52 -6.10 15.18 -9.74
N ARG A 53 -7.32 15.60 -9.43
CA ARG A 53 -7.91 15.36 -8.12
C ARG A 53 -8.95 14.24 -8.19
N VAL A 54 -9.15 13.56 -7.07
CA VAL A 54 -10.12 12.47 -7.00
C VAL A 54 -11.39 12.90 -6.28
N ALA A 55 -12.52 12.31 -6.65
CA ALA A 55 -13.79 12.63 -6.04
C ALA A 55 -13.87 12.11 -4.61
N ASN A 56 -13.92 10.79 -4.47
CA ASN A 56 -13.99 10.17 -3.15
C ASN A 56 -13.52 8.71 -3.21
N VAL A 57 -12.90 8.26 -2.13
CA VAL A 57 -12.40 6.89 -2.05
C VAL A 57 -13.55 5.88 -2.11
N ALA A 58 -14.63 6.19 -1.41
CA ALA A 58 -15.80 5.32 -1.39
C ALA A 58 -15.99 4.62 -2.73
N ASP A 59 -16.17 5.40 -3.78
CA ASP A 59 -16.35 4.86 -5.13
C ASP A 59 -15.08 4.20 -5.63
N VAL A 60 -13.93 4.71 -5.17
CA VAL A 60 -12.64 4.17 -5.58
C VAL A 60 -12.49 2.73 -5.12
N VAL A 61 -12.59 2.50 -3.82
CA VAL A 61 -12.46 1.16 -3.26
C VAL A 61 -13.64 0.83 -2.35
N SER A 62 -13.97 -0.46 -2.27
CA SER A 62 -15.08 -0.90 -1.43
C SER A 62 -14.57 -1.54 -0.14
N LYS A 63 -15.50 -1.91 0.73
CA LYS A 63 -15.14 -2.53 2.01
C LYS A 63 -14.85 -4.02 1.83
N GLY A 64 -13.72 -4.46 2.38
CA GLY A 64 -13.34 -5.85 2.26
C GLY A 64 -13.00 -6.25 0.85
N GLN A 65 -12.44 -5.31 0.09
CA GLN A 65 -12.07 -5.58 -1.30
C GLN A 65 -10.57 -5.85 -1.42
N ARG A 66 -10.23 -6.94 -2.09
CA ARG A 66 -8.83 -7.31 -2.27
C ARG A 66 -8.13 -6.32 -3.19
N VAL A 67 -6.92 -5.91 -2.79
CA VAL A 67 -6.13 -4.96 -3.57
C VAL A 67 -4.64 -5.12 -3.30
N LYS A 68 -3.82 -4.74 -4.27
CA LYS A 68 -2.37 -4.84 -4.14
C LYS A 68 -1.77 -3.51 -3.74
N VAL A 69 -0.86 -3.54 -2.76
CA VAL A 69 -0.20 -2.34 -2.28
C VAL A 69 1.30 -2.56 -2.11
N LYS A 70 2.05 -1.48 -2.11
CA LYS A 70 3.51 -1.55 -1.94
C LYS A 70 3.95 -0.78 -0.70
N VAL A 71 4.96 -1.31 -0.01
CA VAL A 71 5.49 -0.67 1.20
C VAL A 71 6.39 0.50 0.85
N LEU A 72 5.85 1.71 0.98
CA LEU A 72 6.61 2.93 0.68
C LEU A 72 7.68 3.17 1.74
N SER A 73 7.27 3.23 3.01
CA SER A 73 8.19 3.46 4.10
C SER A 73 7.62 2.90 5.41
N PHE A 74 8.51 2.54 6.33
CA PHE A 74 8.11 1.99 7.61
C PHE A 74 8.92 2.61 8.75
N THR A 75 8.22 3.15 9.75
CA THR A 75 8.87 3.77 10.89
C THR A 75 8.05 3.61 12.15
N GLY A 76 8.58 2.84 13.10
CA GLY A 76 7.88 2.61 14.35
C GLY A 76 6.49 2.03 14.13
N THR A 77 5.47 2.75 14.60
CA THR A 77 4.09 2.31 14.45
C THR A 77 3.41 2.96 13.25
N LYS A 78 4.16 3.06 12.15
CA LYS A 78 3.64 3.66 10.93
C LYS A 78 4.01 2.82 9.70
N THR A 79 3.02 2.54 8.87
CA THR A 79 3.24 1.75 7.67
C THR A 79 2.50 2.34 6.47
N SER A 80 3.25 2.93 5.55
CA SER A 80 2.67 3.54 4.36
C SER A 80 2.38 2.48 3.30
N LEU A 81 1.41 2.78 2.43
CA LEU A 81 1.05 1.86 1.36
C LEU A 81 0.63 2.61 0.11
N SER A 82 1.03 2.10 -1.05
CA SER A 82 0.71 2.73 -2.32
C SER A 82 -0.13 1.81 -3.19
N MET A 83 -1.09 2.37 -3.91
CA MET A 83 -1.97 1.60 -4.79
C MET A 83 -1.74 1.96 -6.24
N LYS A 84 -1.86 3.25 -6.55
CA LYS A 84 -1.66 3.74 -7.92
C LYS A 84 -0.29 3.32 -8.45
N ASP A 85 0.67 3.19 -7.55
CA ASP A 85 2.02 2.80 -7.93
C ASP A 85 2.11 1.29 -8.14
N VAL A 86 1.24 0.55 -7.46
CA VAL A 86 1.23 -0.90 -7.58
C VAL A 86 0.24 -1.36 -8.64
N ASP A 87 0.76 -1.97 -9.69
CA ASP A 87 -0.07 -2.46 -10.79
C ASP A 87 -1.05 -3.52 -10.29
N GLN A 88 -2.34 -3.19 -10.30
CA GLN A 88 -3.37 -4.12 -9.85
C GLN A 88 -3.51 -5.29 -10.82
N GLU A 89 -2.75 -5.24 -11.91
CA GLU A 89 -2.78 -6.31 -12.91
C GLU A 89 -1.86 -7.46 -12.52
N THR A 90 -0.66 -7.11 -12.05
CA THR A 90 0.31 -8.12 -11.64
C THR A 90 0.93 -7.78 -10.29
N GLY A 91 1.13 -6.48 -10.06
CA GLY A 91 1.71 -6.04 -8.79
C GLY A 91 3.20 -5.76 -8.92
N GLU A 92 3.60 -5.17 -10.05
CA GLU A 92 4.99 -4.85 -10.29
C GLU A 92 5.35 -3.49 -9.67
N ASP A 93 6.64 -3.16 -9.67
CA ASP A 93 7.10 -1.90 -9.12
C ASP A 93 7.11 -0.81 -10.20
N LEU A 94 6.07 0.02 -10.20
CA LEU A 94 5.95 1.10 -11.16
C LEU A 94 6.64 2.37 -10.65
N ASN A 95 6.49 2.63 -9.36
CA ASN A 95 7.10 3.81 -8.74
C ASN A 95 8.38 4.20 -9.47
N PRO A 96 8.25 5.12 -10.43
CA PRO A 96 9.39 5.60 -11.22
C PRO A 96 10.34 6.47 -10.40
N ASN A 97 9.80 7.12 -9.38
CA ASN A 97 10.60 7.98 -8.51
C ASN A 97 9.86 8.28 -7.21
N ARG A 98 10.49 7.96 -6.09
CA ARG A 98 9.90 8.20 -4.79
C ARG A 98 10.05 9.67 -4.38
N ARG A 99 11.28 10.16 -4.44
CA ARG A 99 11.56 11.55 -4.07
C ARG A 99 10.59 12.49 -4.76
N ARG A 100 10.20 13.55 -4.05
CA ARG A 100 9.27 14.54 -4.59
C ARG A 100 9.97 15.89 -4.78
N ASN A 101 10.91 16.19 -3.90
CA ASN A 101 11.64 17.45 -3.97
C ASN A 101 13.10 17.26 -3.57
N LEU A 102 14.01 17.82 -4.35
CA LEU A 102 15.43 17.71 -4.10
C LEU A 102 16.16 19.00 -4.44
N VAL A 103 17.47 19.00 -4.26
CA VAL A 103 18.29 20.18 -4.56
C VAL A 103 18.36 20.42 -6.07
N GLY A 1 20.10 -1.51 6.51
CA GLY A 1 20.28 -2.41 7.64
C GLY A 1 21.41 -3.41 7.43
N SER A 2 21.50 -4.38 8.33
CA SER A 2 22.55 -5.40 8.23
C SER A 2 21.99 -6.68 7.60
N SER A 3 22.90 -7.58 7.23
CA SER A 3 22.51 -8.84 6.61
C SER A 3 21.69 -9.69 7.57
N GLY A 4 20.37 -9.66 7.41
CA GLY A 4 19.49 -10.43 8.27
C GLY A 4 18.10 -9.83 8.37
N SER A 5 17.21 -10.25 7.48
CA SER A 5 15.85 -9.74 7.47
C SER A 5 15.16 -10.00 8.81
N SER A 6 14.00 -9.37 9.00
CA SER A 6 13.25 -9.53 10.24
C SER A 6 12.15 -10.58 10.07
N GLY A 7 11.24 -10.33 9.13
CA GLY A 7 10.15 -11.25 8.89
C GLY A 7 8.79 -10.65 9.22
N GLU A 8 8.54 -10.44 10.51
CA GLU A 8 7.26 -9.88 10.95
C GLU A 8 7.06 -8.48 10.35
N GLU A 9 8.08 -7.64 10.47
CA GLU A 9 8.01 -6.28 9.96
C GLU A 9 8.19 -6.26 8.44
N PRO A 10 7.43 -5.40 7.75
CA PRO A 10 7.49 -5.27 6.30
C PRO A 10 8.80 -4.65 5.82
N THR A 11 8.94 -4.49 4.52
CA THR A 11 10.14 -3.90 3.93
C THR A 11 9.79 -2.88 2.86
N ILE A 12 10.48 -1.74 2.89
CA ILE A 12 10.25 -0.68 1.92
C ILE A 12 10.63 -1.12 0.52
N GLY A 13 9.90 -0.63 -0.47
CA GLY A 13 10.17 -0.97 -1.86
C GLY A 13 9.53 -2.29 -2.26
N ASP A 14 9.45 -3.22 -1.32
CA ASP A 14 8.85 -4.53 -1.59
C ASP A 14 7.33 -4.42 -1.65
N ILE A 15 6.73 -5.14 -2.59
CA ILE A 15 5.28 -5.13 -2.76
C ILE A 15 4.63 -6.17 -1.88
N TYR A 16 3.42 -5.86 -1.39
CA TYR A 16 2.68 -6.78 -0.54
C TYR A 16 1.20 -6.74 -0.86
N ASN A 17 0.48 -7.79 -0.46
CA ASN A 17 -0.95 -7.89 -0.70
C ASN A 17 -1.74 -7.45 0.52
N GLY A 18 -2.76 -6.62 0.29
CA GLY A 18 -3.58 -6.14 1.38
C GLY A 18 -5.04 -5.97 0.98
N LYS A 19 -5.89 -5.71 1.97
CA LYS A 19 -7.32 -5.53 1.71
C LYS A 19 -7.85 -4.31 2.47
N VAL A 20 -8.80 -3.61 1.85
CA VAL A 20 -9.39 -2.43 2.48
C VAL A 20 -10.32 -2.82 3.62
N THR A 21 -9.93 -2.43 4.84
CA THR A 21 -10.72 -2.74 6.03
C THR A 21 -11.69 -1.62 6.35
N SER A 22 -11.30 -0.39 6.03
CA SER A 22 -12.14 0.78 6.28
C SER A 22 -11.83 1.90 5.30
N ILE A 23 -12.86 2.44 4.68
CA ILE A 23 -12.70 3.53 3.71
C ILE A 23 -12.90 4.88 4.38
N MET A 24 -11.82 5.64 4.49
CA MET A 24 -11.87 6.97 5.10
C MET A 24 -12.04 8.05 4.04
N GLN A 25 -12.62 9.17 4.43
CA GLN A 25 -12.84 10.28 3.52
C GLN A 25 -11.54 10.68 2.82
N PHE A 26 -10.43 10.61 3.55
CA PHE A 26 -9.13 10.95 3.00
C PHE A 26 -8.54 9.78 2.22
N GLY A 27 -8.39 8.65 2.88
CA GLY A 27 -7.84 7.47 2.25
C GLY A 27 -8.52 6.19 2.68
N CYS A 28 -7.92 5.05 2.35
CA CYS A 28 -8.48 3.75 2.72
C CYS A 28 -7.44 2.90 3.45
N PHE A 29 -7.83 2.38 4.61
CA PHE A 29 -6.94 1.55 5.41
C PHE A 29 -6.87 0.13 4.84
N VAL A 30 -5.67 -0.25 4.37
CA VAL A 30 -5.47 -1.57 3.80
C VAL A 30 -4.61 -2.43 4.72
N GLN A 31 -5.16 -3.58 5.13
CA GLN A 31 -4.44 -4.49 6.01
C GLN A 31 -3.66 -5.52 5.21
N LEU A 32 -2.36 -5.60 5.46
CA LEU A 32 -1.48 -6.54 4.77
C LEU A 32 -1.83 -7.98 5.14
N GLU A 33 -1.65 -8.89 4.19
CA GLU A 33 -1.95 -10.30 4.42
C GLU A 33 -0.70 -11.16 4.22
N GLY A 34 -0.14 -11.66 5.31
CA GLY A 34 1.05 -12.49 5.23
C GLY A 34 1.91 -12.37 6.46
N LEU A 35 2.61 -11.25 6.60
CA LEU A 35 3.48 -11.02 7.74
C LEU A 35 2.83 -11.51 9.03
N ARG A 36 3.62 -12.19 9.85
CA ARG A 36 3.11 -12.71 11.12
C ARG A 36 2.39 -11.63 11.91
N LYS A 37 2.96 -10.43 11.91
CA LYS A 37 2.36 -9.30 12.62
C LYS A 37 1.41 -8.53 11.71
N ARG A 38 0.11 -8.61 12.01
CA ARG A 38 -0.90 -7.92 11.22
C ARG A 38 -0.63 -6.41 11.21
N TRP A 39 -0.30 -5.89 10.03
CA TRP A 39 -0.02 -4.47 9.88
C TRP A 39 -1.20 -3.74 9.27
N GLU A 40 -1.35 -2.45 9.59
CA GLU A 40 -2.45 -1.66 9.07
C GLU A 40 -1.93 -0.35 8.46
N GLY A 41 -2.12 -0.20 7.15
CA GLY A 41 -1.66 1.01 6.48
C GLY A 41 -2.80 1.80 5.87
N LEU A 42 -2.54 3.06 5.56
CA LEU A 42 -3.56 3.93 4.98
C LEU A 42 -3.15 4.37 3.57
N VAL A 43 -4.14 4.60 2.72
CA VAL A 43 -3.89 5.04 1.35
C VAL A 43 -4.67 6.31 1.02
N HIS A 44 -3.98 7.44 1.05
CA HIS A 44 -4.61 8.72 0.75
C HIS A 44 -5.27 8.70 -0.62
N ILE A 45 -6.24 9.58 -0.82
CA ILE A 45 -6.95 9.66 -2.10
C ILE A 45 -5.99 9.77 -3.27
N SER A 46 -4.91 10.53 -3.07
CA SER A 46 -3.90 10.72 -4.11
C SER A 46 -3.32 9.38 -4.54
N GLU A 47 -3.15 8.47 -3.59
CA GLU A 47 -2.60 7.15 -3.87
C GLU A 47 -3.67 6.22 -4.43
N LEU A 48 -4.49 6.74 -5.35
CA LEU A 48 -5.56 5.97 -5.95
C LEU A 48 -5.59 6.18 -7.47
N ARG A 49 -5.39 7.42 -7.89
CA ARG A 49 -5.40 7.76 -9.30
C ARG A 49 -4.12 8.50 -9.69
N ARG A 50 -3.54 8.12 -10.83
CA ARG A 50 -2.32 8.74 -11.31
C ARG A 50 -2.63 10.03 -12.07
N GLU A 51 -3.72 10.02 -12.83
CA GLU A 51 -4.12 11.19 -13.60
C GLU A 51 -5.63 11.40 -13.53
N GLY A 52 -6.06 12.65 -13.64
CA GLY A 52 -7.47 12.97 -13.58
C GLY A 52 -7.89 13.47 -12.22
N ARG A 53 -9.19 13.43 -11.95
CA ARG A 53 -9.73 13.89 -10.67
C ARG A 53 -10.89 13.00 -10.23
N VAL A 54 -10.69 12.28 -9.13
CA VAL A 54 -11.73 11.41 -8.59
C VAL A 54 -12.40 12.02 -7.37
N ALA A 55 -13.73 11.89 -7.30
CA ALA A 55 -14.50 12.42 -6.19
C ALA A 55 -13.83 12.10 -4.86
N ASN A 56 -13.87 10.83 -4.47
CA ASN A 56 -13.27 10.39 -3.23
C ASN A 56 -13.01 8.88 -3.24
N VAL A 57 -12.32 8.39 -2.21
CA VAL A 57 -12.00 6.98 -2.12
C VAL A 57 -13.26 6.13 -2.25
N ALA A 58 -14.35 6.61 -1.66
CA ALA A 58 -15.62 5.88 -1.71
C ALA A 58 -15.84 5.26 -3.10
N ASP A 59 -15.82 6.11 -4.12
CA ASP A 59 -16.02 5.65 -5.49
C ASP A 59 -14.72 5.13 -6.09
N VAL A 60 -13.87 4.54 -5.24
CA VAL A 60 -12.60 4.01 -5.69
C VAL A 60 -12.37 2.60 -5.13
N VAL A 61 -12.59 2.45 -3.83
CA VAL A 61 -12.42 1.15 -3.17
C VAL A 61 -13.62 0.80 -2.31
N SER A 62 -13.84 -0.50 -2.12
CA SER A 62 -14.97 -0.97 -1.32
C SER A 62 -14.49 -1.57 -0.01
N LYS A 63 -15.44 -1.91 0.86
CA LYS A 63 -15.12 -2.50 2.15
C LYS A 63 -14.95 -4.01 2.04
N GLY A 64 -13.77 -4.51 2.38
CA GLY A 64 -13.51 -5.93 2.30
C GLY A 64 -13.09 -6.37 0.92
N GLN A 65 -12.46 -5.47 0.17
CA GLN A 65 -12.01 -5.78 -1.19
C GLN A 65 -10.51 -6.00 -1.22
N ARG A 66 -10.09 -7.10 -1.86
CA ARG A 66 -8.67 -7.42 -1.96
C ARG A 66 -7.98 -6.51 -2.97
N VAL A 67 -6.76 -6.09 -2.64
CA VAL A 67 -5.99 -5.21 -3.51
C VAL A 67 -4.49 -5.41 -3.31
N LYS A 68 -3.70 -4.91 -4.25
CA LYS A 68 -2.25 -5.03 -4.19
C LYS A 68 -1.60 -3.67 -3.95
N VAL A 69 -0.85 -3.57 -2.85
CA VAL A 69 -0.18 -2.32 -2.50
C VAL A 69 1.30 -2.55 -2.22
N LYS A 70 2.10 -1.49 -2.34
CA LYS A 70 3.53 -1.59 -2.10
C LYS A 70 3.93 -0.74 -0.91
N VAL A 71 4.90 -1.22 -0.14
CA VAL A 71 5.39 -0.50 1.04
C VAL A 71 6.18 0.74 0.64
N LEU A 72 5.62 1.91 0.91
CA LEU A 72 6.28 3.16 0.59
C LEU A 72 7.29 3.55 1.66
N SER A 73 6.90 3.41 2.92
CA SER A 73 7.77 3.74 4.04
C SER A 73 7.28 3.09 5.33
N PHE A 74 8.21 2.61 6.14
CA PHE A 74 7.87 1.96 7.40
C PHE A 74 8.66 2.58 8.56
N THR A 75 7.93 3.00 9.59
CA THR A 75 8.56 3.61 10.76
C THR A 75 7.85 3.18 12.04
N GLY A 76 8.54 2.37 12.85
CA GLY A 76 7.97 1.91 14.09
C GLY A 76 6.61 1.25 13.90
N THR A 77 5.56 1.98 14.27
CA THR A 77 4.20 1.47 14.14
C THR A 77 3.48 2.12 12.96
N LYS A 78 4.24 2.47 11.93
CA LYS A 78 3.67 3.09 10.74
C LYS A 78 4.00 2.29 9.49
N THR A 79 2.97 1.98 8.71
CA THR A 79 3.16 1.22 7.47
C THR A 79 2.39 1.86 6.32
N SER A 80 3.12 2.50 5.41
CA SER A 80 2.50 3.15 4.26
C SER A 80 2.21 2.13 3.16
N LEU A 81 1.25 2.46 2.29
CA LEU A 81 0.88 1.58 1.20
C LEU A 81 0.43 2.39 -0.03
N SER A 82 0.90 1.98 -1.20
CA SER A 82 0.55 2.68 -2.44
C SER A 82 -0.22 1.75 -3.38
N MET A 83 -1.28 2.28 -3.97
CA MET A 83 -2.10 1.50 -4.90
C MET A 83 -1.68 1.75 -6.35
N LYS A 84 -1.53 3.02 -6.70
CA LYS A 84 -1.13 3.38 -8.06
C LYS A 84 0.13 2.63 -8.48
N ASP A 85 1.24 2.94 -7.84
CA ASP A 85 2.51 2.28 -8.15
C ASP A 85 2.30 0.81 -8.45
N VAL A 86 1.49 0.14 -7.64
CA VAL A 86 1.20 -1.27 -7.82
C VAL A 86 0.06 -1.48 -8.82
N ASP A 87 0.36 -2.15 -9.92
CA ASP A 87 -0.64 -2.41 -10.96
C ASP A 87 -1.72 -3.35 -10.43
N GLN A 88 -2.98 -2.93 -10.56
CA GLN A 88 -4.10 -3.74 -10.10
C GLN A 88 -4.51 -4.76 -11.15
N GLU A 89 -3.51 -5.31 -11.84
CA GLU A 89 -3.75 -6.31 -12.86
C GLU A 89 -2.89 -7.55 -12.64
N THR A 90 -1.65 -7.33 -12.22
CA THR A 90 -0.73 -8.43 -11.97
C THR A 90 0.01 -8.25 -10.65
N GLY A 91 0.42 -7.01 -10.37
CA GLY A 91 1.12 -6.72 -9.13
C GLY A 91 2.59 -6.42 -9.36
N GLU A 92 2.89 -5.80 -10.49
CA GLU A 92 4.27 -5.45 -10.83
C GLU A 92 4.63 -4.07 -10.29
N ASP A 93 5.93 -3.76 -10.28
CA ASP A 93 6.40 -2.47 -9.79
C ASP A 93 6.40 -1.44 -10.91
N LEU A 94 5.36 -0.61 -10.96
CA LEU A 94 5.26 0.43 -11.98
C LEU A 94 6.12 1.63 -11.62
N ASN A 95 6.12 2.00 -10.34
CA ASN A 95 6.90 3.14 -9.88
C ASN A 95 7.65 2.79 -8.60
N PRO A 96 8.86 2.24 -8.75
CA PRO A 96 9.70 1.85 -7.61
C PRO A 96 10.24 3.06 -6.86
N ASN A 97 10.46 4.16 -7.57
CA ASN A 97 10.98 5.38 -6.97
C ASN A 97 10.30 6.62 -7.58
N ARG A 98 9.89 7.54 -6.71
CA ARG A 98 9.24 8.76 -7.17
C ARG A 98 10.10 9.98 -6.84
N ARG A 99 10.89 9.89 -5.78
CA ARG A 99 11.75 10.98 -5.37
C ARG A 99 13.21 10.66 -5.66
N ARG A 100 13.90 11.58 -6.32
CA ARG A 100 15.31 11.39 -6.65
C ARG A 100 16.08 10.80 -5.48
N ASN A 101 17.18 10.13 -5.78
CA ASN A 101 18.01 9.52 -4.75
C ASN A 101 19.11 10.46 -4.30
N LEU A 102 18.84 11.24 -3.26
CA LEU A 102 19.83 12.19 -2.73
C LEU A 102 21.18 11.51 -2.54
N VAL A 103 21.22 10.49 -1.70
CA VAL A 103 22.45 9.76 -1.44
C VAL A 103 23.28 9.60 -2.71
N GLY A 1 25.06 -1.85 6.99
CA GLY A 1 25.31 -2.41 5.68
C GLY A 1 24.07 -3.05 5.08
N SER A 2 24.21 -4.29 4.62
CA SER A 2 23.10 -5.02 4.02
C SER A 2 22.42 -5.93 5.05
N SER A 3 21.13 -5.71 5.25
CA SER A 3 20.36 -6.51 6.20
C SER A 3 19.34 -7.39 5.48
N GLY A 4 18.79 -6.88 4.38
CA GLY A 4 17.81 -7.63 3.62
C GLY A 4 16.45 -7.63 4.28
N SER A 5 15.77 -8.77 4.23
CA SER A 5 14.45 -8.89 4.82
C SER A 5 14.49 -9.74 6.09
N SER A 6 13.34 -9.84 6.77
CA SER A 6 13.25 -10.61 8.00
C SER A 6 12.17 -11.67 7.89
N GLY A 7 10.94 -11.23 7.68
CA GLY A 7 9.83 -12.15 7.56
C GLY A 7 8.56 -11.63 8.21
N GLU A 8 8.71 -10.98 9.36
CA GLU A 8 7.57 -10.42 10.08
C GLU A 8 7.27 -9.00 9.61
N GLU A 9 8.26 -8.13 9.71
CA GLU A 9 8.11 -6.74 9.31
C GLU A 9 8.29 -6.60 7.80
N PRO A 10 7.50 -5.69 7.19
CA PRO A 10 7.55 -5.44 5.75
C PRO A 10 8.85 -4.74 5.34
N THR A 11 9.28 -5.00 4.10
CA THR A 11 10.50 -4.39 3.58
C THR A 11 10.18 -3.27 2.59
N ILE A 12 10.83 -2.13 2.77
CA ILE A 12 10.62 -0.99 1.89
C ILE A 12 11.00 -1.33 0.45
N GLY A 13 10.13 -0.96 -0.49
CA GLY A 13 10.40 -1.23 -1.89
C GLY A 13 9.69 -2.47 -2.39
N ASP A 14 9.52 -3.45 -1.51
CA ASP A 14 8.84 -4.69 -1.86
C ASP A 14 7.33 -4.49 -1.93
N ILE A 15 6.65 -5.35 -2.70
CA ILE A 15 5.21 -5.26 -2.84
C ILE A 15 4.51 -6.36 -2.05
N TYR A 16 3.52 -5.98 -1.26
CA TYR A 16 2.77 -6.94 -0.46
C TYR A 16 1.28 -6.88 -0.78
N ASN A 17 0.54 -7.91 -0.36
CA ASN A 17 -0.89 -7.97 -0.61
C ASN A 17 -1.67 -7.41 0.58
N GLY A 18 -2.76 -6.69 0.29
CA GLY A 18 -3.56 -6.11 1.34
C GLY A 18 -5.03 -6.04 0.98
N LYS A 19 -5.86 -5.64 1.93
CA LYS A 19 -7.30 -5.54 1.70
C LYS A 19 -7.88 -4.32 2.41
N VAL A 20 -8.88 -3.71 1.80
CA VAL A 20 -9.52 -2.53 2.37
C VAL A 20 -10.41 -2.90 3.56
N THR A 21 -10.04 -2.40 4.73
CA THR A 21 -10.80 -2.69 5.95
C THR A 21 -11.80 -1.58 6.25
N SER A 22 -11.39 -0.34 6.04
CA SER A 22 -12.24 0.81 6.29
C SER A 22 -11.95 1.93 5.28
N ILE A 23 -13.00 2.39 4.61
CA ILE A 23 -12.88 3.46 3.63
C ILE A 23 -13.12 4.82 4.25
N MET A 24 -12.12 5.70 4.17
CA MET A 24 -12.23 7.04 4.73
C MET A 24 -12.31 8.09 3.62
N GLN A 25 -12.93 9.23 3.92
CA GLN A 25 -13.06 10.30 2.95
C GLN A 25 -11.72 10.65 2.32
N PHE A 26 -10.67 10.65 3.14
CA PHE A 26 -9.33 10.97 2.68
C PHE A 26 -8.73 9.78 1.92
N GLY A 27 -8.64 8.64 2.60
CA GLY A 27 -8.08 7.46 1.97
C GLY A 27 -8.75 6.19 2.44
N CYS A 28 -8.13 5.05 2.14
CA CYS A 28 -8.67 3.76 2.55
C CYS A 28 -7.65 2.95 3.32
N PHE A 29 -8.09 2.30 4.39
CA PHE A 29 -7.20 1.49 5.22
C PHE A 29 -6.99 0.11 4.60
N VAL A 30 -5.73 -0.22 4.34
CA VAL A 30 -5.39 -1.51 3.75
C VAL A 30 -4.55 -2.35 4.71
N GLN A 31 -5.04 -3.54 5.04
CA GLN A 31 -4.34 -4.44 5.95
C GLN A 31 -3.57 -5.50 5.17
N LEU A 32 -2.29 -5.64 5.49
CA LEU A 32 -1.43 -6.63 4.82
C LEU A 32 -1.87 -8.04 5.17
N GLU A 33 -1.71 -8.95 4.21
CA GLU A 33 -2.08 -10.35 4.43
C GLU A 33 -0.91 -11.28 4.12
N GLY A 34 -0.31 -11.83 5.18
CA GLY A 34 0.82 -12.72 5.01
C GLY A 34 1.83 -12.60 6.13
N LEU A 35 2.18 -11.36 6.47
CA LEU A 35 3.15 -11.11 7.53
C LEU A 35 2.56 -11.44 8.90
N ARG A 36 3.25 -12.31 9.64
CA ARG A 36 2.79 -12.71 10.97
C ARG A 36 2.33 -11.49 11.78
N LYS A 37 3.11 -10.42 11.72
CA LYS A 37 2.80 -9.19 12.44
C LYS A 37 1.73 -8.40 11.72
N ARG A 38 0.48 -8.56 12.14
CA ARG A 38 -0.64 -7.84 11.53
C ARG A 38 -0.33 -6.36 11.41
N TRP A 39 -0.28 -5.87 10.17
CA TRP A 39 0.00 -4.47 9.91
C TRP A 39 -1.18 -3.79 9.23
N GLU A 40 -1.33 -2.48 9.47
CA GLU A 40 -2.42 -1.72 8.87
C GLU A 40 -1.94 -0.34 8.43
N GLY A 41 -1.99 -0.09 7.13
CA GLY A 41 -1.55 1.19 6.60
C GLY A 41 -2.68 1.95 5.93
N LEU A 42 -2.49 3.25 5.74
CA LEU A 42 -3.50 4.09 5.11
C LEU A 42 -3.09 4.46 3.68
N VAL A 43 -4.07 4.55 2.80
CA VAL A 43 -3.81 4.90 1.41
C VAL A 43 -4.46 6.23 1.03
N HIS A 44 -3.66 7.29 1.01
CA HIS A 44 -4.16 8.62 0.68
C HIS A 44 -4.85 8.60 -0.69
N ILE A 45 -5.79 9.53 -0.88
CA ILE A 45 -6.52 9.63 -2.13
C ILE A 45 -5.57 9.65 -3.33
N SER A 46 -4.46 10.36 -3.17
CA SER A 46 -3.47 10.46 -4.24
C SER A 46 -2.86 9.09 -4.56
N GLU A 47 -2.84 8.22 -3.56
CA GLU A 47 -2.30 6.88 -3.73
C GLU A 47 -3.38 5.90 -4.18
N LEU A 48 -4.25 6.36 -5.08
CA LEU A 48 -5.33 5.53 -5.59
C LEU A 48 -5.40 5.60 -7.11
N ARG A 49 -5.08 6.77 -7.66
CA ARG A 49 -5.11 6.97 -9.11
C ARG A 49 -3.74 7.45 -9.62
N ARG A 50 -3.63 7.61 -10.93
CA ARG A 50 -2.38 8.05 -11.54
C ARG A 50 -2.50 9.49 -12.02
N GLU A 51 -3.62 9.81 -12.65
CA GLU A 51 -3.86 11.16 -13.17
C GLU A 51 -5.34 11.38 -13.47
N GLY A 52 -5.85 12.55 -13.12
CA GLY A 52 -7.24 12.86 -13.36
C GLY A 52 -7.79 13.87 -12.38
N ARG A 53 -9.03 13.65 -11.94
CA ARG A 53 -9.68 14.56 -10.99
C ARG A 53 -10.66 13.80 -10.11
N VAL A 54 -10.29 13.57 -8.86
CA VAL A 54 -11.14 12.87 -7.92
C VAL A 54 -11.06 13.49 -6.52
N ALA A 55 -12.21 13.62 -5.88
CA ALA A 55 -12.28 14.18 -4.54
C ALA A 55 -13.10 13.31 -3.59
N ASN A 56 -12.91 12.00 -3.71
CA ASN A 56 -13.63 11.05 -2.86
C ASN A 56 -12.91 9.71 -2.82
N VAL A 57 -13.41 8.80 -1.98
CA VAL A 57 -12.82 7.48 -1.85
C VAL A 57 -13.89 6.39 -1.85
N ALA A 58 -15.03 6.69 -1.26
CA ALA A 58 -16.14 5.74 -1.19
C ALA A 58 -16.40 5.11 -2.56
N ASP A 59 -16.58 5.96 -3.56
CA ASP A 59 -16.84 5.49 -4.92
C ASP A 59 -15.53 5.16 -5.64
N VAL A 60 -14.49 4.91 -4.86
CA VAL A 60 -13.18 4.59 -5.42
C VAL A 60 -12.75 3.17 -5.05
N VAL A 61 -13.03 2.79 -3.80
CA VAL A 61 -12.68 1.47 -3.31
C VAL A 61 -13.89 0.76 -2.70
N SER A 62 -13.75 -0.54 -2.47
CA SER A 62 -14.83 -1.32 -1.89
C SER A 62 -14.40 -1.96 -0.57
N LYS A 63 -15.32 -2.00 0.39
CA LYS A 63 -15.04 -2.58 1.70
C LYS A 63 -14.84 -4.09 1.60
N GLY A 64 -13.75 -4.57 2.19
CA GLY A 64 -13.46 -6.00 2.16
C GLY A 64 -13.04 -6.47 0.78
N GLN A 65 -12.38 -5.60 0.03
CA GLN A 65 -11.92 -5.93 -1.31
C GLN A 65 -10.42 -6.17 -1.33
N ARG A 66 -9.99 -7.21 -2.05
CA ARG A 66 -8.58 -7.55 -2.14
C ARG A 66 -7.86 -6.61 -3.10
N VAL A 67 -6.73 -6.08 -2.65
CA VAL A 67 -5.94 -5.16 -3.46
C VAL A 67 -4.44 -5.34 -3.21
N LYS A 68 -3.63 -4.79 -4.10
CA LYS A 68 -2.18 -4.89 -3.97
C LYS A 68 -1.56 -3.55 -3.59
N VAL A 69 -0.69 -3.57 -2.58
CA VAL A 69 -0.04 -2.34 -2.12
C VAL A 69 1.47 -2.56 -1.98
N LYS A 70 2.22 -1.46 -2.02
CA LYS A 70 3.67 -1.52 -1.90
C LYS A 70 4.15 -0.74 -0.67
N VAL A 71 5.13 -1.30 0.03
CA VAL A 71 5.67 -0.65 1.22
C VAL A 71 6.55 0.54 0.85
N LEU A 72 6.03 1.74 1.03
CA LEU A 72 6.78 2.95 0.72
C LEU A 72 7.79 3.28 1.80
N SER A 73 7.34 3.21 3.06
CA SER A 73 8.20 3.49 4.20
C SER A 73 7.61 2.93 5.48
N PHE A 74 8.47 2.43 6.36
CA PHE A 74 8.04 1.85 7.62
C PHE A 74 8.81 2.48 8.79
N THR A 75 8.07 3.03 9.76
CA THR A 75 8.68 3.64 10.93
C THR A 75 7.84 3.41 12.17
N GLY A 76 8.42 2.75 13.16
CA GLY A 76 7.71 2.48 14.39
C GLY A 76 6.31 1.94 14.15
N THR A 77 5.31 2.68 14.63
CA THR A 77 3.92 2.27 14.46
C THR A 77 3.29 2.93 13.24
N LYS A 78 4.08 3.03 12.17
CA LYS A 78 3.60 3.65 10.93
C LYS A 78 4.02 2.82 9.73
N THR A 79 3.06 2.54 8.85
CA THR A 79 3.32 1.75 7.65
C THR A 79 2.59 2.33 6.44
N SER A 80 3.35 2.94 5.53
CA SER A 80 2.79 3.54 4.34
C SER A 80 2.48 2.48 3.29
N LEU A 81 1.47 2.73 2.47
CA LEU A 81 1.07 1.80 1.42
C LEU A 81 0.65 2.54 0.16
N SER A 82 1.15 2.09 -0.98
CA SER A 82 0.82 2.72 -2.26
C SER A 82 0.06 1.75 -3.15
N MET A 83 -1.05 2.21 -3.70
CA MET A 83 -1.87 1.38 -4.59
C MET A 83 -1.60 1.72 -6.05
N LYS A 84 -1.74 2.99 -6.39
CA LYS A 84 -1.51 3.44 -7.77
C LYS A 84 -0.17 2.94 -8.29
N ASP A 85 0.82 2.87 -7.40
CA ASP A 85 2.15 2.40 -7.78
C ASP A 85 2.10 0.95 -8.23
N VAL A 86 1.29 0.14 -7.55
CA VAL A 86 1.16 -1.27 -7.88
C VAL A 86 -0.11 -1.52 -8.69
N ASP A 87 0.06 -1.75 -9.98
CA ASP A 87 -1.07 -2.01 -10.87
C ASP A 87 -2.04 -3.02 -10.24
N GLN A 88 -3.32 -2.67 -10.20
CA GLN A 88 -4.34 -3.54 -9.63
C GLN A 88 -4.76 -4.61 -10.63
N GLU A 89 -3.79 -5.18 -11.32
CA GLU A 89 -4.07 -6.22 -12.31
C GLU A 89 -3.16 -7.43 -12.10
N THR A 90 -1.85 -7.17 -12.02
CA THR A 90 -0.88 -8.23 -11.83
C THR A 90 -0.03 -7.98 -10.59
N GLY A 91 0.31 -6.72 -10.35
CA GLY A 91 1.12 -6.37 -9.20
C GLY A 91 2.54 -6.02 -9.57
N GLU A 92 2.71 -5.33 -10.70
CA GLU A 92 4.04 -4.95 -11.16
C GLU A 92 4.40 -3.55 -10.67
N ASP A 93 5.66 -3.39 -10.27
CA ASP A 93 6.14 -2.10 -9.77
C ASP A 93 6.12 -1.05 -10.87
N LEU A 94 5.13 -0.17 -10.85
CA LEU A 94 5.00 0.87 -11.85
C LEU A 94 6.03 1.98 -11.62
N ASN A 95 6.31 2.26 -10.35
CA ASN A 95 7.28 3.29 -9.99
C ASN A 95 8.56 2.66 -9.44
N PRO A 96 9.44 2.21 -10.35
CA PRO A 96 10.71 1.59 -9.98
C PRO A 96 11.69 2.59 -9.38
N ASN A 97 11.78 3.76 -9.99
CA ASN A 97 12.68 4.81 -9.52
C ASN A 97 11.97 5.74 -8.54
N ARG A 98 12.26 5.56 -7.26
CA ARG A 98 11.64 6.39 -6.23
C ARG A 98 12.71 7.09 -5.38
N ARG A 99 13.05 8.31 -5.75
CA ARG A 99 14.05 9.08 -5.02
C ARG A 99 13.45 10.37 -4.45
N ARG A 100 12.85 10.26 -3.27
CA ARG A 100 12.23 11.41 -2.62
C ARG A 100 13.27 12.50 -2.36
N ASN A 101 14.45 12.09 -1.89
CA ASN A 101 15.52 13.04 -1.61
C ASN A 101 16.86 12.32 -1.52
N LEU A 102 17.94 13.05 -1.78
CA LEU A 102 19.28 12.49 -1.73
C LEU A 102 20.05 13.02 -0.53
N VAL A 103 20.25 12.16 0.47
CA VAL A 103 20.97 12.54 1.68
C VAL A 103 20.75 14.02 2.00
N GLY A 1 24.39 -15.86 5.11
CA GLY A 1 23.85 -14.99 6.13
C GLY A 1 22.95 -15.72 7.11
N SER A 2 22.06 -14.99 7.77
CA SER A 2 21.16 -15.58 8.75
C SER A 2 20.25 -16.62 8.09
N SER A 3 20.25 -17.82 8.64
CA SER A 3 19.42 -18.91 8.11
C SER A 3 18.18 -19.11 8.97
N GLY A 4 17.02 -19.15 8.32
CA GLY A 4 15.77 -19.34 9.04
C GLY A 4 14.62 -18.59 8.41
N SER A 5 13.45 -18.68 9.03
CA SER A 5 12.25 -18.01 8.51
C SER A 5 12.06 -16.65 9.17
N SER A 6 12.14 -15.59 8.36
CA SER A 6 11.97 -14.23 8.86
C SER A 6 10.96 -13.46 8.03
N GLY A 7 9.70 -13.51 8.45
CA GLY A 7 8.65 -12.80 7.73
C GLY A 7 7.70 -12.08 8.66
N GLU A 8 8.24 -11.14 9.44
CA GLU A 8 7.43 -10.38 10.38
C GLU A 8 7.31 -8.93 9.92
N GLU A 9 8.45 -8.28 9.70
CA GLU A 9 8.47 -6.90 9.26
C GLU A 9 8.54 -6.80 7.74
N PRO A 10 7.67 -5.95 7.16
CA PRO A 10 7.61 -5.75 5.70
C PRO A 10 8.83 -5.03 5.17
N THR A 11 9.31 -5.47 4.01
CA THR A 11 10.48 -4.87 3.38
C THR A 11 10.09 -3.65 2.56
N ILE A 12 10.92 -2.61 2.64
CA ILE A 12 10.66 -1.37 1.90
C ILE A 12 10.98 -1.54 0.41
N GLY A 13 10.13 -0.98 -0.43
CA GLY A 13 10.32 -1.08 -1.87
C GLY A 13 9.69 -2.32 -2.45
N ASP A 14 9.32 -3.26 -1.59
CA ASP A 14 8.71 -4.50 -2.04
C ASP A 14 7.18 -4.37 -2.07
N ILE A 15 6.55 -5.16 -2.92
CA ILE A 15 5.09 -5.13 -3.05
C ILE A 15 4.45 -6.20 -2.17
N TYR A 16 3.36 -5.82 -1.49
CA TYR A 16 2.65 -6.75 -0.61
C TYR A 16 1.15 -6.71 -0.89
N ASN A 17 0.45 -7.76 -0.48
CA ASN A 17 -0.98 -7.85 -0.68
C ASN A 17 -1.75 -7.30 0.53
N GLY A 18 -2.82 -6.57 0.26
CA GLY A 18 -3.61 -6.00 1.34
C GLY A 18 -5.09 -5.97 1.01
N LYS A 19 -5.90 -5.58 1.99
CA LYS A 19 -7.35 -5.50 1.80
C LYS A 19 -7.94 -4.29 2.51
N VAL A 20 -8.93 -3.67 1.90
CA VAL A 20 -9.58 -2.49 2.48
C VAL A 20 -10.50 -2.89 3.62
N THR A 21 -10.08 -2.57 4.84
CA THR A 21 -10.88 -2.88 6.03
C THR A 21 -11.81 -1.73 6.39
N SER A 22 -11.34 -0.51 6.18
CA SER A 22 -12.15 0.68 6.48
C SER A 22 -11.85 1.80 5.49
N ILE A 23 -12.90 2.29 4.84
CA ILE A 23 -12.75 3.36 3.87
C ILE A 23 -12.91 4.73 4.53
N MET A 24 -12.07 5.67 4.12
CA MET A 24 -12.13 7.02 4.67
C MET A 24 -12.18 8.07 3.56
N GLN A 25 -12.83 9.19 3.84
CA GLN A 25 -12.97 10.26 2.86
C GLN A 25 -11.60 10.63 2.28
N PHE A 26 -10.57 10.59 3.11
CA PHE A 26 -9.22 10.92 2.68
C PHE A 26 -8.56 9.73 1.99
N GLY A 27 -8.53 8.60 2.68
CA GLY A 27 -7.92 7.40 2.12
C GLY A 27 -8.63 6.13 2.56
N CYS A 28 -7.97 4.99 2.39
CA CYS A 28 -8.54 3.71 2.76
C CYS A 28 -7.54 2.87 3.54
N PHE A 29 -8.01 2.22 4.60
CA PHE A 29 -7.15 1.39 5.44
C PHE A 29 -6.93 0.02 4.80
N VAL A 30 -5.69 -0.23 4.39
CA VAL A 30 -5.35 -1.51 3.76
C VAL A 30 -4.50 -2.37 4.69
N GLN A 31 -5.05 -3.51 5.08
CA GLN A 31 -4.35 -4.44 5.97
C GLN A 31 -3.55 -5.46 5.17
N LEU A 32 -2.27 -5.57 5.49
CA LEU A 32 -1.38 -6.51 4.80
C LEU A 32 -1.69 -7.94 5.22
N GLU A 33 -1.51 -8.88 4.28
CA GLU A 33 -1.78 -10.28 4.55
C GLU A 33 -0.49 -11.10 4.47
N GLY A 34 -0.47 -12.22 5.18
CA GLY A 34 0.71 -13.08 5.17
C GLY A 34 1.60 -12.85 6.37
N LEU A 35 2.14 -11.63 6.48
CA LEU A 35 3.02 -11.28 7.60
C LEU A 35 2.37 -11.64 8.93
N ARG A 36 3.18 -12.18 9.84
CA ARG A 36 2.69 -12.57 11.17
C ARG A 36 2.19 -11.35 11.94
N LYS A 37 2.95 -10.27 11.90
CA LYS A 37 2.58 -9.04 12.59
C LYS A 37 1.58 -8.23 11.77
N ARG A 38 0.30 -8.39 12.06
CA ARG A 38 -0.74 -7.67 11.35
C ARG A 38 -0.38 -6.20 11.19
N TRP A 39 -0.24 -5.76 9.94
CA TRP A 39 0.10 -4.37 9.65
C TRP A 39 -1.07 -3.64 9.02
N GLU A 40 -1.21 -2.36 9.34
CA GLU A 40 -2.30 -1.55 8.80
C GLU A 40 -1.77 -0.21 8.28
N GLY A 41 -1.95 0.04 6.99
CA GLY A 41 -1.49 1.27 6.40
C GLY A 41 -2.61 2.07 5.75
N LEU A 42 -2.40 3.37 5.61
CA LEU A 42 -3.41 4.24 5.01
C LEU A 42 -2.99 4.67 3.60
N VAL A 43 -3.95 4.67 2.68
CA VAL A 43 -3.68 5.05 1.30
C VAL A 43 -4.47 6.30 0.91
N HIS A 44 -3.76 7.41 0.72
CA HIS A 44 -4.41 8.67 0.35
C HIS A 44 -5.19 8.52 -0.95
N ILE A 45 -6.36 9.14 -1.01
CA ILE A 45 -7.21 9.07 -2.18
C ILE A 45 -6.42 9.41 -3.45
N SER A 46 -5.36 10.19 -3.29
CA SER A 46 -4.52 10.59 -4.41
C SER A 46 -3.70 9.40 -4.92
N GLU A 47 -3.35 8.50 -4.02
CA GLU A 47 -2.57 7.32 -4.38
C GLU A 47 -3.43 6.29 -5.10
N LEU A 48 -4.75 6.39 -4.90
CA LEU A 48 -5.69 5.48 -5.55
C LEU A 48 -5.78 5.75 -7.04
N ARG A 49 -6.25 6.94 -7.39
CA ARG A 49 -6.39 7.33 -8.79
C ARG A 49 -5.21 8.18 -9.24
N ARG A 50 -4.55 7.76 -10.32
CA ARG A 50 -3.40 8.49 -10.85
C ARG A 50 -3.86 9.64 -11.74
N GLU A 51 -4.96 9.43 -12.46
CA GLU A 51 -5.49 10.45 -13.35
C GLU A 51 -5.38 11.84 -12.73
N GLY A 52 -5.88 11.97 -11.51
CA GLY A 52 -5.84 13.24 -10.82
C GLY A 52 -7.01 13.44 -9.88
N ARG A 53 -7.71 14.56 -10.04
CA ARG A 53 -8.86 14.87 -9.19
C ARG A 53 -9.73 13.63 -8.99
N VAL A 54 -10.04 13.32 -7.73
CA VAL A 54 -10.86 12.16 -7.40
C VAL A 54 -12.11 12.58 -6.63
N ALA A 55 -13.24 11.98 -6.99
CA ALA A 55 -14.51 12.29 -6.33
C ALA A 55 -14.46 11.94 -4.85
N ASN A 56 -14.47 10.65 -4.55
CA ASN A 56 -14.42 10.18 -3.17
C ASN A 56 -13.91 8.74 -3.09
N VAL A 57 -13.06 8.47 -2.10
CA VAL A 57 -12.50 7.14 -1.93
C VAL A 57 -13.60 6.09 -1.88
N ALA A 58 -14.63 6.34 -1.08
CA ALA A 58 -15.75 5.41 -0.96
C ALA A 58 -16.09 4.78 -2.30
N ASP A 59 -16.41 5.62 -3.28
CA ASP A 59 -16.76 5.15 -4.61
C ASP A 59 -15.54 4.56 -5.32
N VAL A 60 -14.36 5.01 -4.91
CA VAL A 60 -13.12 4.53 -5.51
C VAL A 60 -12.84 3.08 -5.12
N VAL A 61 -12.63 2.86 -3.81
CA VAL A 61 -12.37 1.51 -3.30
C VAL A 61 -13.62 0.90 -2.70
N SER A 62 -13.54 -0.40 -2.39
CA SER A 62 -14.68 -1.11 -1.80
C SER A 62 -14.27 -1.77 -0.49
N LYS A 63 -15.23 -1.90 0.42
CA LYS A 63 -14.98 -2.52 1.72
C LYS A 63 -14.75 -4.02 1.56
N GLY A 64 -13.74 -4.52 2.27
CA GLY A 64 -13.43 -5.95 2.21
C GLY A 64 -13.00 -6.37 0.81
N GLN A 65 -12.38 -5.47 0.07
CA GLN A 65 -11.93 -5.76 -1.28
C GLN A 65 -10.41 -5.97 -1.32
N ARG A 66 -9.98 -7.07 -1.92
CA ARG A 66 -8.57 -7.39 -2.02
C ARG A 66 -7.86 -6.43 -2.96
N VAL A 67 -6.79 -5.81 -2.49
CA VAL A 67 -6.02 -4.87 -3.29
C VAL A 67 -4.53 -5.02 -3.04
N LYS A 68 -3.73 -4.62 -4.02
CA LYS A 68 -2.28 -4.71 -3.91
C LYS A 68 -1.66 -3.33 -3.69
N VAL A 69 -0.73 -3.24 -2.74
CA VAL A 69 -0.07 -1.98 -2.43
C VAL A 69 1.42 -2.19 -2.23
N LYS A 70 2.18 -1.10 -2.29
CA LYS A 70 3.63 -1.15 -2.11
C LYS A 70 4.04 -0.51 -0.78
N VAL A 71 5.08 -1.04 -0.17
CA VAL A 71 5.58 -0.51 1.10
C VAL A 71 6.51 0.68 0.87
N LEU A 72 6.00 1.88 1.08
CA LEU A 72 6.79 3.09 0.90
C LEU A 72 7.86 3.20 1.98
N SER A 73 7.43 3.12 3.24
CA SER A 73 8.34 3.23 4.37
C SER A 73 7.68 2.73 5.65
N PHE A 74 8.48 2.19 6.56
CA PHE A 74 7.98 1.68 7.83
C PHE A 74 8.76 2.28 9.00
N THR A 75 8.02 2.92 9.91
CA THR A 75 8.65 3.54 11.07
C THR A 75 7.75 3.41 12.31
N GLY A 76 8.16 2.55 13.24
CA GLY A 76 7.38 2.34 14.44
C GLY A 76 6.02 1.75 14.16
N THR A 77 4.97 2.40 14.66
CA THR A 77 3.61 1.92 14.47
C THR A 77 2.94 2.64 13.30
N LYS A 78 3.70 2.88 12.24
CA LYS A 78 3.18 3.55 11.05
C LYS A 78 3.68 2.87 9.78
N THR A 79 2.75 2.34 8.99
CA THR A 79 3.10 1.66 7.75
C THR A 79 2.48 2.39 6.55
N SER A 80 3.34 2.93 5.69
CA SER A 80 2.88 3.64 4.50
C SER A 80 2.69 2.69 3.33
N LEU A 81 1.62 2.91 2.56
CA LEU A 81 1.32 2.07 1.41
C LEU A 81 0.94 2.92 0.21
N SER A 82 1.19 2.38 -0.99
CA SER A 82 0.87 3.08 -2.23
C SER A 82 0.24 2.13 -3.25
N MET A 83 -0.86 2.58 -3.85
CA MET A 83 -1.56 1.79 -4.84
C MET A 83 -1.09 2.13 -6.25
N LYS A 84 -0.78 3.41 -6.46
CA LYS A 84 -0.33 3.87 -7.77
C LYS A 84 0.74 2.95 -8.33
N ASP A 85 1.79 2.73 -7.55
CA ASP A 85 2.89 1.85 -7.97
C ASP A 85 2.53 0.39 -7.77
N VAL A 86 1.29 0.03 -8.12
CA VAL A 86 0.82 -1.35 -7.97
C VAL A 86 -0.41 -1.60 -8.83
N ASP A 87 -0.24 -2.44 -9.85
CA ASP A 87 -1.33 -2.78 -10.75
C ASP A 87 -2.36 -3.67 -10.05
N GLN A 88 -3.63 -3.29 -10.15
CA GLN A 88 -4.70 -4.06 -9.52
C GLN A 88 -5.14 -5.21 -10.44
N GLU A 89 -4.25 -5.65 -11.30
CA GLU A 89 -4.55 -6.74 -12.22
C GLU A 89 -3.59 -7.91 -12.01
N THR A 90 -2.31 -7.60 -11.85
CA THR A 90 -1.30 -8.63 -11.63
C THR A 90 -0.43 -8.31 -10.43
N GLY A 91 -0.16 -7.01 -10.22
CA GLY A 91 0.65 -6.59 -9.10
C GLY A 91 2.10 -6.37 -9.49
N GLU A 92 2.32 -5.86 -10.69
CA GLU A 92 3.66 -5.59 -11.18
C GLU A 92 4.25 -4.33 -10.53
N ASP A 93 5.57 -4.29 -10.45
CA ASP A 93 6.25 -3.14 -9.85
C ASP A 93 6.34 -1.98 -10.83
N LEU A 94 5.29 -1.17 -10.87
CA LEU A 94 5.25 -0.02 -11.77
C LEU A 94 6.24 1.06 -11.33
N ASN A 95 6.41 1.20 -10.03
CA ASN A 95 7.33 2.18 -9.47
C ASN A 95 8.48 2.46 -10.44
N PRO A 96 8.30 3.49 -11.28
CA PRO A 96 9.31 3.88 -12.27
C PRO A 96 10.55 4.49 -11.62
N ASN A 97 10.34 5.27 -10.57
CA ASN A 97 11.43 5.91 -9.86
C ASN A 97 11.13 6.02 -8.37
N ARG A 98 12.12 5.67 -7.55
CA ARG A 98 11.97 5.73 -6.10
C ARG A 98 12.88 6.78 -5.49
N ARG A 99 14.17 6.70 -5.84
CA ARG A 99 15.16 7.65 -5.33
C ARG A 99 14.55 9.05 -5.20
N ARG A 100 14.99 9.79 -4.19
CA ARG A 100 14.50 11.14 -3.96
C ARG A 100 15.55 11.98 -3.24
N ASN A 101 15.35 13.29 -3.25
CA ASN A 101 16.27 14.21 -2.60
C ASN A 101 16.03 14.25 -1.09
N LEU A 102 16.01 13.07 -0.48
CA LEU A 102 15.80 12.97 0.96
C LEU A 102 17.04 12.46 1.67
N VAL A 103 17.84 13.40 2.18
CA VAL A 103 19.08 13.05 2.88
C VAL A 103 18.78 12.62 4.31
N GLY A 1 14.01 -12.59 -6.54
CA GLY A 1 12.98 -13.31 -7.25
C GLY A 1 12.22 -14.27 -6.35
N SER A 2 11.06 -13.84 -5.86
CA SER A 2 10.24 -14.66 -4.98
C SER A 2 11.11 -15.44 -4.00
N SER A 3 12.08 -14.75 -3.41
CA SER A 3 12.99 -15.37 -2.46
C SER A 3 12.61 -15.00 -1.03
N GLY A 4 11.69 -15.77 -0.45
CA GLY A 4 11.25 -15.51 0.91
C GLY A 4 9.82 -15.95 1.15
N SER A 5 9.62 -16.82 2.13
CA SER A 5 8.30 -17.33 2.45
C SER A 5 7.83 -16.80 3.81
N SER A 6 8.66 -16.99 4.83
CA SER A 6 8.34 -16.54 6.18
C SER A 6 9.03 -15.22 6.50
N GLY A 7 8.25 -14.21 6.85
CA GLY A 7 8.82 -12.91 7.18
C GLY A 7 8.31 -12.37 8.49
N GLU A 8 8.98 -11.33 9.01
CA GLU A 8 8.59 -10.73 10.27
C GLU A 8 7.97 -9.35 10.05
N GLU A 9 8.71 -8.47 9.38
CA GLU A 9 8.24 -7.12 9.11
C GLU A 9 8.33 -6.80 7.61
N PRO A 10 7.45 -5.90 7.15
CA PRO A 10 7.42 -5.49 5.74
C PRO A 10 8.64 -4.66 5.36
N THR A 11 9.02 -4.74 4.08
CA THR A 11 10.17 -3.99 3.59
C THR A 11 9.73 -2.84 2.68
N ILE A 12 10.53 -1.77 2.65
CA ILE A 12 10.22 -0.62 1.83
C ILE A 12 10.47 -0.92 0.35
N GLY A 13 9.62 -0.35 -0.51
CA GLY A 13 9.78 -0.56 -1.95
C GLY A 13 9.15 -1.86 -2.40
N ASP A 14 9.12 -2.84 -1.51
CA ASP A 14 8.54 -4.14 -1.83
C ASP A 14 7.01 -4.07 -1.90
N ILE A 15 6.42 -4.93 -2.72
CA ILE A 15 4.98 -4.96 -2.88
C ILE A 15 4.35 -6.08 -2.05
N TYR A 16 3.29 -5.74 -1.32
CA TYR A 16 2.60 -6.72 -0.48
C TYR A 16 1.11 -6.75 -0.80
N ASN A 17 0.44 -7.79 -0.33
CA ASN A 17 -1.00 -7.93 -0.56
C ASN A 17 -1.79 -7.46 0.65
N GLY A 18 -2.85 -6.69 0.39
CA GLY A 18 -3.67 -6.18 1.47
C GLY A 18 -5.13 -6.08 1.09
N LYS A 19 -5.98 -5.71 2.04
CA LYS A 19 -7.41 -5.57 1.79
C LYS A 19 -7.96 -4.32 2.48
N VAL A 20 -8.90 -3.65 1.82
CA VAL A 20 -9.51 -2.45 2.37
C VAL A 20 -10.42 -2.78 3.55
N THR A 21 -9.99 -2.37 4.75
CA THR A 21 -10.77 -2.63 5.96
C THR A 21 -11.76 -1.51 6.23
N SER A 22 -11.38 -0.29 5.86
CA SER A 22 -12.23 0.87 6.07
C SER A 22 -11.94 1.96 5.03
N ILE A 23 -12.99 2.61 4.55
CA ILE A 23 -12.84 3.67 3.56
C ILE A 23 -13.07 5.04 4.19
N MET A 24 -12.05 5.89 4.13
CA MET A 24 -12.15 7.23 4.69
C MET A 24 -12.15 8.28 3.59
N GLN A 25 -12.75 9.43 3.87
CA GLN A 25 -12.82 10.51 2.90
C GLN A 25 -11.43 10.88 2.39
N PHE A 26 -10.42 10.66 3.23
CA PHE A 26 -9.05 10.96 2.86
C PHE A 26 -8.40 9.80 2.12
N GLY A 27 -8.43 8.63 2.74
CA GLY A 27 -7.85 7.44 2.13
C GLY A 27 -8.54 6.16 2.56
N CYS A 28 -7.99 5.03 2.14
CA CYS A 28 -8.56 3.73 2.50
C CYS A 28 -7.54 2.88 3.26
N PHE A 29 -7.96 2.36 4.41
CA PHE A 29 -7.09 1.52 5.23
C PHE A 29 -6.96 0.13 4.64
N VAL A 30 -5.72 -0.28 4.39
CA VAL A 30 -5.46 -1.60 3.82
C VAL A 30 -4.65 -2.46 4.79
N GLN A 31 -5.18 -3.64 5.11
CA GLN A 31 -4.52 -4.56 6.03
C GLN A 31 -3.72 -5.60 5.27
N LEU A 32 -2.44 -5.73 5.62
CA LEU A 32 -1.57 -6.70 4.96
C LEU A 32 -1.99 -8.13 5.27
N GLU A 33 -1.75 -9.03 4.34
CA GLU A 33 -2.11 -10.44 4.52
C GLU A 33 -0.93 -11.35 4.20
N GLY A 34 -0.22 -11.77 5.25
CA GLY A 34 0.93 -12.64 5.06
C GLY A 34 1.88 -12.59 6.24
N LEU A 35 2.43 -11.41 6.52
CA LEU A 35 3.36 -11.24 7.62
C LEU A 35 2.75 -11.73 8.93
N ARG A 36 3.57 -12.39 9.75
CA ARG A 36 3.11 -12.90 11.03
C ARG A 36 2.36 -11.82 11.82
N LYS A 37 3.04 -10.70 12.04
CA LYS A 37 2.45 -9.59 12.78
C LYS A 37 1.42 -8.85 11.94
N ARG A 38 0.30 -8.49 12.54
CA ARG A 38 -0.77 -7.79 11.84
C ARG A 38 -0.42 -6.31 11.66
N TRP A 39 -0.32 -5.88 10.40
CA TRP A 39 0.01 -4.50 10.09
C TRP A 39 -1.21 -3.74 9.60
N GLU A 40 -1.11 -2.42 9.56
CA GLU A 40 -2.21 -1.58 9.11
C GLU A 40 -1.70 -0.30 8.46
N GLY A 41 -1.97 -0.14 7.17
CA GLY A 41 -1.53 1.03 6.45
C GLY A 41 -2.68 1.82 5.85
N LEU A 42 -2.46 3.11 5.63
CA LEU A 42 -3.49 3.97 5.05
C LEU A 42 -3.07 4.48 3.68
N VAL A 43 -3.96 4.33 2.70
CA VAL A 43 -3.69 4.78 1.34
C VAL A 43 -4.32 6.14 1.07
N HIS A 44 -3.50 7.19 1.16
CA HIS A 44 -3.99 8.55 0.93
C HIS A 44 -4.76 8.63 -0.39
N ILE A 45 -5.49 9.72 -0.58
CA ILE A 45 -6.26 9.92 -1.79
C ILE A 45 -5.36 10.00 -3.01
N SER A 46 -4.15 10.51 -2.82
CA SER A 46 -3.18 10.65 -3.90
C SER A 46 -2.58 9.29 -4.25
N GLU A 47 -2.56 8.38 -3.29
CA GLU A 47 -2.01 7.05 -3.50
C GLU A 47 -3.09 6.08 -3.97
N LEU A 48 -3.91 6.54 -4.91
CA LEU A 48 -4.99 5.71 -5.44
C LEU A 48 -4.79 5.46 -6.94
N ARG A 49 -4.77 6.53 -7.72
CA ARG A 49 -4.59 6.42 -9.16
C ARG A 49 -4.13 7.76 -9.75
N ARG A 50 -2.90 7.79 -10.24
CA ARG A 50 -2.35 9.01 -10.83
C ARG A 50 -3.22 9.50 -11.97
N GLU A 51 -3.69 8.58 -12.80
CA GLU A 51 -4.53 8.92 -13.94
C GLU A 51 -5.89 9.46 -13.46
N GLY A 52 -6.11 10.75 -13.65
CA GLY A 52 -7.36 11.36 -13.24
C GLY A 52 -7.28 11.96 -11.85
N ARG A 53 -7.92 13.11 -11.67
CA ARG A 53 -7.92 13.79 -10.37
C ARG A 53 -9.00 13.23 -9.46
N VAL A 54 -8.69 12.13 -8.79
CA VAL A 54 -9.64 11.49 -7.89
C VAL A 54 -10.01 12.42 -6.74
N ALA A 55 -11.20 12.21 -6.17
CA ALA A 55 -11.67 13.02 -5.06
C ALA A 55 -12.26 12.16 -3.95
N ASN A 56 -13.19 11.28 -4.32
CA ASN A 56 -13.83 10.40 -3.35
C ASN A 56 -13.27 8.98 -3.46
N VAL A 57 -12.97 8.38 -2.32
CA VAL A 57 -12.43 7.03 -2.28
C VAL A 57 -13.54 5.99 -2.35
N ALA A 58 -14.74 6.38 -1.91
CA ALA A 58 -15.89 5.48 -1.91
C ALA A 58 -16.05 4.82 -3.28
N ASP A 59 -16.12 5.63 -4.33
CA ASP A 59 -16.27 5.12 -5.68
C ASP A 59 -14.92 4.72 -6.27
N VAL A 60 -13.95 4.50 -5.40
CA VAL A 60 -12.60 4.10 -5.83
C VAL A 60 -12.26 2.70 -5.35
N VAL A 61 -12.57 2.41 -4.09
CA VAL A 61 -12.29 1.10 -3.52
C VAL A 61 -13.55 0.50 -2.90
N SER A 62 -13.48 -0.77 -2.53
CA SER A 62 -14.60 -1.47 -1.93
C SER A 62 -14.24 -1.98 -0.53
N LYS A 63 -15.25 -2.10 0.33
CA LYS A 63 -15.05 -2.58 1.69
C LYS A 63 -14.76 -4.07 1.70
N GLY A 64 -13.70 -4.46 2.40
CA GLY A 64 -13.33 -5.87 2.48
C GLY A 64 -12.95 -6.44 1.13
N GLN A 65 -12.36 -5.61 0.27
CA GLN A 65 -11.95 -6.04 -1.05
C GLN A 65 -10.44 -6.27 -1.11
N ARG A 66 -10.05 -7.40 -1.69
CA ARG A 66 -8.63 -7.73 -1.80
C ARG A 66 -7.95 -6.86 -2.86
N VAL A 67 -6.90 -6.15 -2.44
CA VAL A 67 -6.16 -5.27 -3.34
C VAL A 67 -4.65 -5.41 -3.12
N LYS A 68 -3.88 -4.87 -4.06
CA LYS A 68 -2.43 -4.93 -3.97
C LYS A 68 -1.84 -3.54 -3.70
N VAL A 69 -0.99 -3.46 -2.68
CA VAL A 69 -0.36 -2.21 -2.30
C VAL A 69 1.16 -2.36 -2.21
N LYS A 70 1.86 -1.23 -2.19
CA LYS A 70 3.32 -1.24 -2.10
C LYS A 70 3.79 -0.45 -0.87
N VAL A 71 4.79 -1.00 -0.18
CA VAL A 71 5.33 -0.35 1.01
C VAL A 71 6.12 0.90 0.64
N LEU A 72 5.56 2.06 0.95
CA LEU A 72 6.21 3.33 0.65
C LEU A 72 7.25 3.67 1.72
N SER A 73 6.89 3.46 2.98
CA SER A 73 7.79 3.75 4.09
C SER A 73 7.42 2.92 5.32
N PHE A 74 8.33 2.87 6.28
CA PHE A 74 8.10 2.11 7.51
C PHE A 74 8.90 2.70 8.67
N THR A 75 8.21 3.11 9.72
CA THR A 75 8.85 3.69 10.89
C THR A 75 8.09 3.36 12.17
N GLY A 76 8.69 2.54 13.01
CA GLY A 76 8.06 2.15 14.26
C GLY A 76 6.73 1.45 14.05
N THR A 77 5.63 2.16 14.28
CA THR A 77 4.30 1.61 14.12
C THR A 77 3.57 2.28 12.96
N LYS A 78 4.32 2.67 11.93
CA LYS A 78 3.74 3.32 10.77
C LYS A 78 4.11 2.57 9.49
N THR A 79 3.10 2.19 8.72
CA THR A 79 3.32 1.46 7.47
C THR A 79 2.54 2.10 6.33
N SER A 80 3.24 2.79 5.44
CA SER A 80 2.60 3.45 4.30
C SER A 80 2.30 2.45 3.20
N LEU A 81 1.24 2.71 2.44
CA LEU A 81 0.84 1.83 1.36
C LEU A 81 0.35 2.63 0.16
N SER A 82 0.81 2.25 -1.03
CA SER A 82 0.41 2.94 -2.26
C SER A 82 -0.34 2.00 -3.18
N MET A 83 -1.50 2.46 -3.67
CA MET A 83 -2.32 1.66 -4.58
C MET A 83 -2.08 2.08 -6.02
N LYS A 84 -1.72 3.33 -6.23
CA LYS A 84 -1.46 3.84 -7.57
C LYS A 84 -0.12 3.34 -8.11
N ASP A 85 0.77 2.99 -7.19
CA ASP A 85 2.09 2.48 -7.57
C ASP A 85 2.08 0.96 -7.67
N VAL A 86 0.89 0.38 -7.68
CA VAL A 86 0.74 -1.07 -7.77
C VAL A 86 -0.26 -1.45 -8.87
N ASP A 87 -0.01 -2.58 -9.52
CA ASP A 87 -0.89 -3.05 -10.58
C ASP A 87 -1.84 -4.12 -10.06
N GLN A 88 -3.11 -3.77 -9.93
CA GLN A 88 -4.12 -4.70 -9.44
C GLN A 88 -4.27 -5.88 -10.39
N GLU A 89 -3.76 -5.74 -11.61
CA GLU A 89 -3.83 -6.79 -12.60
C GLU A 89 -2.90 -7.95 -12.24
N THR A 90 -1.61 -7.68 -12.24
CA THR A 90 -0.61 -8.69 -11.90
C THR A 90 0.06 -8.40 -10.57
N GLY A 91 0.27 -7.11 -10.29
CA GLY A 91 0.90 -6.71 -9.05
C GLY A 91 2.40 -6.52 -9.20
N GLU A 92 2.83 -6.07 -10.38
CA GLU A 92 4.24 -5.85 -10.64
C GLU A 92 4.73 -4.58 -9.96
N ASP A 93 6.02 -4.30 -10.09
CA ASP A 93 6.62 -3.13 -9.48
C ASP A 93 6.58 -1.94 -10.45
N LEU A 94 5.55 -1.11 -10.31
CA LEU A 94 5.41 0.06 -11.17
C LEU A 94 6.23 1.23 -10.65
N ASN A 95 7.24 0.93 -9.84
CA ASN A 95 8.11 1.95 -9.27
C ASN A 95 9.53 1.79 -9.79
N PRO A 96 9.70 1.98 -11.11
CA PRO A 96 11.01 1.87 -11.76
C PRO A 96 11.95 3.01 -11.38
N ASN A 97 11.45 4.24 -11.51
CA ASN A 97 12.25 5.41 -11.18
C ASN A 97 11.38 6.49 -10.52
N ARG A 98 11.69 6.78 -9.26
CA ARG A 98 10.94 7.78 -8.51
C ARG A 98 11.67 9.13 -8.51
N ARG A 99 12.09 9.56 -9.69
CA ARG A 99 12.80 10.82 -9.83
C ARG A 99 12.24 11.65 -10.98
N ARG A 100 10.91 11.68 -11.08
CA ARG A 100 10.24 12.43 -12.14
C ARG A 100 9.23 13.42 -11.55
N ASN A 101 8.38 12.91 -10.66
CA ASN A 101 7.36 13.74 -10.03
C ASN A 101 8.00 14.93 -9.29
N LEU A 102 7.33 16.07 -9.31
CA LEU A 102 7.83 17.27 -8.65
C LEU A 102 6.68 18.07 -8.05
N VAL A 103 6.62 18.10 -6.72
CA VAL A 103 5.58 18.84 -6.02
C VAL A 103 5.65 20.32 -6.34
N GLY A 1 23.19 -15.17 11.36
CA GLY A 1 22.49 -14.38 10.36
C GLY A 1 21.48 -15.19 9.59
N SER A 2 20.81 -16.11 10.27
CA SER A 2 19.80 -16.96 9.64
C SER A 2 18.40 -16.37 9.83
N SER A 3 17.73 -16.09 8.73
CA SER A 3 16.39 -15.52 8.76
C SER A 3 15.43 -16.47 9.49
N GLY A 4 15.63 -17.77 9.30
CA GLY A 4 14.78 -18.75 9.95
C GLY A 4 13.32 -18.33 9.97
N SER A 5 12.71 -18.25 8.79
CA SER A 5 11.32 -17.84 8.67
C SER A 5 11.15 -16.36 8.98
N SER A 6 12.00 -15.54 8.39
CA SER A 6 11.96 -14.09 8.60
C SER A 6 10.79 -13.48 7.85
N GLY A 7 9.78 -13.04 8.59
CA GLY A 7 8.61 -12.42 7.98
C GLY A 7 7.75 -11.69 8.98
N GLU A 8 8.36 -10.74 9.69
CA GLU A 8 7.64 -9.96 10.70
C GLU A 8 7.32 -8.56 10.16
N GLU A 9 8.36 -7.82 9.80
CA GLU A 9 8.19 -6.47 9.28
C GLU A 9 8.28 -6.45 7.76
N PRO A 10 7.51 -5.56 7.13
CA PRO A 10 7.49 -5.42 5.67
C PRO A 10 8.79 -4.85 5.11
N THR A 11 9.14 -5.25 3.91
CA THR A 11 10.36 -4.77 3.26
C THR A 11 10.07 -3.58 2.36
N ILE A 12 10.80 -2.49 2.58
CA ILE A 12 10.61 -1.28 1.77
C ILE A 12 11.02 -1.52 0.32
N GLY A 13 10.14 -1.12 -0.60
CA GLY A 13 10.42 -1.30 -2.01
C GLY A 13 9.81 -2.56 -2.56
N ASP A 14 9.31 -3.42 -1.68
CA ASP A 14 8.70 -4.67 -2.09
C ASP A 14 7.17 -4.56 -2.09
N ILE A 15 6.52 -5.29 -2.99
CA ILE A 15 5.08 -5.26 -3.10
C ILE A 15 4.43 -6.32 -2.20
N TYR A 16 3.23 -6.02 -1.71
CA TYR A 16 2.52 -6.95 -0.83
C TYR A 16 1.02 -6.89 -1.09
N ASN A 17 0.30 -7.90 -0.61
CA ASN A 17 -1.14 -7.97 -0.79
C ASN A 17 -1.86 -7.34 0.40
N GLY A 18 -2.99 -6.70 0.14
CA GLY A 18 -3.76 -6.08 1.19
C GLY A 18 -5.26 -6.16 0.96
N LYS A 19 -6.03 -5.76 1.96
CA LYS A 19 -7.49 -5.80 1.86
C LYS A 19 -8.11 -4.63 2.62
N VAL A 20 -8.86 -3.79 1.91
CA VAL A 20 -9.52 -2.64 2.52
C VAL A 20 -10.45 -3.07 3.64
N THR A 21 -10.20 -2.56 4.84
CA THR A 21 -11.02 -2.89 6.00
C THR A 21 -11.97 -1.75 6.35
N SER A 22 -11.53 -0.53 6.10
CA SER A 22 -12.34 0.66 6.39
C SER A 22 -12.00 1.79 5.44
N ILE A 23 -13.02 2.30 4.75
CA ILE A 23 -12.83 3.39 3.80
C ILE A 23 -13.04 4.74 4.47
N MET A 24 -12.30 5.75 4.02
CA MET A 24 -12.41 7.09 4.59
C MET A 24 -12.47 8.13 3.47
N GLN A 25 -13.12 9.26 3.76
CA GLN A 25 -13.25 10.33 2.78
C GLN A 25 -11.89 10.77 2.26
N PHE A 26 -10.85 10.50 3.05
CA PHE A 26 -9.50 10.86 2.67
C PHE A 26 -8.78 9.69 2.00
N GLY A 27 -8.74 8.56 2.68
CA GLY A 27 -8.09 7.39 2.13
C GLY A 27 -8.79 6.09 2.52
N CYS A 28 -8.07 4.99 2.41
CA CYS A 28 -8.63 3.68 2.75
C CYS A 28 -7.62 2.85 3.54
N PHE A 29 -8.08 2.20 4.59
CA PHE A 29 -7.23 1.37 5.43
C PHE A 29 -7.04 -0.01 4.82
N VAL A 30 -5.83 -0.29 4.34
CA VAL A 30 -5.52 -1.57 3.73
C VAL A 30 -4.69 -2.45 4.67
N GLN A 31 -5.22 -3.63 4.98
CA GLN A 31 -4.53 -4.55 5.88
C GLN A 31 -3.70 -5.56 5.08
N LEU A 32 -2.40 -5.57 5.34
CA LEU A 32 -1.49 -6.48 4.65
C LEU A 32 -1.76 -7.93 5.06
N GLU A 33 -1.32 -8.86 4.22
CA GLU A 33 -1.50 -10.29 4.49
C GLU A 33 -0.20 -11.05 4.32
N GLY A 34 -0.14 -12.25 4.89
CA GLY A 34 1.05 -13.06 4.78
C GLY A 34 2.00 -12.88 5.96
N LEU A 35 2.42 -11.64 6.18
CA LEU A 35 3.32 -11.32 7.28
C LEU A 35 2.79 -11.87 8.59
N ARG A 36 3.58 -11.73 9.66
CA ARG A 36 3.19 -12.21 10.98
C ARG A 36 2.47 -11.12 11.76
N LYS A 37 3.14 -9.99 11.94
CA LYS A 37 2.56 -8.86 12.68
C LYS A 37 1.58 -8.09 11.80
N ARG A 38 0.30 -8.21 12.12
CA ARG A 38 -0.75 -7.52 11.37
C ARG A 38 -0.43 -6.04 11.23
N TRP A 39 -0.06 -5.62 10.03
CA TRP A 39 0.27 -4.23 9.76
C TRP A 39 -0.87 -3.54 9.00
N GLU A 40 -1.41 -2.48 9.60
CA GLU A 40 -2.50 -1.73 8.98
C GLU A 40 -2.00 -0.39 8.46
N GLY A 41 -2.09 -0.20 7.14
CA GLY A 41 -1.65 1.04 6.54
C GLY A 41 -2.80 1.84 5.96
N LEU A 42 -2.54 3.12 5.68
CA LEU A 42 -3.56 3.99 5.12
C LEU A 42 -3.13 4.52 3.75
N VAL A 43 -4.06 4.52 2.81
CA VAL A 43 -3.78 5.00 1.46
C VAL A 43 -4.52 6.31 1.19
N HIS A 44 -3.78 7.41 1.17
CA HIS A 44 -4.36 8.72 0.91
C HIS A 44 -5.05 8.76 -0.45
N ILE A 45 -5.89 9.76 -0.66
CA ILE A 45 -6.61 9.91 -1.92
C ILE A 45 -5.65 10.16 -3.07
N SER A 46 -4.44 10.58 -2.75
CA SER A 46 -3.42 10.86 -3.77
C SER A 46 -2.84 9.55 -4.32
N GLU A 47 -2.92 8.49 -3.52
CA GLU A 47 -2.41 7.19 -3.92
C GLU A 47 -3.52 6.31 -4.46
N LEU A 48 -4.35 6.86 -5.35
CA LEU A 48 -5.45 6.13 -5.93
C LEU A 48 -5.50 6.32 -7.45
N ARG A 49 -5.60 7.58 -7.87
CA ARG A 49 -5.65 7.90 -9.29
C ARG A 49 -4.51 8.83 -9.68
N ARG A 50 -3.88 8.54 -10.81
CA ARG A 50 -2.76 9.36 -11.29
C ARG A 50 -3.22 10.34 -12.36
N GLU A 51 -3.67 9.81 -13.49
CA GLU A 51 -4.15 10.65 -14.60
C GLU A 51 -5.67 10.78 -14.56
N GLY A 52 -6.14 11.95 -14.12
CA GLY A 52 -7.56 12.20 -14.04
C GLY A 52 -7.97 12.90 -12.76
N ARG A 53 -9.26 12.87 -12.46
CA ARG A 53 -9.77 13.52 -11.25
C ARG A 53 -10.38 12.48 -10.30
N VAL A 54 -10.42 12.83 -9.02
CA VAL A 54 -10.98 11.94 -8.01
C VAL A 54 -12.12 12.61 -7.26
N ALA A 55 -13.26 11.94 -7.20
CA ALA A 55 -14.43 12.46 -6.50
C ALA A 55 -14.44 12.04 -5.03
N ASN A 56 -14.43 10.73 -4.80
CA ASN A 56 -14.44 10.19 -3.45
C ASN A 56 -13.94 8.76 -3.44
N VAL A 57 -13.10 8.43 -2.44
CA VAL A 57 -12.56 7.09 -2.32
C VAL A 57 -13.66 6.04 -2.34
N ALA A 58 -14.78 6.35 -1.68
CA ALA A 58 -15.91 5.44 -1.62
C ALA A 58 -16.09 4.70 -2.95
N ASP A 59 -16.24 5.46 -4.03
CA ASP A 59 -16.41 4.88 -5.36
C ASP A 59 -15.11 4.28 -5.86
N VAL A 60 -13.99 4.76 -5.33
CA VAL A 60 -12.67 4.27 -5.73
C VAL A 60 -12.46 2.83 -5.25
N VAL A 61 -12.48 2.65 -3.93
CA VAL A 61 -12.28 1.34 -3.33
C VAL A 61 -13.53 0.86 -2.61
N SER A 62 -13.62 -0.44 -2.38
CA SER A 62 -14.77 -1.02 -1.70
C SER A 62 -14.39 -1.46 -0.28
N LYS A 63 -15.38 -1.96 0.46
CA LYS A 63 -15.16 -2.41 1.83
C LYS A 63 -14.86 -3.91 1.85
N GLY A 64 -13.67 -4.26 2.35
CA GLY A 64 -13.30 -5.66 2.43
C GLY A 64 -12.92 -6.23 1.08
N GLN A 65 -12.39 -5.38 0.21
CA GLN A 65 -12.00 -5.82 -1.13
C GLN A 65 -10.48 -6.05 -1.20
N ARG A 66 -10.09 -7.12 -1.90
CA ARG A 66 -8.68 -7.46 -2.03
C ARG A 66 -7.96 -6.44 -2.91
N VAL A 67 -7.02 -5.71 -2.33
CA VAL A 67 -6.26 -4.71 -3.06
C VAL A 67 -4.76 -4.93 -2.90
N LYS A 68 -4.01 -4.66 -3.97
CA LYS A 68 -2.56 -4.83 -3.95
C LYS A 68 -1.87 -3.49 -3.67
N VAL A 69 -0.96 -3.49 -2.69
CA VAL A 69 -0.23 -2.28 -2.34
C VAL A 69 1.25 -2.58 -2.16
N LYS A 70 2.05 -1.52 -2.09
CA LYS A 70 3.50 -1.66 -1.91
C LYS A 70 3.98 -0.92 -0.67
N VAL A 71 4.99 -1.47 -0.01
CA VAL A 71 5.54 -0.86 1.19
C VAL A 71 6.38 0.37 0.85
N LEU A 72 5.88 1.54 1.23
CA LEU A 72 6.60 2.79 0.96
C LEU A 72 7.65 3.05 2.02
N SER A 73 7.27 2.89 3.28
CA SER A 73 8.19 3.11 4.39
C SER A 73 7.58 2.62 5.70
N PHE A 74 8.45 2.26 6.65
CA PHE A 74 7.99 1.77 7.94
C PHE A 74 8.87 2.33 9.06
N THR A 75 8.24 3.01 10.03
CA THR A 75 8.95 3.59 11.16
C THR A 75 8.13 3.51 12.43
N GLY A 76 8.58 2.68 13.36
CA GLY A 76 7.86 2.52 14.63
C GLY A 76 6.48 1.93 14.44
N THR A 77 5.45 2.75 14.66
CA THR A 77 4.07 2.29 14.52
C THR A 77 3.39 2.97 13.35
N LYS A 78 4.11 3.09 12.23
CA LYS A 78 3.58 3.72 11.04
C LYS A 78 4.00 2.96 9.79
N THR A 79 3.03 2.58 8.97
CA THR A 79 3.31 1.84 7.74
C THR A 79 2.59 2.47 6.55
N SER A 80 3.38 3.03 5.62
CA SER A 80 2.82 3.67 4.44
C SER A 80 2.67 2.67 3.30
N LEU A 81 1.54 2.72 2.61
CA LEU A 81 1.28 1.82 1.49
C LEU A 81 0.78 2.59 0.27
N SER A 82 1.13 2.11 -0.91
CA SER A 82 0.72 2.76 -2.15
C SER A 82 -0.09 1.80 -3.02
N MET A 83 -1.09 2.34 -3.71
CA MET A 83 -1.94 1.53 -4.57
C MET A 83 -1.64 1.80 -6.04
N LYS A 84 -1.33 3.06 -6.36
CA LYS A 84 -1.01 3.46 -7.73
C LYS A 84 0.19 2.68 -8.25
N ASP A 85 1.37 3.01 -7.72
CA ASP A 85 2.61 2.34 -8.13
C ASP A 85 2.37 0.85 -8.36
N VAL A 86 1.36 0.30 -7.69
CA VAL A 86 1.04 -1.11 -7.82
C VAL A 86 -0.15 -1.31 -8.77
N ASP A 87 0.01 -2.22 -9.73
CA ASP A 87 -1.04 -2.51 -10.69
C ASP A 87 -2.10 -3.43 -10.08
N GLN A 88 -3.34 -2.94 -10.03
CA GLN A 88 -4.44 -3.72 -9.48
C GLN A 88 -4.75 -4.93 -10.34
N GLU A 89 -4.05 -5.04 -11.47
CA GLU A 89 -4.24 -6.15 -12.39
C GLU A 89 -3.58 -7.41 -11.86
N THR A 90 -2.28 -7.33 -11.59
CA THR A 90 -1.52 -8.46 -11.08
C THR A 90 -0.71 -8.08 -9.86
N GLY A 91 -0.02 -6.94 -9.94
CA GLY A 91 0.78 -6.48 -8.82
C GLY A 91 2.23 -6.28 -9.21
N GLU A 92 2.46 -5.94 -10.47
CA GLU A 92 3.82 -5.72 -10.97
C GLU A 92 4.38 -4.40 -10.44
N ASP A 93 5.69 -4.34 -10.27
CA ASP A 93 6.35 -3.13 -9.78
C ASP A 93 6.45 -2.08 -10.88
N LEU A 94 5.54 -1.12 -10.85
CA LEU A 94 5.52 -0.05 -11.85
C LEU A 94 6.54 1.02 -11.51
N ASN A 95 6.68 1.32 -10.21
CA ASN A 95 7.63 2.33 -9.75
C ASN A 95 8.74 1.69 -8.93
N PRO A 96 9.78 1.19 -9.61
CA PRO A 96 10.92 0.55 -8.96
C PRO A 96 11.79 1.55 -8.19
N ASN A 97 11.90 2.76 -8.73
CA ASN A 97 12.70 3.81 -8.09
C ASN A 97 11.90 5.11 -8.01
N ARG A 98 11.37 5.39 -6.82
CA ARG A 98 10.60 6.60 -6.60
C ARG A 98 11.52 7.79 -6.28
N ARG A 99 10.92 8.96 -6.08
CA ARG A 99 11.68 10.16 -5.76
C ARG A 99 11.04 10.91 -4.60
N ARG A 100 11.84 11.21 -3.59
CA ARG A 100 11.36 11.92 -2.41
C ARG A 100 12.16 13.20 -2.18
N ASN A 101 11.55 14.35 -2.45
CA ASN A 101 12.21 15.64 -2.27
C ASN A 101 11.23 16.68 -1.72
N LEU A 102 11.64 17.36 -0.66
CA LEU A 102 10.80 18.39 -0.05
C LEU A 102 11.00 19.73 -0.75
N VAL A 103 12.24 20.20 -0.78
CA VAL A 103 12.55 21.48 -1.42
C VAL A 103 13.60 21.29 -2.53
N GLY A 1 16.84 -20.65 -3.78
CA GLY A 1 15.81 -20.10 -2.93
C GLY A 1 15.87 -20.63 -1.51
N SER A 2 16.36 -19.79 -0.59
CA SER A 2 16.47 -20.19 0.81
C SER A 2 15.10 -20.22 1.48
N SER A 3 14.71 -21.41 1.95
CA SER A 3 13.42 -21.57 2.62
C SER A 3 13.41 -20.87 3.96
N GLY A 4 12.22 -20.72 4.54
CA GLY A 4 12.09 -20.08 5.83
C GLY A 4 11.04 -18.99 5.83
N SER A 5 11.15 -18.05 4.90
CA SER A 5 10.21 -16.94 4.80
C SER A 5 9.93 -16.33 6.17
N SER A 6 10.99 -16.16 6.96
CA SER A 6 10.88 -15.58 8.29
C SER A 6 10.95 -14.06 8.24
N GLY A 7 9.81 -13.44 7.93
CA GLY A 7 9.76 -11.99 7.85
C GLY A 7 8.57 -11.41 8.58
N GLU A 8 8.79 -10.95 9.81
CA GLU A 8 7.73 -10.38 10.62
C GLU A 8 7.37 -8.98 10.12
N GLU A 9 8.37 -8.12 9.99
CA GLU A 9 8.16 -6.76 9.52
C GLU A 9 8.25 -6.68 8.00
N PRO A 10 7.49 -5.74 7.42
CA PRO A 10 7.47 -5.54 5.96
C PRO A 10 8.78 -4.96 5.44
N THR A 11 8.97 -5.02 4.12
CA THR A 11 10.18 -4.50 3.50
C THR A 11 9.86 -3.34 2.55
N ILE A 12 10.67 -2.29 2.64
CA ILE A 12 10.47 -1.12 1.79
C ILE A 12 10.90 -1.40 0.35
N GLY A 13 10.11 -0.93 -0.60
CA GLY A 13 10.41 -1.13 -2.00
C GLY A 13 9.77 -2.38 -2.57
N ASP A 14 9.31 -3.26 -1.68
CA ASP A 14 8.67 -4.50 -2.09
C ASP A 14 7.15 -4.34 -2.12
N ILE A 15 6.48 -5.26 -2.80
CA ILE A 15 5.03 -5.22 -2.90
C ILE A 15 4.38 -6.31 -2.05
N TYR A 16 3.31 -5.95 -1.36
CA TYR A 16 2.59 -6.90 -0.51
C TYR A 16 1.10 -6.87 -0.79
N ASN A 17 0.40 -7.92 -0.36
CA ASN A 17 -1.04 -8.02 -0.57
C ASN A 17 -1.81 -7.47 0.63
N GLY A 18 -2.84 -6.68 0.35
CA GLY A 18 -3.64 -6.10 1.41
C GLY A 18 -5.10 -5.97 1.04
N LYS A 19 -5.94 -5.75 2.04
CA LYS A 19 -7.38 -5.61 1.81
C LYS A 19 -7.93 -4.39 2.54
N VAL A 20 -8.86 -3.69 1.89
CA VAL A 20 -9.47 -2.50 2.49
C VAL A 20 -10.40 -2.87 3.64
N THR A 21 -9.96 -2.59 4.87
CA THR A 21 -10.75 -2.90 6.05
C THR A 21 -11.74 -1.77 6.35
N SER A 22 -11.35 -0.55 6.02
CA SER A 22 -12.20 0.62 6.27
C SER A 22 -11.90 1.72 5.28
N ILE A 23 -12.95 2.29 4.69
CA ILE A 23 -12.80 3.36 3.71
C ILE A 23 -13.03 4.73 4.36
N MET A 24 -12.06 5.62 4.20
CA MET A 24 -12.16 6.96 4.77
C MET A 24 -12.30 8.01 3.67
N GLN A 25 -12.92 9.13 4.00
CA GLN A 25 -13.12 10.21 3.05
C GLN A 25 -11.79 10.66 2.43
N PHE A 26 -10.72 10.47 3.18
CA PHE A 26 -9.39 10.85 2.72
C PHE A 26 -8.72 9.69 1.98
N GLY A 27 -8.62 8.55 2.65
CA GLY A 27 -7.99 7.38 2.06
C GLY A 27 -8.64 6.08 2.51
N CYS A 28 -7.98 4.97 2.21
CA CYS A 28 -8.49 3.66 2.60
C CYS A 28 -7.46 2.88 3.39
N PHE A 29 -7.88 2.29 4.50
CA PHE A 29 -6.99 1.50 5.35
C PHE A 29 -6.87 0.07 4.85
N VAL A 30 -5.71 -0.26 4.28
CA VAL A 30 -5.46 -1.58 3.76
C VAL A 30 -4.56 -2.39 4.69
N GLN A 31 -5.05 -3.54 5.14
CA GLN A 31 -4.29 -4.40 6.04
C GLN A 31 -3.47 -5.42 5.26
N LEU A 32 -2.19 -5.52 5.58
CA LEU A 32 -1.29 -6.45 4.91
C LEU A 32 -1.58 -7.88 5.35
N GLU A 33 -1.39 -8.82 4.42
CA GLU A 33 -1.64 -10.23 4.71
C GLU A 33 -0.35 -11.04 4.58
N GLY A 34 -0.43 -12.33 4.89
CA GLY A 34 0.73 -13.18 4.81
C GLY A 34 1.64 -13.06 6.01
N LEU A 35 2.12 -11.85 6.27
CA LEU A 35 3.01 -11.60 7.40
C LEU A 35 2.40 -12.15 8.70
N ARG A 36 3.12 -11.97 9.80
CA ARG A 36 2.65 -12.45 11.09
C ARG A 36 1.94 -11.33 11.85
N LYS A 37 2.64 -10.23 12.10
CA LYS A 37 2.07 -9.11 12.81
C LYS A 37 1.13 -8.31 11.91
N ARG A 38 -0.17 -8.41 12.19
CA ARG A 38 -1.17 -7.71 11.40
C ARG A 38 -0.83 -6.23 11.27
N TRP A 39 -0.47 -5.82 10.05
CA TRP A 39 -0.10 -4.43 9.79
C TRP A 39 -1.24 -3.69 9.10
N GLU A 40 -1.49 -2.46 9.53
CA GLU A 40 -2.56 -1.65 8.96
C GLU A 40 -2.01 -0.33 8.43
N GLY A 41 -2.13 -0.13 7.12
CA GLY A 41 -1.64 1.10 6.51
C GLY A 41 -2.75 1.91 5.87
N LEU A 42 -2.53 3.21 5.74
CA LEU A 42 -3.52 4.11 5.14
C LEU A 42 -3.08 4.55 3.75
N VAL A 43 -4.05 4.65 2.85
CA VAL A 43 -3.77 5.07 1.48
C VAL A 43 -4.48 6.38 1.14
N HIS A 44 -3.74 7.48 1.22
CA HIS A 44 -4.29 8.80 0.93
C HIS A 44 -5.01 8.79 -0.42
N ILE A 45 -5.82 9.81 -0.66
CA ILE A 45 -6.55 9.93 -1.91
C ILE A 45 -5.61 10.05 -3.10
N SER A 46 -4.44 10.64 -2.86
CA SER A 46 -3.45 10.82 -3.90
C SER A 46 -2.78 9.49 -4.27
N GLU A 47 -3.02 8.48 -3.43
CA GLU A 47 -2.45 7.16 -3.65
C GLU A 47 -3.49 6.21 -4.25
N LEU A 48 -4.30 6.72 -5.16
CA LEU A 48 -5.33 5.92 -5.81
C LEU A 48 -5.24 6.02 -7.33
N ARG A 49 -5.24 7.25 -7.84
CA ARG A 49 -5.14 7.48 -9.27
C ARG A 49 -3.94 8.35 -9.61
N ARG A 50 -3.29 8.06 -10.73
CA ARG A 50 -2.12 8.81 -11.16
C ARG A 50 -2.34 10.31 -10.98
N GLU A 51 -1.26 11.08 -11.06
CA GLU A 51 -1.34 12.52 -10.91
C GLU A 51 -2.56 13.08 -11.64
N GLY A 52 -3.59 13.41 -10.88
CA GLY A 52 -4.81 13.95 -11.46
C GLY A 52 -5.80 14.44 -10.42
N ARG A 53 -7.07 14.10 -10.61
CA ARG A 53 -8.11 14.51 -9.68
C ARG A 53 -9.05 13.36 -9.37
N VAL A 54 -9.20 13.03 -8.09
CA VAL A 54 -10.06 11.94 -7.66
C VAL A 54 -11.30 12.47 -6.95
N ALA A 55 -12.43 11.81 -7.16
CA ALA A 55 -13.68 12.22 -6.53
C ALA A 55 -13.72 11.79 -5.07
N ASN A 56 -13.83 10.48 -4.83
CA ASN A 56 -13.88 9.95 -3.48
C ASN A 56 -13.41 8.51 -3.45
N VAL A 57 -12.86 8.09 -2.30
CA VAL A 57 -12.36 6.73 -2.14
C VAL A 57 -13.49 5.71 -2.29
N ALA A 58 -14.64 6.02 -1.70
CA ALA A 58 -15.79 5.13 -1.77
C ALA A 58 -15.87 4.45 -3.12
N ASP A 59 -15.98 5.24 -4.18
CA ASP A 59 -16.06 4.71 -5.54
C ASP A 59 -14.74 4.06 -5.95
N VAL A 60 -13.64 4.54 -5.37
CA VAL A 60 -12.33 4.00 -5.67
C VAL A 60 -12.19 2.56 -5.19
N VAL A 61 -12.32 2.37 -3.88
CA VAL A 61 -12.20 1.03 -3.30
C VAL A 61 -13.47 0.67 -2.52
N SER A 62 -13.64 -0.62 -2.27
CA SER A 62 -14.81 -1.10 -1.54
C SER A 62 -14.40 -1.72 -0.20
N LYS A 63 -15.37 -1.89 0.69
CA LYS A 63 -15.11 -2.45 2.00
C LYS A 63 -14.93 -3.97 1.91
N GLY A 64 -13.80 -4.45 2.41
CA GLY A 64 -13.52 -5.88 2.38
C GLY A 64 -13.13 -6.35 1.00
N GLN A 65 -12.50 -5.47 0.23
CA GLN A 65 -12.07 -5.82 -1.13
C GLN A 65 -10.57 -6.08 -1.18
N ARG A 66 -10.19 -7.14 -1.89
CA ARG A 66 -8.79 -7.51 -2.02
C ARG A 66 -8.07 -6.60 -3.01
N VAL A 67 -6.90 -6.11 -2.62
CA VAL A 67 -6.11 -5.23 -3.48
C VAL A 67 -4.62 -5.38 -3.21
N LYS A 68 -3.80 -4.84 -4.10
CA LYS A 68 -2.35 -4.92 -3.96
C LYS A 68 -1.77 -3.55 -3.63
N VAL A 69 -0.94 -3.49 -2.58
CA VAL A 69 -0.31 -2.25 -2.16
C VAL A 69 1.20 -2.39 -2.09
N LYS A 70 1.90 -1.27 -2.18
CA LYS A 70 3.37 -1.27 -2.13
C LYS A 70 3.86 -0.58 -0.86
N VAL A 71 4.92 -1.12 -0.28
CA VAL A 71 5.51 -0.56 0.94
C VAL A 71 6.45 0.59 0.62
N LEU A 72 5.98 1.81 0.85
CA LEU A 72 6.78 3.00 0.59
C LEU A 72 7.83 3.20 1.69
N SER A 73 7.37 3.24 2.93
CA SER A 73 8.27 3.42 4.06
C SER A 73 7.62 2.92 5.36
N PHE A 74 8.44 2.35 6.24
CA PHE A 74 7.96 1.83 7.51
C PHE A 74 8.92 2.19 8.65
N THR A 75 8.38 2.89 9.65
CA THR A 75 9.19 3.30 10.79
C THR A 75 8.36 3.29 12.07
N GLY A 76 8.67 2.34 12.96
CA GLY A 76 7.94 2.23 14.21
C GLY A 76 6.50 1.82 14.02
N THR A 77 5.58 2.62 14.56
CA THR A 77 4.15 2.32 14.44
C THR A 77 3.54 3.07 13.27
N LYS A 78 4.21 3.04 12.13
CA LYS A 78 3.73 3.72 10.93
C LYS A 78 4.12 2.95 9.67
N THR A 79 3.11 2.59 8.88
CA THR A 79 3.36 1.85 7.65
C THR A 79 2.58 2.46 6.48
N SER A 80 3.31 3.06 5.55
CA SER A 80 2.70 3.69 4.38
C SER A 80 2.42 2.66 3.29
N LEU A 81 1.46 2.97 2.42
CA LEU A 81 1.09 2.07 1.34
C LEU A 81 0.57 2.86 0.13
N SER A 82 1.06 2.50 -1.05
CA SER A 82 0.65 3.17 -2.28
C SER A 82 -0.05 2.19 -3.22
N MET A 83 -1.19 2.62 -3.77
CA MET A 83 -1.95 1.79 -4.69
C MET A 83 -1.75 2.24 -6.14
N LYS A 84 -1.71 3.56 -6.34
CA LYS A 84 -1.52 4.13 -7.67
C LYS A 84 -0.22 3.63 -8.29
N ASP A 85 0.73 3.24 -7.44
CA ASP A 85 2.02 2.75 -7.91
C ASP A 85 2.07 1.23 -7.87
N VAL A 86 0.90 0.61 -7.86
CA VAL A 86 0.80 -0.85 -7.83
C VAL A 86 -0.20 -1.36 -8.87
N ASP A 87 0.30 -2.14 -9.82
CA ASP A 87 -0.56 -2.69 -10.87
C ASP A 87 -1.59 -3.64 -10.29
N GLN A 88 -2.85 -3.22 -10.31
CA GLN A 88 -3.93 -4.04 -9.78
C GLN A 88 -4.20 -5.24 -10.68
N GLU A 89 -3.58 -5.24 -11.85
CA GLU A 89 -3.76 -6.34 -12.81
C GLU A 89 -2.90 -7.54 -12.42
N THR A 90 -1.64 -7.27 -12.06
CA THR A 90 -0.72 -8.33 -11.67
C THR A 90 0.00 -7.99 -10.38
N GLY A 91 0.30 -6.70 -10.20
CA GLY A 91 0.98 -6.26 -8.99
C GLY A 91 2.47 -6.08 -9.21
N GLU A 92 2.85 -5.65 -10.40
CA GLU A 92 4.25 -5.44 -10.74
C GLU A 92 4.79 -4.18 -10.07
N ASP A 93 6.12 -4.04 -10.04
CA ASP A 93 6.74 -2.89 -9.43
C ASP A 93 6.80 -1.71 -10.40
N LEU A 94 5.78 -0.84 -10.33
CA LEU A 94 5.71 0.32 -11.20
C LEU A 94 6.80 1.33 -10.86
N ASN A 95 7.14 1.40 -9.58
CA ASN A 95 8.18 2.33 -9.12
C ASN A 95 9.40 1.57 -8.60
N PRO A 96 10.27 1.13 -9.52
CA PRO A 96 11.48 0.39 -9.18
C PRO A 96 12.51 1.27 -8.47
N ASN A 97 12.71 2.48 -8.99
CA ASN A 97 13.67 3.41 -8.41
C ASN A 97 13.04 4.79 -8.20
N ARG A 98 12.88 5.18 -6.94
CA ARG A 98 12.28 6.46 -6.61
C ARG A 98 13.37 7.48 -6.23
N ARG A 99 14.45 7.50 -7.01
CA ARG A 99 15.55 8.42 -6.76
C ARG A 99 15.68 9.43 -7.90
N ARG A 100 15.84 10.70 -7.54
CA ARG A 100 15.97 11.76 -8.54
C ARG A 100 17.04 12.76 -8.11
N ASN A 101 17.69 13.38 -9.11
CA ASN A 101 18.73 14.36 -8.84
C ASN A 101 18.17 15.57 -8.09
N LEU A 102 18.88 15.98 -7.04
CA LEU A 102 18.45 17.12 -6.23
C LEU A 102 18.24 18.36 -7.10
N VAL A 103 17.02 18.86 -7.14
CA VAL A 103 16.69 20.04 -7.92
C VAL A 103 17.80 21.09 -7.83
N GLY A 1 16.22 -19.19 -4.73
CA GLY A 1 14.96 -19.54 -4.12
C GLY A 1 14.35 -18.42 -3.32
N SER A 2 14.28 -17.23 -3.92
CA SER A 2 13.72 -16.07 -3.25
C SER A 2 12.19 -16.06 -3.35
N SER A 3 11.59 -17.21 -3.10
CA SER A 3 10.13 -17.33 -3.16
C SER A 3 9.55 -17.50 -1.77
N GLY A 4 10.07 -16.74 -0.82
CA GLY A 4 9.58 -16.81 0.55
C GLY A 4 9.00 -15.50 1.03
N SER A 5 7.99 -15.58 1.90
CA SER A 5 7.35 -14.39 2.44
C SER A 5 7.49 -14.33 3.96
N SER A 6 8.68 -14.67 4.45
CA SER A 6 8.94 -14.65 5.88
C SER A 6 9.58 -13.33 6.30
N GLY A 7 9.00 -12.72 7.34
CA GLY A 7 9.52 -11.45 7.83
C GLY A 7 8.59 -10.81 8.84
N GLU A 8 9.14 -10.48 10.02
CA GLU A 8 8.37 -9.86 11.08
C GLU A 8 7.90 -8.47 10.66
N GLU A 9 8.85 -7.61 10.29
CA GLU A 9 8.54 -6.26 9.87
C GLU A 9 8.52 -6.14 8.34
N PRO A 10 7.76 -5.16 7.83
CA PRO A 10 7.63 -4.93 6.40
C PRO A 10 8.92 -4.37 5.79
N THR A 11 9.25 -4.85 4.59
CA THR A 11 10.46 -4.40 3.90
C THR A 11 10.14 -3.34 2.85
N ILE A 12 10.92 -2.27 2.85
CA ILE A 12 10.71 -1.18 1.90
C ILE A 12 11.05 -1.62 0.49
N GLY A 13 10.17 -1.29 -0.47
CA GLY A 13 10.39 -1.65 -1.84
C GLY A 13 9.73 -2.96 -2.21
N ASP A 14 9.34 -3.73 -1.20
CA ASP A 14 8.69 -5.02 -1.41
C ASP A 14 7.18 -4.84 -1.60
N ILE A 15 6.61 -5.61 -2.52
CA ILE A 15 5.18 -5.54 -2.79
C ILE A 15 4.43 -6.63 -2.03
N TYR A 16 3.39 -6.22 -1.31
CA TYR A 16 2.59 -7.16 -0.54
C TYR A 16 1.10 -7.02 -0.87
N ASN A 17 0.31 -8.01 -0.47
CA ASN A 17 -1.13 -7.99 -0.74
C ASN A 17 -1.89 -7.36 0.44
N GLY A 18 -2.95 -6.62 0.12
CA GLY A 18 -3.74 -5.97 1.14
C GLY A 18 -5.21 -5.93 0.80
N LYS A 19 -6.04 -5.53 1.76
CA LYS A 19 -7.48 -5.45 1.55
C LYS A 19 -8.07 -4.28 2.32
N VAL A 20 -9.00 -3.57 1.70
CA VAL A 20 -9.64 -2.42 2.33
C VAL A 20 -10.58 -2.87 3.44
N THR A 21 -10.23 -2.52 4.68
CA THR A 21 -11.05 -2.88 5.83
C THR A 21 -11.94 -1.72 6.27
N SER A 22 -11.51 -0.51 5.95
CA SER A 22 -12.26 0.68 6.32
C SER A 22 -11.99 1.82 5.33
N ILE A 23 -13.05 2.40 4.79
CA ILE A 23 -12.93 3.49 3.84
C ILE A 23 -13.13 4.84 4.52
N MET A 24 -12.11 5.69 4.44
CA MET A 24 -12.17 7.02 5.05
C MET A 24 -12.34 8.10 3.99
N GLN A 25 -12.95 9.21 4.38
CA GLN A 25 -13.16 10.32 3.45
C GLN A 25 -11.85 10.75 2.80
N PHE A 26 -10.75 10.56 3.50
CA PHE A 26 -9.44 10.93 2.99
C PHE A 26 -8.82 9.77 2.21
N GLY A 27 -8.67 8.62 2.87
CA GLY A 27 -8.09 7.46 2.21
C GLY A 27 -8.76 6.17 2.64
N CYS A 28 -8.15 5.04 2.28
CA CYS A 28 -8.69 3.74 2.62
C CYS A 28 -7.65 2.88 3.33
N PHE A 29 -8.01 2.31 4.47
CA PHE A 29 -7.11 1.48 5.25
C PHE A 29 -7.00 0.09 4.63
N VAL A 30 -5.80 -0.28 4.22
CA VAL A 30 -5.55 -1.58 3.61
C VAL A 30 -4.72 -2.47 4.53
N GLN A 31 -5.29 -3.61 4.93
CA GLN A 31 -4.61 -4.54 5.81
C GLN A 31 -3.81 -5.57 5.00
N LEU A 32 -2.51 -5.67 5.30
CA LEU A 32 -1.64 -6.61 4.60
C LEU A 32 -1.95 -8.04 5.01
N GLU A 33 -1.81 -8.97 4.07
CA GLU A 33 -2.06 -10.38 4.34
C GLU A 33 -0.82 -11.22 4.05
N GLY A 34 -0.06 -11.51 5.10
CA GLY A 34 1.14 -12.30 4.94
C GLY A 34 2.13 -12.10 6.07
N LEU A 35 2.66 -10.89 6.17
CA LEU A 35 3.62 -10.56 7.21
C LEU A 35 3.21 -11.16 8.55
N ARG A 36 4.15 -11.80 9.22
CA ARG A 36 3.88 -12.42 10.52
C ARG A 36 3.05 -11.50 11.40
N LYS A 37 3.35 -10.20 11.35
CA LYS A 37 2.63 -9.21 12.14
C LYS A 37 1.59 -8.49 11.28
N ARG A 38 0.32 -8.73 11.59
CA ARG A 38 -0.77 -8.10 10.84
C ARG A 38 -0.63 -6.58 10.85
N TRP A 39 -0.05 -6.04 9.78
CA TRP A 39 0.15 -4.60 9.67
C TRP A 39 -1.01 -3.95 8.93
N GLU A 40 -1.32 -2.71 9.30
CA GLU A 40 -2.42 -1.98 8.67
C GLU A 40 -1.96 -0.59 8.22
N GLY A 41 -2.07 -0.33 6.92
CA GLY A 41 -1.66 0.96 6.39
C GLY A 41 -2.81 1.71 5.76
N LEU A 42 -2.62 3.02 5.55
CA LEU A 42 -3.65 3.85 4.95
C LEU A 42 -3.23 4.32 3.56
N VAL A 43 -4.20 4.51 2.68
CA VAL A 43 -3.93 4.98 1.33
C VAL A 43 -4.68 6.26 1.01
N HIS A 44 -3.97 7.38 1.01
CA HIS A 44 -4.57 8.68 0.73
C HIS A 44 -5.31 8.64 -0.60
N ILE A 45 -6.21 9.61 -0.79
CA ILE A 45 -7.00 9.69 -2.01
C ILE A 45 -6.11 9.97 -3.22
N SER A 46 -4.83 10.22 -2.95
CA SER A 46 -3.86 10.50 -4.02
C SER A 46 -3.20 9.21 -4.50
N GLU A 47 -3.21 8.18 -3.65
CA GLU A 47 -2.60 6.90 -4.01
C GLU A 47 -3.67 5.92 -4.45
N LEU A 48 -4.65 6.41 -5.22
CA LEU A 48 -5.73 5.56 -5.72
C LEU A 48 -5.94 5.76 -7.21
N ARG A 49 -5.97 7.02 -7.64
CA ARG A 49 -6.15 7.34 -9.05
C ARG A 49 -4.94 8.10 -9.59
N ARG A 50 -4.54 7.76 -10.81
CA ARG A 50 -3.40 8.41 -11.45
C ARG A 50 -3.82 9.70 -12.14
N GLU A 51 -4.52 9.56 -13.27
CA GLU A 51 -4.98 10.71 -14.02
C GLU A 51 -6.49 10.91 -13.85
N GLY A 52 -6.91 12.17 -13.91
CA GLY A 52 -8.33 12.47 -13.76
C GLY A 52 -8.66 12.95 -12.36
N ARG A 53 -9.66 13.82 -12.25
CA ARG A 53 -10.08 14.35 -10.96
C ARG A 53 -10.83 13.29 -10.15
N VAL A 54 -10.45 13.15 -8.89
CA VAL A 54 -11.07 12.17 -8.00
C VAL A 54 -12.12 12.83 -7.12
N ALA A 55 -13.23 12.12 -6.91
CA ALA A 55 -14.32 12.63 -6.09
C ALA A 55 -14.10 12.30 -4.61
N ASN A 56 -14.27 11.03 -4.26
CA ASN A 56 -14.09 10.58 -2.89
C ASN A 56 -13.76 9.09 -2.85
N VAL A 57 -13.00 8.69 -1.84
CA VAL A 57 -12.62 7.29 -1.67
C VAL A 57 -13.82 6.37 -1.85
N ALA A 58 -14.95 6.75 -1.26
CA ALA A 58 -16.17 5.96 -1.36
C ALA A 58 -16.39 5.46 -2.77
N ASP A 59 -16.43 6.38 -3.73
CA ASP A 59 -16.64 6.03 -5.13
C ASP A 59 -15.31 5.64 -5.79
N VAL A 60 -14.39 5.11 -4.99
CA VAL A 60 -13.09 4.70 -5.51
C VAL A 60 -12.75 3.27 -5.07
N VAL A 61 -12.97 2.99 -3.79
CA VAL A 61 -12.69 1.67 -3.25
C VAL A 61 -13.90 1.10 -2.52
N SER A 62 -13.96 -0.22 -2.41
CA SER A 62 -15.07 -0.88 -1.75
C SER A 62 -14.61 -1.56 -0.45
N LYS A 63 -15.55 -1.81 0.44
CA LYS A 63 -15.25 -2.44 1.72
C LYS A 63 -14.98 -3.93 1.53
N GLY A 64 -13.85 -4.40 2.06
CA GLY A 64 -13.49 -5.80 1.94
C GLY A 64 -13.05 -6.17 0.54
N GLN A 65 -12.41 -5.23 -0.14
CA GLN A 65 -11.93 -5.45 -1.50
C GLN A 65 -10.46 -5.82 -1.51
N ARG A 66 -10.13 -6.93 -2.17
CA ARG A 66 -8.74 -7.39 -2.25
C ARG A 66 -7.94 -6.54 -3.23
N VAL A 67 -6.86 -5.95 -2.75
CA VAL A 67 -6.01 -5.11 -3.59
C VAL A 67 -4.53 -5.35 -3.28
N LYS A 68 -3.66 -4.86 -4.15
CA LYS A 68 -2.22 -5.00 -3.97
C LYS A 68 -1.58 -3.65 -3.69
N VAL A 69 -0.66 -3.62 -2.72
CA VAL A 69 0.05 -2.40 -2.36
C VAL A 69 1.53 -2.67 -2.10
N LYS A 70 2.32 -1.60 -2.06
CA LYS A 70 3.75 -1.72 -1.81
C LYS A 70 4.15 -0.93 -0.57
N VAL A 71 5.23 -1.36 0.06
CA VAL A 71 5.73 -0.70 1.26
C VAL A 71 6.55 0.55 0.90
N LEU A 72 5.98 1.72 1.17
CA LEU A 72 6.65 2.98 0.88
C LEU A 72 7.66 3.33 1.98
N SER A 73 7.23 3.17 3.23
CA SER A 73 8.10 3.47 4.37
C SER A 73 7.58 2.80 5.64
N PHE A 74 8.46 2.62 6.61
CA PHE A 74 8.10 1.99 7.87
C PHE A 74 8.87 2.59 9.03
N THR A 75 8.15 3.18 9.98
CA THR A 75 8.77 3.80 11.15
C THR A 75 7.98 3.51 12.41
N GLY A 76 8.56 2.70 13.30
CA GLY A 76 7.89 2.36 14.54
C GLY A 76 6.44 2.00 14.33
N THR A 77 5.57 2.98 14.50
CA THR A 77 4.13 2.76 14.33
C THR A 77 3.62 3.42 13.06
N LYS A 78 4.42 3.37 12.00
CA LYS A 78 4.04 3.95 10.72
C LYS A 78 4.26 2.97 9.57
N THR A 79 3.22 2.76 8.78
CA THR A 79 3.31 1.84 7.64
C THR A 79 2.57 2.39 6.43
N SER A 80 3.33 2.88 5.45
CA SER A 80 2.74 3.44 4.24
C SER A 80 2.46 2.34 3.21
N LEU A 81 1.50 2.58 2.35
CA LEU A 81 1.13 1.61 1.31
C LEU A 81 0.64 2.33 0.06
N SER A 82 1.19 1.94 -1.09
CA SER A 82 0.82 2.54 -2.36
C SER A 82 0.05 1.54 -3.23
N MET A 83 -1.10 1.96 -3.73
CA MET A 83 -1.93 1.11 -4.58
C MET A 83 -1.60 1.33 -6.06
N LYS A 84 -1.25 2.56 -6.41
CA LYS A 84 -0.92 2.90 -7.79
C LYS A 84 0.38 2.24 -8.20
N ASP A 85 1.44 2.47 -7.43
CA ASP A 85 2.74 1.90 -7.72
C ASP A 85 2.64 0.39 -7.94
N VAL A 86 1.55 -0.20 -7.45
CA VAL A 86 1.33 -1.64 -7.59
C VAL A 86 0.07 -1.92 -8.40
N ASP A 87 0.25 -2.35 -9.65
CA ASP A 87 -0.85 -2.65 -10.53
C ASP A 87 -1.88 -3.53 -9.83
N GLN A 88 -3.10 -3.59 -10.37
CA GLN A 88 -4.15 -4.40 -9.80
C GLN A 88 -4.58 -5.51 -10.75
N GLU A 89 -4.09 -5.45 -11.98
CA GLU A 89 -4.42 -6.44 -12.99
C GLU A 89 -3.37 -7.55 -13.02
N THR A 90 -2.14 -7.21 -12.65
CA THR A 90 -1.05 -8.18 -12.64
C THR A 90 -0.33 -8.17 -11.30
N GLY A 91 -0.23 -7.00 -10.68
CA GLY A 91 0.43 -6.88 -9.40
C GLY A 91 1.95 -6.87 -9.52
N GLU A 92 2.44 -6.32 -10.64
CA GLU A 92 3.88 -6.26 -10.88
C GLU A 92 4.49 -5.04 -10.19
N ASP A 93 5.80 -4.87 -10.35
CA ASP A 93 6.50 -3.74 -9.75
C ASP A 93 6.64 -2.60 -10.75
N LEU A 94 5.69 -1.68 -10.73
CA LEU A 94 5.71 -0.53 -11.63
C LEU A 94 6.89 0.37 -11.33
N ASN A 95 7.30 0.42 -10.07
CA ASN A 95 8.43 1.25 -9.65
C ASN A 95 9.44 0.43 -8.87
N PRO A 96 10.35 -0.25 -9.59
CA PRO A 96 11.39 -1.07 -8.99
C PRO A 96 12.45 -0.24 -8.27
N ASN A 97 12.88 0.84 -8.91
CA ASN A 97 13.89 1.72 -8.32
C ASN A 97 13.28 3.04 -7.89
N ARG A 98 13.69 3.53 -6.72
CA ARG A 98 13.18 4.78 -6.19
C ARG A 98 14.32 5.67 -5.70
N ARG A 99 14.28 6.94 -6.09
CA ARG A 99 15.30 7.90 -5.70
C ARG A 99 15.65 7.74 -4.21
N ARG A 100 16.86 7.26 -3.95
CA ARG A 100 17.32 7.05 -2.57
C ARG A 100 17.82 8.37 -1.97
N ASN A 101 16.93 9.08 -1.31
CA ASN A 101 17.28 10.36 -0.68
C ASN A 101 16.79 10.42 0.75
N LEU A 102 17.20 11.47 1.47
CA LEU A 102 16.79 11.64 2.86
C LEU A 102 15.41 12.28 2.95
N VAL A 103 14.50 11.84 2.09
CA VAL A 103 13.14 12.36 2.08
C VAL A 103 12.58 12.46 3.49
N GLY A 1 21.21 -17.54 16.63
CA GLY A 1 19.79 -17.75 16.41
C GLY A 1 19.47 -18.13 14.98
N SER A 2 19.22 -19.42 14.76
CA SER A 2 18.90 -19.91 13.43
C SER A 2 17.40 -19.91 13.19
N SER A 3 16.99 -19.37 12.04
CA SER A 3 15.57 -19.30 11.69
C SER A 3 15.36 -19.54 10.20
N GLY A 4 14.18 -20.03 9.83
CA GLY A 4 13.88 -20.30 8.45
C GLY A 4 13.50 -19.04 7.69
N SER A 5 12.24 -18.95 7.28
CA SER A 5 11.76 -17.79 6.53
C SER A 5 11.02 -16.84 7.45
N SER A 6 11.76 -15.94 8.09
CA SER A 6 11.17 -14.97 8.99
C SER A 6 10.68 -13.74 8.24
N GLY A 7 9.43 -13.37 8.46
CA GLY A 7 8.86 -12.21 7.79
C GLY A 7 7.93 -11.42 8.69
N GLU A 8 8.40 -11.08 9.88
CA GLU A 8 7.61 -10.32 10.84
C GLU A 8 7.47 -8.87 10.40
N GLU A 9 8.60 -8.26 10.04
CA GLU A 9 8.60 -6.87 9.59
C GLU A 9 8.64 -6.78 8.07
N PRO A 10 7.74 -5.97 7.50
CA PRO A 10 7.65 -5.79 6.05
C PRO A 10 8.84 -5.00 5.48
N THR A 11 9.34 -5.45 4.34
CA THR A 11 10.47 -4.80 3.70
C THR A 11 10.03 -3.62 2.85
N ILE A 12 10.84 -2.56 2.85
CA ILE A 12 10.52 -1.36 2.08
C ILE A 12 10.80 -1.57 0.60
N GLY A 13 9.90 -1.06 -0.24
CA GLY A 13 10.06 -1.20 -1.69
C GLY A 13 9.45 -2.48 -2.22
N ASP A 14 9.22 -3.44 -1.32
CA ASP A 14 8.63 -4.72 -1.71
C ASP A 14 7.11 -4.62 -1.77
N ILE A 15 6.52 -5.30 -2.75
CA ILE A 15 5.06 -5.29 -2.91
C ILE A 15 4.41 -6.38 -2.08
N TYR A 16 3.30 -6.04 -1.44
CA TYR A 16 2.58 -7.00 -0.61
C TYR A 16 1.08 -6.94 -0.91
N ASN A 17 0.37 -7.99 -0.50
CA ASN A 17 -1.07 -8.08 -0.72
C ASN A 17 -1.84 -7.50 0.45
N GLY A 18 -2.90 -6.75 0.17
CA GLY A 18 -3.70 -6.16 1.21
C GLY A 18 -5.16 -6.00 0.81
N LYS A 19 -6.01 -5.75 1.79
CA LYS A 19 -7.44 -5.57 1.53
C LYS A 19 -7.98 -4.36 2.28
N VAL A 20 -8.98 -3.71 1.71
CA VAL A 20 -9.59 -2.53 2.32
C VAL A 20 -10.48 -2.93 3.49
N THR A 21 -10.06 -2.55 4.70
CA THR A 21 -10.82 -2.87 5.90
C THR A 21 -11.78 -1.74 6.26
N SER A 22 -11.36 -0.50 6.00
CA SER A 22 -12.18 0.66 6.29
C SER A 22 -11.90 1.79 5.31
N ILE A 23 -12.96 2.29 4.66
CA ILE A 23 -12.82 3.37 3.69
C ILE A 23 -13.02 4.73 4.35
N MET A 24 -12.01 5.57 4.27
CA MET A 24 -12.09 6.91 4.86
C MET A 24 -12.15 7.98 3.77
N GLN A 25 -12.75 9.12 4.11
CA GLN A 25 -12.87 10.22 3.15
C GLN A 25 -11.52 10.58 2.55
N PHE A 26 -10.48 10.55 3.38
CA PHE A 26 -9.14 10.88 2.93
C PHE A 26 -8.52 9.71 2.15
N GLY A 27 -8.43 8.56 2.81
CA GLY A 27 -7.87 7.38 2.18
C GLY A 27 -8.57 6.11 2.59
N CYS A 28 -7.94 4.97 2.29
CA CYS A 28 -8.52 3.67 2.64
C CYS A 28 -7.53 2.83 3.43
N PHE A 29 -8.00 2.26 4.53
CA PHE A 29 -7.16 1.43 5.39
C PHE A 29 -6.99 0.03 4.78
N VAL A 30 -5.77 -0.26 4.33
CA VAL A 30 -5.47 -1.55 3.73
C VAL A 30 -4.66 -2.42 4.68
N GLN A 31 -5.15 -3.63 4.95
CA GLN A 31 -4.48 -4.55 5.84
C GLN A 31 -3.65 -5.57 5.06
N LEU A 32 -2.37 -5.67 5.40
CA LEU A 32 -1.47 -6.59 4.72
C LEU A 32 -1.76 -8.03 5.15
N GLU A 33 -1.42 -8.98 4.28
CA GLU A 33 -1.64 -10.39 4.56
C GLU A 33 -0.35 -11.19 4.39
N GLY A 34 -0.19 -12.23 5.19
CA GLY A 34 1.00 -13.06 5.11
C GLY A 34 1.98 -12.78 6.24
N LEU A 35 2.28 -11.51 6.46
CA LEU A 35 3.22 -11.12 7.51
C LEU A 35 2.73 -11.59 8.87
N ARG A 36 3.66 -11.98 9.72
CA ARG A 36 3.33 -12.46 11.06
C ARG A 36 2.58 -11.38 11.84
N LYS A 37 3.10 -10.16 11.80
CA LYS A 37 2.48 -9.04 12.50
C LYS A 37 1.43 -8.36 11.63
N ARG A 38 0.22 -8.23 12.14
CA ARG A 38 -0.87 -7.60 11.41
C ARG A 38 -0.62 -6.09 11.26
N TRP A 39 -0.07 -5.70 10.12
CA TRP A 39 0.22 -4.30 9.86
C TRP A 39 -0.95 -3.62 9.16
N GLU A 40 -1.27 -2.40 9.59
CA GLU A 40 -2.37 -1.64 9.00
C GLU A 40 -1.88 -0.32 8.44
N GLY A 41 -2.00 -0.15 7.12
CA GLY A 41 -1.57 1.07 6.48
C GLY A 41 -2.72 1.82 5.84
N LEU A 42 -2.52 3.12 5.61
CA LEU A 42 -3.54 3.95 5.00
C LEU A 42 -3.10 4.44 3.62
N VAL A 43 -4.06 4.57 2.71
CA VAL A 43 -3.77 5.03 1.35
C VAL A 43 -4.55 6.30 1.03
N HIS A 44 -3.86 7.43 1.03
CA HIS A 44 -4.47 8.72 0.73
C HIS A 44 -5.13 8.69 -0.64
N ILE A 45 -6.18 9.50 -0.80
CA ILE A 45 -6.90 9.58 -2.07
C ILE A 45 -5.94 9.85 -3.23
N SER A 46 -4.79 10.44 -2.91
CA SER A 46 -3.79 10.75 -3.92
C SER A 46 -3.15 9.49 -4.48
N GLU A 47 -2.93 8.51 -3.60
CA GLU A 47 -2.32 7.25 -4.00
C GLU A 47 -3.37 6.28 -4.52
N LEU A 48 -4.46 6.83 -5.06
CA LEU A 48 -5.54 6.01 -5.59
C LEU A 48 -5.73 6.26 -7.08
N ARG A 49 -5.82 7.53 -7.46
CA ARG A 49 -6.01 7.91 -8.86
C ARG A 49 -4.67 8.19 -9.52
N ARG A 50 -4.66 8.17 -10.85
CA ARG A 50 -3.43 8.42 -11.61
C ARG A 50 -3.60 9.65 -12.49
N GLU A 51 -4.53 9.56 -13.45
CA GLU A 51 -4.78 10.66 -14.36
C GLU A 51 -6.27 11.01 -14.40
N GLY A 52 -6.84 11.28 -13.23
CA GLY A 52 -8.24 11.63 -13.16
C GLY A 52 -8.64 12.14 -11.78
N ARG A 53 -9.91 12.49 -11.63
CA ARG A 53 -10.41 13.00 -10.36
C ARG A 53 -11.53 12.11 -9.82
N VAL A 54 -11.70 12.12 -8.50
CA VAL A 54 -12.73 11.31 -7.86
C VAL A 54 -13.31 12.02 -6.64
N ALA A 55 -14.63 11.99 -6.51
CA ALA A 55 -15.29 12.62 -5.38
C ALA A 55 -14.67 12.19 -4.06
N ASN A 56 -14.70 10.89 -3.79
CA ASN A 56 -14.14 10.35 -2.56
C ASN A 56 -13.71 8.90 -2.74
N VAL A 57 -12.89 8.41 -1.82
CA VAL A 57 -12.40 7.03 -1.88
C VAL A 57 -13.57 6.05 -1.98
N ALA A 58 -14.67 6.37 -1.32
CA ALA A 58 -15.84 5.51 -1.33
C ALA A 58 -16.05 4.88 -2.70
N ASP A 59 -16.20 5.72 -3.72
CA ASP A 59 -16.41 5.25 -5.08
C ASP A 59 -15.14 4.58 -5.62
N VAL A 60 -13.99 4.98 -5.09
CA VAL A 60 -12.71 4.42 -5.51
C VAL A 60 -12.59 2.96 -5.08
N VAL A 61 -12.56 2.74 -3.77
CA VAL A 61 -12.45 1.39 -3.23
C VAL A 61 -13.68 1.01 -2.42
N SER A 62 -13.93 -0.29 -2.29
CA SER A 62 -15.08 -0.78 -1.54
C SER A 62 -14.63 -1.47 -0.25
N LYS A 63 -15.60 -1.89 0.55
CA LYS A 63 -15.30 -2.57 1.80
C LYS A 63 -15.15 -4.07 1.59
N GLY A 64 -14.01 -4.62 2.02
CA GLY A 64 -13.76 -6.04 1.87
C GLY A 64 -13.31 -6.40 0.47
N GLN A 65 -12.64 -5.47 -0.19
CA GLN A 65 -12.15 -5.69 -1.55
C GLN A 65 -10.64 -5.95 -1.55
N ARG A 66 -10.24 -6.99 -2.26
CA ARG A 66 -8.83 -7.35 -2.34
C ARG A 66 -8.07 -6.40 -3.28
N VAL A 67 -6.86 -6.03 -2.88
CA VAL A 67 -6.04 -5.12 -3.67
C VAL A 67 -4.56 -5.35 -3.41
N LYS A 68 -3.71 -4.83 -4.30
CA LYS A 68 -2.27 -4.97 -4.15
C LYS A 68 -1.62 -3.63 -3.84
N VAL A 69 -0.80 -3.59 -2.80
CA VAL A 69 -0.13 -2.37 -2.39
C VAL A 69 1.36 -2.61 -2.18
N LYS A 70 2.13 -1.53 -2.09
CA LYS A 70 3.57 -1.62 -1.89
C LYS A 70 4.00 -0.82 -0.66
N VAL A 71 5.00 -1.32 0.05
CA VAL A 71 5.51 -0.66 1.25
C VAL A 71 6.42 0.50 0.88
N LEU A 72 5.92 1.72 1.03
CA LEU A 72 6.69 2.91 0.72
C LEU A 72 7.75 3.18 1.79
N SER A 73 7.36 3.03 3.05
CA SER A 73 8.27 3.25 4.17
C SER A 73 7.61 2.87 5.49
N PHE A 74 8.41 2.30 6.38
CA PHE A 74 7.91 1.88 7.69
C PHE A 74 8.71 2.53 8.82
N THR A 75 8.03 3.35 9.62
CA THR A 75 8.68 4.04 10.72
C THR A 75 7.91 3.85 12.02
N GLY A 76 8.50 3.14 12.97
CA GLY A 76 7.84 2.91 14.24
C GLY A 76 6.49 2.27 14.08
N THR A 77 5.44 3.03 14.40
CA THR A 77 4.07 2.52 14.29
C THR A 77 3.35 3.17 13.12
N LYS A 78 4.07 3.34 12.01
CA LYS A 78 3.49 3.93 10.80
C LYS A 78 3.92 3.18 9.55
N THR A 79 2.98 2.47 8.94
CA THR A 79 3.27 1.70 7.74
C THR A 79 2.53 2.26 6.54
N SER A 80 3.27 2.92 5.65
CA SER A 80 2.68 3.50 4.44
C SER A 80 2.47 2.45 3.37
N LEU A 81 1.53 2.72 2.47
CA LEU A 81 1.23 1.79 1.38
C LEU A 81 0.82 2.54 0.12
N SER A 82 1.22 2.02 -1.03
CA SER A 82 0.89 2.65 -2.31
C SER A 82 0.06 1.71 -3.18
N MET A 83 -0.94 2.27 -3.86
CA MET A 83 -1.82 1.49 -4.72
C MET A 83 -1.55 1.80 -6.19
N LYS A 84 -1.67 3.08 -6.55
CA LYS A 84 -1.45 3.51 -7.93
C LYS A 84 -0.10 3.01 -8.44
N ASP A 85 0.90 3.05 -7.57
CA ASP A 85 2.25 2.59 -7.94
C ASP A 85 2.27 1.08 -8.12
N VAL A 86 1.26 0.40 -7.59
CA VAL A 86 1.17 -1.05 -7.70
C VAL A 86 -0.05 -1.46 -8.52
N ASP A 87 0.18 -1.82 -9.78
CA ASP A 87 -0.90 -2.25 -10.67
C ASP A 87 -1.81 -3.24 -9.96
N GLN A 88 -3.05 -3.35 -10.46
CA GLN A 88 -4.02 -4.27 -9.88
C GLN A 88 -4.30 -5.44 -10.83
N GLU A 89 -3.87 -5.30 -12.07
CA GLU A 89 -4.07 -6.34 -13.07
C GLU A 89 -2.97 -7.39 -12.99
N THR A 90 -1.78 -6.98 -12.59
CA THR A 90 -0.65 -7.89 -12.47
C THR A 90 0.09 -7.69 -11.15
N GLY A 91 0.13 -6.44 -10.69
CA GLY A 91 0.81 -6.14 -9.44
C GLY A 91 2.31 -6.04 -9.60
N GLU A 92 2.75 -5.44 -10.70
CA GLU A 92 4.18 -5.28 -10.98
C GLU A 92 4.70 -3.98 -10.39
N ASP A 93 6.01 -3.93 -10.16
CA ASP A 93 6.64 -2.74 -9.59
C ASP A 93 6.68 -1.61 -10.62
N LEU A 94 5.83 -0.61 -10.42
CA LEU A 94 5.78 0.53 -11.33
C LEU A 94 6.61 1.70 -10.80
N ASN A 95 7.69 1.37 -10.11
CA ASN A 95 8.58 2.39 -9.55
C ASN A 95 9.93 2.40 -10.26
N PRO A 96 9.98 3.06 -11.43
CA PRO A 96 11.20 3.15 -12.23
C PRO A 96 12.26 4.02 -11.58
N ASN A 97 11.86 4.76 -10.54
CA ASN A 97 12.78 5.64 -9.83
C ASN A 97 12.11 6.25 -8.59
N ARG A 98 12.91 6.72 -7.66
CA ARG A 98 12.40 7.32 -6.44
C ARG A 98 13.20 8.57 -6.06
N ARG A 99 12.53 9.72 -6.07
CA ARG A 99 13.19 10.98 -5.73
C ARG A 99 13.76 10.93 -4.32
N ARG A 100 14.95 11.49 -4.16
CA ARG A 100 15.61 11.51 -2.85
C ARG A 100 15.55 12.91 -2.23
N ASN A 101 14.47 13.18 -1.51
CA ASN A 101 14.29 14.48 -0.87
C ASN A 101 14.85 14.46 0.55
N LEU A 102 15.51 15.54 0.92
CA LEU A 102 16.09 15.65 2.27
C LEU A 102 15.01 15.63 3.34
N VAL A 103 14.13 16.62 3.31
CA VAL A 103 13.05 16.72 4.27
C VAL A 103 12.09 15.53 4.15
N GLY A 1 18.79 -2.42 15.14
CA GLY A 1 18.37 -3.68 15.72
C GLY A 1 17.76 -4.62 14.70
N SER A 2 17.74 -5.91 15.03
CA SER A 2 17.18 -6.91 14.13
C SER A 2 15.82 -7.40 14.64
N SER A 3 14.76 -6.88 14.02
CA SER A 3 13.40 -7.26 14.41
C SER A 3 12.79 -8.20 13.38
N GLY A 4 12.98 -7.89 12.10
CA GLY A 4 12.44 -8.72 11.05
C GLY A 4 13.37 -9.86 10.67
N SER A 5 13.07 -11.06 11.15
CA SER A 5 13.89 -12.23 10.87
C SER A 5 13.07 -13.30 10.15
N SER A 6 11.99 -13.74 10.79
CA SER A 6 11.13 -14.77 10.22
C SER A 6 9.80 -14.18 9.77
N GLY A 7 9.81 -13.58 8.58
CA GLY A 7 8.60 -12.97 8.05
C GLY A 7 7.79 -12.26 9.12
N GLU A 8 8.31 -11.15 9.62
CA GLU A 8 7.64 -10.37 10.65
C GLU A 8 7.38 -8.95 10.17
N GLU A 9 8.44 -8.28 9.70
CA GLU A 9 8.32 -6.91 9.23
C GLU A 9 8.45 -6.86 7.70
N PRO A 10 7.69 -5.94 7.08
CA PRO A 10 7.71 -5.76 5.63
C PRO A 10 9.02 -5.16 5.13
N THR A 11 9.08 -4.88 3.83
CA THR A 11 10.27 -4.30 3.23
C THR A 11 9.93 -3.13 2.31
N ILE A 12 10.74 -2.08 2.37
CA ILE A 12 10.51 -0.90 1.54
C ILE A 12 10.73 -1.21 0.06
N GLY A 13 9.90 -0.64 -0.79
CA GLY A 13 10.02 -0.86 -2.23
C GLY A 13 9.44 -2.20 -2.65
N ASP A 14 9.13 -3.04 -1.67
CA ASP A 14 8.57 -4.36 -1.96
C ASP A 14 7.04 -4.29 -2.02
N ILE A 15 6.46 -5.07 -2.93
CA ILE A 15 5.01 -5.10 -3.09
C ILE A 15 4.39 -6.21 -2.25
N TYR A 16 3.40 -5.86 -1.45
CA TYR A 16 2.71 -6.82 -0.59
C TYR A 16 1.22 -6.82 -0.85
N ASN A 17 0.54 -7.86 -0.37
CA ASN A 17 -0.90 -7.99 -0.56
C ASN A 17 -1.65 -7.45 0.66
N GLY A 18 -2.77 -6.78 0.42
CA GLY A 18 -3.56 -6.23 1.50
C GLY A 18 -5.04 -6.21 1.19
N LYS A 19 -5.83 -5.66 2.10
CA LYS A 19 -7.27 -5.56 1.92
C LYS A 19 -7.84 -4.34 2.64
N VAL A 20 -8.78 -3.66 1.99
CA VAL A 20 -9.40 -2.48 2.57
C VAL A 20 -10.30 -2.85 3.74
N THR A 21 -10.00 -2.30 4.92
CA THR A 21 -10.79 -2.58 6.11
C THR A 21 -11.71 -1.41 6.45
N SER A 22 -11.27 -0.21 6.12
CA SER A 22 -12.06 0.99 6.38
C SER A 22 -11.81 2.06 5.32
N ILE A 23 -12.89 2.59 4.76
CA ILE A 23 -12.79 3.62 3.74
C ILE A 23 -13.04 5.01 4.32
N MET A 24 -12.06 5.88 4.19
CA MET A 24 -12.18 7.25 4.70
C MET A 24 -12.25 8.25 3.56
N GLN A 25 -12.90 9.39 3.81
CA GLN A 25 -13.04 10.42 2.79
C GLN A 25 -11.67 10.88 2.30
N PHE A 26 -10.63 10.54 3.05
CA PHE A 26 -9.26 10.91 2.69
C PHE A 26 -8.52 9.74 2.07
N GLY A 27 -8.49 8.62 2.79
CA GLY A 27 -7.80 7.44 2.30
C GLY A 27 -8.43 6.16 2.80
N CYS A 28 -7.93 5.03 2.30
CA CYS A 28 -8.45 3.73 2.70
C CYS A 28 -7.40 2.92 3.45
N PHE A 29 -7.81 2.28 4.54
CA PHE A 29 -6.90 1.48 5.34
C PHE A 29 -6.77 0.06 4.78
N VAL A 30 -5.58 -0.26 4.30
CA VAL A 30 -5.32 -1.58 3.72
C VAL A 30 -4.45 -2.42 4.66
N GLN A 31 -5.02 -3.52 5.15
CA GLN A 31 -4.30 -4.41 6.05
C GLN A 31 -3.50 -5.46 5.27
N LEU A 32 -2.23 -5.61 5.62
CA LEU A 32 -1.36 -6.58 4.96
C LEU A 32 -1.75 -8.00 5.34
N GLU A 33 -1.61 -8.93 4.39
CA GLU A 33 -1.93 -10.32 4.63
C GLU A 33 -0.70 -11.20 4.50
N GLY A 34 -0.70 -12.33 5.19
CA GLY A 34 0.43 -13.24 5.14
C GLY A 34 1.41 -13.02 6.28
N LEU A 35 2.00 -11.83 6.33
CA LEU A 35 2.95 -11.49 7.38
C LEU A 35 2.45 -11.93 8.74
N ARG A 36 3.37 -12.27 9.64
CA ARG A 36 3.02 -12.71 10.98
C ARG A 36 2.53 -11.53 11.82
N LYS A 37 3.09 -10.36 11.58
CA LYS A 37 2.72 -9.16 12.31
C LYS A 37 1.63 -8.39 11.57
N ARG A 38 0.39 -8.54 12.02
CA ARG A 38 -0.74 -7.85 11.40
C ARG A 38 -0.49 -6.34 11.31
N TRP A 39 -0.22 -5.86 10.11
CA TRP A 39 0.04 -4.44 9.91
C TRP A 39 -1.17 -3.76 9.28
N GLU A 40 -1.18 -2.42 9.33
CA GLU A 40 -2.28 -1.65 8.77
C GLU A 40 -1.79 -0.29 8.27
N GLY A 41 -1.92 -0.08 6.96
CA GLY A 41 -1.48 1.18 6.37
C GLY A 41 -2.64 1.98 5.82
N LEU A 42 -2.36 3.22 5.41
CA LEU A 42 -3.38 4.10 4.86
C LEU A 42 -2.98 4.59 3.47
N VAL A 43 -3.95 4.60 2.56
CA VAL A 43 -3.69 5.05 1.20
C VAL A 43 -4.51 6.30 0.87
N HIS A 44 -3.87 7.46 0.96
CA HIS A 44 -4.53 8.73 0.68
C HIS A 44 -5.17 8.70 -0.71
N ILE A 45 -6.09 9.64 -0.95
CA ILE A 45 -6.77 9.72 -2.23
C ILE A 45 -5.78 10.00 -3.36
N SER A 46 -4.64 10.58 -3.01
CA SER A 46 -3.61 10.90 -3.99
C SER A 46 -2.78 9.66 -4.33
N GLU A 47 -3.05 8.57 -3.62
CA GLU A 47 -2.33 7.32 -3.84
C GLU A 47 -3.22 6.29 -4.51
N LEU A 48 -4.12 6.77 -5.35
CA LEU A 48 -5.05 5.89 -6.07
C LEU A 48 -4.92 6.08 -7.57
N ARG A 49 -5.09 7.32 -8.03
CA ARG A 49 -4.99 7.64 -9.45
C ARG A 49 -4.54 9.09 -9.65
N ARG A 50 -3.83 9.33 -10.74
CA ARG A 50 -3.35 10.67 -11.05
C ARG A 50 -4.45 11.71 -10.86
N GLU A 51 -4.05 12.98 -10.83
CA GLU A 51 -5.01 14.07 -10.65
C GLU A 51 -6.34 13.75 -11.31
N GLY A 52 -6.35 13.73 -12.64
CA GLY A 52 -7.56 13.43 -13.37
C GLY A 52 -8.80 13.96 -12.68
N ARG A 53 -9.59 13.06 -12.10
CA ARG A 53 -10.81 13.44 -11.41
C ARG A 53 -11.43 12.24 -10.70
N VAL A 54 -11.57 12.35 -9.38
CA VAL A 54 -12.15 11.29 -8.58
C VAL A 54 -12.94 11.84 -7.41
N ALA A 55 -14.17 11.35 -7.24
CA ALA A 55 -15.04 11.80 -6.15
C ALA A 55 -14.38 11.57 -4.80
N ASN A 56 -14.34 10.31 -4.37
CA ASN A 56 -13.74 9.96 -3.10
C ASN A 56 -13.37 8.48 -3.05
N VAL A 57 -12.81 8.04 -1.92
CA VAL A 57 -12.41 6.65 -1.77
C VAL A 57 -13.58 5.71 -1.97
N ALA A 58 -14.74 6.09 -1.44
CA ALA A 58 -15.95 5.28 -1.57
C ALA A 58 -16.15 4.83 -3.01
N ASP A 59 -16.11 5.77 -3.92
CA ASP A 59 -16.29 5.48 -5.35
C ASP A 59 -14.98 5.04 -5.98
N VAL A 60 -14.05 4.56 -5.15
CA VAL A 60 -12.75 4.11 -5.64
C VAL A 60 -12.48 2.67 -5.23
N VAL A 61 -12.55 2.42 -3.93
CA VAL A 61 -12.32 1.08 -3.40
C VAL A 61 -13.57 0.51 -2.73
N SER A 62 -13.48 -0.73 -2.28
CA SER A 62 -14.62 -1.38 -1.64
C SER A 62 -14.21 -1.93 -0.26
N LYS A 63 -15.18 -2.02 0.64
CA LYS A 63 -14.93 -2.52 1.99
C LYS A 63 -14.61 -4.02 1.95
N GLY A 64 -13.55 -4.41 2.63
CA GLY A 64 -13.16 -5.80 2.68
C GLY A 64 -12.80 -6.35 1.31
N GLN A 65 -12.20 -5.50 0.48
CA GLN A 65 -11.81 -5.90 -0.87
C GLN A 65 -10.30 -6.10 -0.96
N ARG A 66 -9.89 -7.26 -1.47
CA ARG A 66 -8.48 -7.58 -1.61
C ARG A 66 -7.80 -6.63 -2.60
N VAL A 67 -6.80 -5.91 -2.13
CA VAL A 67 -6.07 -4.96 -2.97
C VAL A 67 -4.56 -5.06 -2.73
N LYS A 68 -3.78 -4.81 -3.78
CA LYS A 68 -2.33 -4.87 -3.68
C LYS A 68 -1.75 -3.47 -3.51
N VAL A 69 -0.75 -3.36 -2.62
CA VAL A 69 -0.11 -2.08 -2.37
C VAL A 69 1.40 -2.24 -2.21
N LYS A 70 2.13 -1.14 -2.38
CA LYS A 70 3.58 -1.17 -2.26
C LYS A 70 4.03 -0.45 -0.99
N VAL A 71 4.92 -1.10 -0.23
CA VAL A 71 5.43 -0.51 1.01
C VAL A 71 6.30 0.71 0.72
N LEU A 72 5.75 1.89 0.98
CA LEU A 72 6.46 3.14 0.75
C LEU A 72 7.54 3.35 1.81
N SER A 73 7.14 3.30 3.07
CA SER A 73 8.08 3.48 4.17
C SER A 73 7.53 2.89 5.46
N PHE A 74 8.41 2.30 6.26
CA PHE A 74 8.00 1.68 7.52
C PHE A 74 8.55 2.47 8.71
N THR A 75 7.66 3.01 9.52
CA THR A 75 8.06 3.79 10.69
C THR A 75 7.18 3.46 11.89
N GLY A 76 7.75 2.76 12.86
CA GLY A 76 6.99 2.40 14.06
C GLY A 76 5.74 1.63 13.74
N THR A 77 4.68 1.89 14.48
CA THR A 77 3.41 1.20 14.28
C THR A 77 2.70 1.73 13.03
N LYS A 78 3.27 2.75 12.42
CA LYS A 78 2.70 3.35 11.21
C LYS A 78 3.35 2.76 9.96
N THR A 79 2.51 2.25 9.06
CA THR A 79 3.00 1.67 7.81
C THR A 79 2.36 2.34 6.60
N SER A 80 3.21 2.90 5.73
CA SER A 80 2.73 3.57 4.54
C SER A 80 2.47 2.58 3.40
N LEU A 81 1.46 2.86 2.60
CA LEU A 81 1.11 1.99 1.48
C LEU A 81 0.61 2.79 0.29
N SER A 82 1.04 2.40 -0.90
CA SER A 82 0.64 3.10 -2.13
C SER A 82 0.05 2.12 -3.14
N MET A 83 -0.95 2.57 -3.89
CA MET A 83 -1.60 1.74 -4.89
C MET A 83 -1.19 2.17 -6.29
N LYS A 84 -0.97 3.46 -6.48
CA LYS A 84 -0.57 4.00 -7.78
C LYS A 84 0.68 3.28 -8.29
N ASP A 85 1.49 2.78 -7.38
CA ASP A 85 2.72 2.07 -7.74
C ASP A 85 2.50 0.56 -7.72
N VAL A 86 1.24 0.15 -7.88
CA VAL A 86 0.90 -1.26 -7.88
C VAL A 86 -0.33 -1.53 -8.74
N ASP A 87 -0.31 -2.64 -9.47
CA ASP A 87 -1.43 -3.02 -10.33
C ASP A 87 -2.35 -4.00 -9.62
N GLN A 88 -3.65 -3.84 -9.85
CA GLN A 88 -4.65 -4.71 -9.24
C GLN A 88 -4.91 -5.94 -10.11
N GLU A 89 -3.89 -6.37 -10.84
CA GLU A 89 -4.01 -7.53 -11.71
C GLU A 89 -2.99 -8.61 -11.32
N THR A 90 -1.72 -8.25 -11.33
CA THR A 90 -0.65 -9.18 -10.98
C THR A 90 0.18 -8.66 -9.82
N GLY A 91 0.22 -7.34 -9.68
CA GLY A 91 0.99 -6.73 -8.60
C GLY A 91 2.37 -6.29 -9.05
N GLU A 92 2.48 -5.92 -10.32
CA GLU A 92 3.76 -5.47 -10.86
C GLU A 92 4.02 -3.99 -10.53
N ASP A 93 5.28 -3.63 -10.44
CA ASP A 93 5.66 -2.26 -10.13
C ASP A 93 5.32 -1.32 -11.30
N LEU A 94 4.27 -0.52 -11.12
CA LEU A 94 3.85 0.41 -12.15
C LEU A 94 4.71 1.67 -12.14
N ASN A 95 5.12 2.08 -10.95
CA ASN A 95 5.96 3.28 -10.79
C ASN A 95 7.33 2.91 -10.24
N PRO A 96 8.24 2.50 -11.14
CA PRO A 96 9.61 2.11 -10.77
C PRO A 96 10.44 3.32 -10.32
N ASN A 97 10.32 4.41 -11.05
CA ASN A 97 11.08 5.63 -10.74
C ASN A 97 10.12 6.79 -10.45
N ARG A 98 10.00 7.14 -9.17
CA ARG A 98 9.13 8.23 -8.77
C ARG A 98 9.92 9.52 -8.56
N ARG A 99 9.22 10.61 -8.31
CA ARG A 99 9.85 11.91 -8.11
C ARG A 99 9.08 12.75 -7.10
N ARG A 100 9.78 13.30 -6.12
CA ARG A 100 9.16 14.12 -5.10
C ARG A 100 9.80 15.50 -5.04
N ASN A 101 8.99 16.51 -4.72
CA ASN A 101 9.49 17.88 -4.63
C ASN A 101 8.53 18.75 -3.82
N LEU A 102 9.04 19.84 -3.27
CA LEU A 102 8.24 20.76 -2.48
C LEU A 102 7.95 22.04 -3.25
N VAL A 103 9.00 22.66 -3.79
CA VAL A 103 8.86 23.89 -4.55
C VAL A 103 9.13 23.65 -6.03
#